data_8WM1
#
_entry.id   8WM1
#
_cell.length_a   143.560
_cell.length_b   97.670
_cell.length_c   132.820
_cell.angle_alpha   90.00
_cell.angle_beta   90.00
_cell.angle_gamma   90.00
#
_symmetry.space_group_name_H-M   'P 21 21 2'
#
loop_
_entity.id
_entity.type
_entity.pdbx_description
1 polymer '3-dehydroshikimate dehydratase (DHS dehydratase)'
2 non-polymer 'CALCIUM ION'
3 water water
#
_entity_poly.entity_id   1
_entity_poly.type   'polypeptide(L)'
_entity_poly.pdbx_seq_one_letter_code
;MNILRLTTLALGLMVSGIAAAQTYVVDRYQDDSNKGSLRWAIEQANANPGEASDILIQAVGKAPYAIKLNSALPEIKAPV
KIIGTQWDKTGEYIAIDGSNYIKGEGAKACPGANPEQYGTNVRTMTLPGLVLRDVNNVTLKGLDIHRFCIGVLINRSSNN
LIQHNRISNNYGGAGVMLTGDDGQGNPTATTTNNNKVLDNIFQDNGDGLELTRGAAFNLIANNHFVSTKANPEPSQGIEI
LWGNDNAVVGNKFENYSDGLQINWGKRNYIAYNEMTNNSIGFNMTGDGNILDSNKVHGNRIGVAIRSEKDANAKITLTKN
LIWDNGKDIKRCEAGGSCVPDQRLGAIVFAVPALEHAGFVGSRGGGVIVDPSKQQKTCTQPNEQGCNAQPNQGIKAPKLT
ANKGLVAVEVNGLPNQRYQVEFFSNQNAASKEAEQYLGAITVATDAQGIAKANWKPSVKVASITANITDRFGATSELSSA
LQTK
;
_entity_poly.pdbx_strand_id   A,B,C,D
#
loop_
_chem_comp.id
_chem_comp.type
_chem_comp.name
_chem_comp.formula
CA non-polymer 'CALCIUM ION' 'Ca 2'
#
# COMPACT_ATOMS: atom_id res chain seq x y z
N ALA A 21 -56.85 5.15 -30.08
CA ALA A 21 -55.42 4.72 -30.22
C ALA A 21 -54.45 5.46 -29.26
N GLN A 22 -54.54 6.80 -29.18
CA GLN A 22 -53.58 7.63 -28.43
C GLN A 22 -54.17 8.37 -27.21
N THR A 23 -55.38 8.91 -27.32
CA THR A 23 -56.05 9.53 -26.18
C THR A 23 -57.35 8.80 -25.86
N TYR A 24 -57.56 8.39 -24.61
CA TYR A 24 -58.77 7.67 -24.25
C TYR A 24 -59.45 8.35 -23.08
N VAL A 25 -60.63 8.93 -23.32
CA VAL A 25 -61.39 9.57 -22.28
C VAL A 25 -62.14 8.53 -21.44
N VAL A 26 -62.05 8.66 -20.13
CA VAL A 26 -62.79 7.84 -19.19
C VAL A 26 -63.87 8.72 -18.56
N ASP A 27 -65.12 8.58 -19.02
CA ASP A 27 -66.25 9.41 -18.55
C ASP A 27 -67.29 8.60 -17.76
N ARG A 28 -66.91 7.41 -17.29
CA ARG A 28 -67.81 6.54 -16.52
C ARG A 28 -67.03 5.81 -15.43
N TYR A 29 -67.59 5.83 -14.23
CA TYR A 29 -66.93 5.20 -13.11
C TYR A 29 -67.43 3.79 -12.85
N GLN A 30 -68.11 3.19 -13.82
CA GLN A 30 -68.44 1.77 -13.70
C GLN A 30 -67.21 0.94 -14.03
N ASP A 31 -67.19 -0.27 -13.48
CA ASP A 31 -66.12 -1.20 -13.77
C ASP A 31 -66.59 -2.31 -14.72
N ASP A 32 -66.46 -2.05 -16.01
CA ASP A 32 -66.78 -3.01 -17.06
C ASP A 32 -65.94 -2.71 -18.28
N SER A 33 -66.02 -3.55 -19.30
CA SER A 33 -65.16 -3.41 -20.49
C SER A 33 -65.82 -2.60 -21.62
N ASN A 34 -66.91 -1.91 -21.33
CA ASN A 34 -67.56 -1.03 -22.31
C ASN A 34 -66.94 0.35 -22.39
N LYS A 35 -67.04 0.95 -23.58
CA LYS A 35 -66.48 2.28 -23.82
C LYS A 35 -66.75 3.27 -22.68
N GLY A 36 -65.72 4.01 -22.30
CA GLY A 36 -65.81 5.02 -21.26
C GLY A 36 -65.22 4.66 -19.90
N SER A 37 -65.07 3.37 -19.61
CA SER A 37 -64.59 2.93 -18.29
C SER A 37 -63.07 2.95 -18.26
N LEU A 38 -62.51 2.91 -17.06
CA LEU A 38 -61.06 2.87 -16.90
C LEU A 38 -60.53 1.55 -17.45
N ARG A 39 -61.16 0.44 -17.06
CA ARG A 39 -60.87 -0.87 -17.62
C ARG A 39 -60.82 -0.87 -19.15
N TRP A 40 -61.86 -0.36 -19.79
CA TRP A 40 -61.89 -0.26 -21.25
C TRP A 40 -60.65 0.47 -21.79
N ALA A 41 -60.37 1.64 -21.24
CA ALA A 41 -59.23 2.46 -21.70
C ALA A 41 -57.92 1.69 -21.64
N ILE A 42 -57.74 0.93 -20.56
CA ILE A 42 -56.50 0.17 -20.36
C ILE A 42 -56.41 -1.00 -21.35
N GLU A 43 -57.52 -1.72 -21.53
CA GLU A 43 -57.60 -2.76 -22.57
C GLU A 43 -57.30 -2.20 -23.96
N GLN A 44 -57.80 -1.02 -24.26
CA GLN A 44 -57.50 -0.36 -25.55
C GLN A 44 -56.02 -0.02 -25.72
N ALA A 45 -55.43 0.58 -24.69
CA ALA A 45 -54.02 0.97 -24.74
C ALA A 45 -53.12 -0.26 -24.85
N ASN A 46 -53.53 -1.34 -24.17
CA ASN A 46 -52.79 -2.60 -24.17
C ASN A 46 -52.72 -3.29 -25.52
N ALA A 47 -53.73 -3.07 -26.36
CA ALA A 47 -53.72 -3.58 -27.72
C ALA A 47 -52.85 -2.75 -28.68
N ASN A 48 -52.31 -1.62 -28.22
CA ASN A 48 -51.30 -0.85 -28.96
C ASN A 48 -50.00 -0.67 -28.14
N PRO A 49 -49.33 -1.78 -27.77
CA PRO A 49 -48.15 -1.70 -26.91
C PRO A 49 -47.05 -0.74 -27.39
N GLY A 50 -46.99 -0.47 -28.69
CA GLY A 50 -46.04 0.49 -29.23
C GLY A 50 -46.46 1.93 -28.97
N GLU A 51 -47.76 2.18 -28.97
CA GLU A 51 -48.27 3.55 -28.82
C GLU A 51 -48.26 4.04 -27.38
N ALA A 52 -47.70 5.24 -27.20
CA ALA A 52 -47.85 6.01 -25.99
C ALA A 52 -49.22 6.65 -26.00
N SER A 53 -50.03 6.27 -25.03
CA SER A 53 -51.42 6.69 -24.98
C SER A 53 -51.66 7.47 -23.68
N ASP A 54 -52.50 8.49 -23.74
CA ASP A 54 -52.99 9.15 -22.53
C ASP A 54 -54.39 8.65 -22.14
N ILE A 55 -54.52 8.08 -20.94
CA ILE A 55 -55.85 7.76 -20.39
C ILE A 55 -56.31 8.87 -19.45
N LEU A 56 -57.31 9.63 -19.90
CA LEU A 56 -57.76 10.82 -19.15
C LEU A 56 -59.05 10.54 -18.40
N ILE A 57 -58.96 10.46 -17.08
CA ILE A 57 -60.11 10.19 -16.24
C ILE A 57 -60.79 11.50 -15.87
N GLN A 58 -62.06 11.64 -16.22
CA GLN A 58 -62.84 12.85 -15.98
C GLN A 58 -63.43 12.80 -14.61
N ALA A 59 -63.87 13.96 -14.15
CA ALA A 59 -64.76 14.03 -12.99
C ALA A 59 -66.15 13.61 -13.44
N VAL A 60 -66.78 12.74 -12.66
CA VAL A 60 -68.11 12.25 -12.95
C VAL A 60 -68.91 12.30 -11.66
N GLY A 61 -70.08 12.92 -11.73
CA GLY A 61 -70.91 13.09 -10.55
C GLY A 61 -70.27 14.11 -9.63
N LYS A 62 -70.38 13.87 -8.34
CA LYS A 62 -69.95 14.85 -7.32
C LYS A 62 -68.83 14.28 -6.47
N ALA A 63 -68.04 15.17 -5.87
CA ALA A 63 -66.98 14.75 -4.97
C ALA A 63 -67.63 14.06 -3.78
N PRO A 64 -66.98 13.05 -3.19
CA PRO A 64 -65.68 12.54 -3.66
C PRO A 64 -65.80 11.68 -4.93
N TYR A 65 -64.72 11.56 -5.68
CA TYR A 65 -64.71 10.83 -6.94
C TYR A 65 -63.97 9.51 -6.80
N ALA A 66 -64.61 8.42 -7.19
CA ALA A 66 -64.04 7.08 -7.03
C ALA A 66 -64.54 6.11 -8.08
N ILE A 67 -63.61 5.34 -8.65
CA ILE A 67 -63.93 4.21 -9.50
C ILE A 67 -63.80 2.99 -8.61
N LYS A 68 -64.93 2.43 -8.18
CA LYS A 68 -64.91 1.27 -7.28
C LYS A 68 -64.86 0.00 -8.10
N LEU A 69 -63.68 -0.62 -8.15
CA LEU A 69 -63.49 -1.79 -8.99
C LEU A 69 -64.19 -3.00 -8.38
N ASN A 70 -64.63 -3.91 -9.26
CA ASN A 70 -65.20 -5.20 -8.87
C ASN A 70 -64.25 -6.39 -9.10
N SER A 71 -63.20 -6.19 -9.89
CA SER A 71 -62.12 -7.16 -10.00
C SER A 71 -60.81 -6.43 -10.29
N ALA A 72 -59.68 -7.13 -10.14
CA ALA A 72 -58.38 -6.56 -10.51
C ALA A 72 -58.41 -5.97 -11.92
N LEU A 73 -57.82 -4.79 -12.09
CA LEU A 73 -57.63 -4.22 -13.41
C LEU A 73 -56.66 -5.10 -14.16
N PRO A 74 -56.71 -5.06 -15.49
CA PRO A 74 -55.68 -5.79 -16.17
C PRO A 74 -54.34 -5.11 -15.96
N GLU A 75 -53.28 -5.91 -15.99
CA GLU A 75 -51.93 -5.38 -15.83
C GLU A 75 -51.63 -4.36 -16.94
N ILE A 76 -50.88 -3.32 -16.61
CA ILE A 76 -50.56 -2.32 -17.61
C ILE A 76 -49.41 -2.79 -18.47
N LYS A 77 -49.63 -2.74 -19.79
CA LYS A 77 -48.69 -3.28 -20.78
C LYS A 77 -48.39 -2.32 -21.93
N ALA A 78 -48.57 -1.03 -21.72
CA ALA A 78 -48.20 -0.03 -22.71
C ALA A 78 -47.72 1.22 -22.00
N PRO A 79 -46.87 2.01 -22.67
CA PRO A 79 -46.35 3.22 -22.04
C PRO A 79 -47.41 4.32 -21.95
N VAL A 80 -48.34 4.15 -21.02
CA VAL A 80 -49.48 5.05 -20.89
C VAL A 80 -49.27 6.11 -19.81
N LYS A 81 -50.04 7.17 -19.91
CA LYS A 81 -50.24 8.11 -18.83
C LYS A 81 -51.67 7.98 -18.34
N ILE A 82 -51.84 7.57 -17.09
CA ILE A 82 -53.17 7.55 -16.49
C ILE A 82 -53.32 8.82 -15.65
N ILE A 83 -54.09 9.77 -16.15
CA ILE A 83 -54.23 11.09 -15.52
C ILE A 83 -55.62 11.25 -14.90
N GLY A 84 -55.66 11.49 -13.59
CA GLY A 84 -56.89 11.99 -12.95
C GLY A 84 -56.98 13.47 -13.23
N THR A 85 -57.85 13.86 -14.16
CA THR A 85 -57.86 15.22 -14.71
C THR A 85 -58.48 16.24 -13.77
N GLN A 86 -59.11 15.80 -12.70
CA GLN A 86 -59.74 16.72 -11.77
C GLN A 86 -58.68 17.48 -10.98
N TRP A 87 -57.57 16.81 -10.66
CA TRP A 87 -56.42 17.47 -10.00
C TRP A 87 -55.99 18.75 -10.74
N ASP A 88 -55.98 18.72 -12.07
CA ASP A 88 -55.65 19.89 -12.87
C ASP A 88 -56.61 21.07 -12.62
N LYS A 89 -57.84 20.79 -12.18
CA LYS A 89 -58.87 21.83 -12.00
C LYS A 89 -59.07 22.32 -10.56
N THR A 90 -59.07 21.40 -9.59
CA THR A 90 -59.27 21.75 -8.18
C THR A 90 -58.30 21.12 -7.17
N GLY A 91 -57.37 20.30 -7.65
CA GLY A 91 -56.44 19.60 -6.77
C GLY A 91 -57.01 18.35 -6.12
N GLU A 92 -58.24 17.98 -6.49
CA GLU A 92 -58.88 16.78 -5.96
C GLU A 92 -58.45 15.54 -6.72
N TYR A 93 -58.33 14.42 -6.00
CA TYR A 93 -57.91 13.16 -6.60
C TYR A 93 -59.14 12.43 -7.12
N ILE A 94 -58.93 11.53 -8.09
CA ILE A 94 -59.95 10.59 -8.49
C ILE A 94 -59.45 9.23 -8.02
N ALA A 95 -60.23 8.61 -7.15
CA ALA A 95 -59.79 7.39 -6.48
C ALA A 95 -59.95 6.20 -7.42
N ILE A 96 -59.08 5.21 -7.23
CA ILE A 96 -59.26 3.88 -7.80
C ILE A 96 -59.27 2.97 -6.59
N ASP A 97 -60.43 2.36 -6.35
CA ASP A 97 -60.79 1.80 -5.03
C ASP A 97 -61.05 0.31 -5.19
N GLY A 98 -60.28 -0.52 -4.49
CA GLY A 98 -60.44 -1.96 -4.54
C GLY A 98 -61.25 -2.56 -3.42
N SER A 99 -61.94 -1.74 -2.62
CA SER A 99 -62.61 -2.23 -1.41
C SER A 99 -63.81 -3.13 -1.73
N ASN A 100 -64.39 -3.01 -2.93
CA ASN A 100 -65.44 -3.94 -3.33
C ASN A 100 -64.95 -5.38 -3.46
N TYR A 101 -63.77 -5.59 -4.06
CA TYR A 101 -63.25 -6.96 -4.27
C TYR A 101 -62.16 -7.43 -3.31
N ILE A 102 -61.60 -6.53 -2.52
CA ILE A 102 -60.58 -6.87 -1.52
C ILE A 102 -61.23 -6.81 -0.15
N LYS A 103 -61.91 -7.89 0.21
CA LYS A 103 -62.58 -7.98 1.52
C LYS A 103 -61.62 -8.59 2.52
N GLY A 104 -61.91 -8.32 3.79
CA GLY A 104 -61.06 -8.77 4.88
C GLY A 104 -60.93 -7.61 5.82
N GLU A 105 -60.40 -7.85 7.03
CA GLU A 105 -60.32 -6.80 8.01
C GLU A 105 -58.89 -6.55 8.42
N GLY A 106 -58.40 -5.35 8.07
CA GLY A 106 -57.01 -4.99 8.26
C GLY A 106 -56.09 -5.79 7.35
N ALA A 107 -54.93 -6.14 7.89
CA ALA A 107 -53.93 -6.89 7.18
C ALA A 107 -54.39 -8.31 6.79
N LYS A 108 -55.41 -8.82 7.48
CA LYS A 108 -55.97 -10.15 7.18
C LYS A 108 -56.62 -10.18 5.78
N ALA A 109 -56.93 -9.01 5.25
CA ALA A 109 -57.39 -8.87 3.87
C ALA A 109 -56.37 -9.25 2.78
N CYS A 110 -55.10 -9.44 3.15
CA CYS A 110 -54.03 -9.53 2.18
C CYS A 110 -53.07 -10.72 2.39
N PRO A 111 -53.49 -11.92 1.95
CA PRO A 111 -52.60 -13.08 2.02
C PRO A 111 -51.30 -12.80 1.32
N GLY A 112 -50.23 -13.44 1.79
CA GLY A 112 -48.93 -13.37 1.13
C GLY A 112 -48.72 -14.49 0.13
N ALA A 113 -47.50 -14.60 -0.39
CA ALA A 113 -47.11 -15.71 -1.27
C ALA A 113 -47.38 -17.06 -0.58
N ASN A 114 -47.03 -17.18 0.70
CA ASN A 114 -47.60 -18.22 1.55
C ASN A 114 -48.96 -17.75 2.06
N PRO A 115 -50.05 -18.48 1.74
CA PRO A 115 -51.39 -17.98 2.11
C PRO A 115 -51.74 -17.95 3.60
N GLU A 116 -50.96 -18.62 4.45
CA GLU A 116 -51.15 -18.54 5.91
C GLU A 116 -50.46 -17.31 6.50
N GLN A 117 -49.50 -16.76 5.77
CA GLN A 117 -48.95 -15.43 6.07
C GLN A 117 -49.85 -14.34 5.49
N TYR A 118 -49.94 -13.21 6.17
CA TYR A 118 -50.78 -12.11 5.66
C TYR A 118 -50.10 -10.76 5.94
N GLY A 119 -50.62 -9.71 5.30
CA GLY A 119 -50.21 -8.33 5.59
C GLY A 119 -49.04 -7.77 4.80
N THR A 120 -48.30 -6.87 5.45
CA THR A 120 -47.25 -6.09 4.80
C THR A 120 -45.82 -6.55 5.07
N ASN A 121 -45.59 -7.28 6.16
CA ASN A 121 -44.24 -7.69 6.53
C ASN A 121 -43.95 -9.16 6.22
N VAL A 122 -44.28 -9.55 4.99
CA VAL A 122 -44.11 -10.91 4.49
C VAL A 122 -43.88 -10.81 2.99
N ARG A 123 -43.20 -11.78 2.40
CA ARG A 123 -43.07 -11.86 0.95
C ARG A 123 -44.49 -11.88 0.35
N THR A 124 -44.78 -10.97 -0.58
CA THR A 124 -46.12 -10.86 -1.16
C THR A 124 -46.06 -10.01 -2.41
N MET A 125 -46.79 -10.41 -3.44
CA MET A 125 -47.03 -9.54 -4.60
C MET A 125 -48.53 -9.58 -4.90
N THR A 126 -49.32 -9.82 -3.87
CA THR A 126 -50.74 -10.13 -4.03
C THR A 126 -51.62 -8.88 -4.08
N LEU A 127 -52.63 -8.96 -4.94
CA LEU A 127 -53.73 -8.02 -4.98
C LEU A 127 -53.30 -6.57 -5.12
N PRO A 128 -52.61 -6.25 -6.23
CA PRO A 128 -52.24 -4.88 -6.55
C PRO A 128 -53.39 -4.15 -7.24
N GLY A 129 -53.41 -2.82 -7.12
CA GLY A 129 -54.36 -1.99 -7.85
C GLY A 129 -53.94 -1.71 -9.28
N LEU A 130 -52.69 -1.35 -9.47
CA LEU A 130 -52.13 -1.21 -10.81
C LEU A 130 -50.81 -1.99 -10.87
N VAL A 131 -50.69 -2.82 -11.89
CA VAL A 131 -49.47 -3.58 -12.07
C VAL A 131 -48.70 -3.02 -13.25
N LEU A 132 -47.49 -2.54 -12.96
CA LEU A 132 -46.52 -2.09 -13.96
C LEU A 132 -45.44 -3.16 -14.03
N ARG A 133 -45.60 -4.11 -14.93
CA ARG A 133 -44.65 -5.24 -15.02
C ARG A 133 -44.25 -5.52 -16.46
N ASP A 134 -42.94 -5.68 -16.68
CA ASP A 134 -42.36 -5.86 -18.03
C ASP A 134 -42.83 -4.76 -18.97
N VAL A 135 -42.81 -3.53 -18.49
CA VAL A 135 -43.24 -2.37 -19.28
C VAL A 135 -42.55 -1.14 -18.73
N ASN A 136 -42.36 -0.11 -19.57
CA ASN A 136 -41.66 1.09 -19.15
C ASN A 136 -42.38 2.37 -19.54
N ASN A 137 -41.94 3.47 -18.95
CA ASN A 137 -42.42 4.84 -19.28
C ASN A 137 -43.87 5.10 -18.96
N VAL A 138 -44.35 4.53 -17.85
CA VAL A 138 -45.72 4.78 -17.39
C VAL A 138 -45.74 5.98 -16.45
N THR A 139 -46.72 6.87 -16.67
CA THR A 139 -46.98 7.99 -15.78
C THR A 139 -48.33 7.80 -15.10
N LEU A 140 -48.35 8.01 -13.79
CA LEU A 140 -49.58 8.06 -13.01
C LEU A 140 -49.63 9.42 -12.35
N LYS A 141 -50.72 10.14 -12.56
CA LYS A 141 -50.89 11.47 -12.02
C LYS A 141 -52.35 11.68 -11.60
N GLY A 142 -52.58 12.35 -10.48
CA GLY A 142 -53.93 12.80 -10.09
C GLY A 142 -54.86 11.74 -9.50
N LEU A 143 -54.31 10.60 -9.09
CA LEU A 143 -55.11 9.48 -8.61
C LEU A 143 -54.97 9.27 -7.10
N ASP A 144 -55.98 8.63 -6.50
CA ASP A 144 -55.87 8.07 -5.16
C ASP A 144 -55.96 6.54 -5.26
N ILE A 145 -54.84 5.86 -5.08
CA ILE A 145 -54.82 4.41 -5.15
C ILE A 145 -55.20 3.86 -3.78
N HIS A 146 -56.48 3.53 -3.63
CA HIS A 146 -57.14 3.35 -2.32
C HIS A 146 -57.57 1.91 -2.10
N ARG A 147 -57.29 1.41 -0.89
CA ARG A 147 -57.73 0.09 -0.41
C ARG A 147 -57.53 -1.09 -1.33
N PHE A 148 -56.29 -1.27 -1.76
CA PHE A 148 -55.80 -2.52 -2.31
C PHE A 148 -54.85 -3.11 -1.27
N CYS A 149 -54.06 -4.10 -1.66
CA CYS A 149 -53.04 -4.68 -0.80
C CYS A 149 -51.69 -4.04 -1.12
N ILE A 150 -51.34 -4.08 -2.40
CA ILE A 150 -50.29 -3.24 -2.93
C ILE A 150 -51.00 -2.18 -3.76
N GLY A 151 -50.66 -0.91 -3.56
CA GLY A 151 -51.26 0.16 -4.33
C GLY A 151 -50.80 0.09 -5.78
N VAL A 152 -49.51 0.32 -6.00
CA VAL A 152 -48.91 0.20 -7.32
C VAL A 152 -47.71 -0.74 -7.24
N LEU A 153 -47.77 -1.81 -8.03
CA LEU A 153 -46.69 -2.78 -8.10
C LEU A 153 -45.85 -2.46 -9.33
N ILE A 154 -44.58 -2.11 -9.10
CA ILE A 154 -43.64 -1.86 -10.17
C ILE A 154 -42.63 -2.98 -10.07
N ASN A 155 -42.62 -3.84 -11.09
CA ASN A 155 -41.84 -5.08 -11.04
C ASN A 155 -41.26 -5.38 -12.42
N ARG A 156 -39.93 -5.34 -12.53
CA ARG A 156 -39.21 -5.38 -13.81
C ARG A 156 -39.76 -4.31 -14.77
N SER A 157 -39.73 -3.06 -14.30
CA SER A 157 -40.39 -1.93 -14.97
C SER A 157 -39.62 -0.65 -14.62
N SER A 158 -39.34 0.19 -15.61
CA SER A 158 -38.37 1.26 -15.47
C SER A 158 -38.87 2.56 -16.10
N ASN A 159 -38.19 3.66 -15.80
CA ASN A 159 -38.50 4.99 -16.37
C ASN A 159 -39.95 5.43 -16.18
N ASN A 160 -40.55 5.03 -15.07
CA ASN A 160 -41.89 5.45 -14.74
C ASN A 160 -41.87 6.69 -13.89
N LEU A 161 -43.03 7.33 -13.81
CA LEU A 161 -43.20 8.60 -13.11
C LEU A 161 -44.50 8.52 -12.31
N ILE A 162 -44.39 8.68 -11.01
CA ILE A 162 -45.55 8.69 -10.15
C ILE A 162 -45.56 9.99 -9.38
N GLN A 163 -46.38 10.95 -9.81
CA GLN A 163 -46.50 12.18 -9.05
C GLN A 163 -47.88 12.78 -8.96
N HIS A 164 -48.02 13.63 -7.94
CA HIS A 164 -49.27 14.29 -7.60
C HIS A 164 -50.41 13.28 -7.37
N ASN A 165 -50.07 12.14 -6.75
CA ASN A 165 -51.09 11.17 -6.39
C ASN A 165 -51.24 11.05 -4.89
N ARG A 166 -52.34 10.44 -4.48
CA ARG A 166 -52.49 9.95 -3.12
C ARG A 166 -52.40 8.43 -3.20
N ILE A 167 -51.76 7.84 -2.21
CA ILE A 167 -51.62 6.39 -2.10
C ILE A 167 -52.09 6.03 -0.71
N SER A 168 -53.29 5.46 -0.61
CA SER A 168 -53.94 5.33 0.70
C SER A 168 -54.47 3.95 1.04
N ASN A 169 -54.30 3.59 2.30
CA ASN A 169 -55.00 2.45 2.91
C ASN A 169 -54.73 1.11 2.22
N ASN A 170 -53.49 0.92 1.81
CA ASN A 170 -53.04 -0.34 1.24
C ASN A 170 -52.33 -1.13 2.32
N TYR A 171 -52.95 -2.24 2.73
CA TYR A 171 -52.53 -2.95 3.94
C TYR A 171 -51.71 -4.22 3.73
N GLY A 172 -51.38 -4.49 2.47
CA GLY A 172 -50.53 -5.61 2.09
C GLY A 172 -49.10 -5.15 1.80
N GLY A 173 -48.52 -5.70 0.74
CA GLY A 173 -47.11 -5.47 0.41
C GLY A 173 -46.55 -4.08 0.73
N ALA A 174 -47.13 -3.06 0.10
CA ALA A 174 -46.73 -1.66 0.27
C ALA A 174 -47.63 -0.75 -0.58
N GLY A 175 -47.70 0.52 -0.22
CA GLY A 175 -48.43 1.49 -1.06
C GLY A 175 -47.87 1.50 -2.48
N VAL A 176 -46.55 1.62 -2.59
CA VAL A 176 -45.87 1.48 -3.86
C VAL A 176 -44.72 0.52 -3.66
N MET A 177 -44.68 -0.54 -4.45
CA MET A 177 -43.61 -1.52 -4.34
C MET A 177 -42.84 -1.59 -5.63
N LEU A 178 -41.60 -1.12 -5.58
CA LEU A 178 -40.68 -1.27 -6.69
C LEU A 178 -39.80 -2.48 -6.37
N THR A 179 -39.99 -3.57 -7.11
CA THR A 179 -39.19 -4.78 -6.88
C THR A 179 -38.66 -5.39 -8.16
N GLY A 180 -37.38 -5.75 -8.16
CA GLY A 180 -36.75 -6.44 -9.28
C GLY A 180 -36.93 -7.95 -9.28
N ASP A 181 -37.83 -8.43 -8.40
CA ASP A 181 -38.16 -9.84 -8.29
C ASP A 181 -38.31 -10.47 -9.67
N ASP A 182 -37.56 -11.55 -9.91
CA ASP A 182 -37.59 -12.23 -11.19
C ASP A 182 -38.79 -13.16 -11.34
N GLY A 183 -39.61 -13.27 -10.29
CA GLY A 183 -40.72 -14.23 -10.22
C GLY A 183 -40.45 -15.27 -9.15
N GLN A 184 -39.23 -15.81 -9.16
CA GLN A 184 -38.81 -16.86 -8.23
C GLN A 184 -38.42 -16.28 -6.86
N GLY A 185 -38.18 -14.96 -6.80
CA GLY A 185 -37.75 -14.30 -5.56
C GLY A 185 -36.30 -13.81 -5.57
N ASN A 186 -35.61 -13.94 -6.71
CA ASN A 186 -34.25 -13.47 -6.87
C ASN A 186 -34.22 -12.02 -7.37
N PRO A 187 -33.21 -11.25 -6.95
CA PRO A 187 -33.14 -9.87 -7.42
C PRO A 187 -32.68 -9.76 -8.86
N THR A 188 -33.05 -8.67 -9.51
CA THR A 188 -32.44 -8.28 -10.79
C THR A 188 -31.97 -6.83 -10.67
N ALA A 189 -30.81 -6.53 -11.25
CA ALA A 189 -30.16 -5.23 -11.09
C ALA A 189 -30.47 -4.21 -12.20
N THR A 190 -31.02 -4.65 -13.31
CA THR A 190 -31.19 -3.76 -14.48
C THR A 190 -32.61 -3.67 -15.00
N THR A 191 -33.61 -3.97 -14.17
CA THR A 191 -34.99 -4.10 -14.66
C THR A 191 -35.97 -3.09 -14.08
N THR A 192 -35.68 -2.61 -12.89
CA THR A 192 -36.64 -1.84 -12.11
C THR A 192 -35.97 -0.55 -11.65
N ASN A 193 -35.53 0.22 -12.65
CA ASN A 193 -34.64 1.33 -12.40
C ASN A 193 -35.15 2.63 -12.98
N ASN A 194 -34.50 3.71 -12.58
CA ASN A 194 -34.73 5.05 -13.12
C ASN A 194 -36.17 5.53 -12.98
N ASN A 195 -36.88 5.02 -11.98
CA ASN A 195 -38.24 5.47 -11.72
C ASN A 195 -38.20 6.69 -10.84
N LYS A 196 -39.23 7.51 -10.92
CA LYS A 196 -39.35 8.68 -10.08
C LYS A 196 -40.68 8.59 -9.32
N VAL A 197 -40.62 8.95 -8.04
CA VAL A 197 -41.79 9.03 -7.20
C VAL A 197 -41.71 10.38 -6.49
N LEU A 198 -42.59 11.31 -6.90
CA LEU A 198 -42.49 12.72 -6.51
C LEU A 198 -43.83 13.30 -6.04
N ASP A 199 -43.81 14.22 -5.07
CA ASP A 199 -45.02 14.93 -4.62
CA ASP A 199 -45.01 14.95 -4.62
C ASP A 199 -46.27 14.06 -4.46
N ASN A 200 -46.15 12.96 -3.74
CA ASN A 200 -47.33 12.14 -3.40
C ASN A 200 -47.58 12.12 -1.89
N ILE A 201 -48.85 11.94 -1.49
CA ILE A 201 -49.18 11.67 -0.09
C ILE A 201 -49.39 10.18 0.06
N PHE A 202 -48.53 9.53 0.84
CA PHE A 202 -48.71 8.14 1.20
C PHE A 202 -49.33 8.10 2.60
N GLN A 203 -50.59 7.70 2.70
CA GLN A 203 -51.24 7.67 3.99
C GLN A 203 -51.79 6.31 4.42
N ASP A 204 -51.52 5.94 5.66
CA ASP A 204 -52.02 4.70 6.25
C ASP A 204 -51.80 3.49 5.34
N ASN A 205 -50.58 3.34 4.85
CA ASN A 205 -50.18 2.11 4.19
C ASN A 205 -49.30 1.36 5.16
N GLY A 206 -49.40 0.05 5.17
CA GLY A 206 -48.60 -0.75 6.10
C GLY A 206 -47.13 -0.40 5.96
N ASP A 207 -46.61 -0.60 4.75
CA ASP A 207 -45.30 -0.13 4.36
C ASP A 207 -45.63 0.95 3.34
N GLY A 208 -45.17 2.17 3.56
CA GLY A 208 -45.40 3.25 2.59
C GLY A 208 -44.87 2.92 1.19
N LEU A 209 -43.57 2.67 1.08
CA LEU A 209 -42.94 2.37 -0.21
C LEU A 209 -41.76 1.42 -0.05
N GLU A 210 -41.64 0.48 -0.96
CA GLU A 210 -40.57 -0.51 -0.92
C GLU A 210 -39.67 -0.35 -2.14
N LEU A 211 -38.37 -0.43 -1.89
CA LEU A 211 -37.35 -0.58 -2.92
C LEU A 211 -36.65 -1.90 -2.63
N THR A 212 -36.94 -2.92 -3.45
CA THR A 212 -36.50 -4.27 -3.08
C THR A 212 -36.02 -5.15 -4.24
N ARG A 213 -35.22 -6.14 -3.88
CA ARG A 213 -34.75 -7.18 -4.80
C ARG A 213 -34.17 -6.62 -6.09
N GLY A 214 -33.22 -5.69 -5.92
CA GLY A 214 -32.39 -5.21 -7.01
C GLY A 214 -32.79 -3.89 -7.63
N ALA A 215 -33.99 -3.42 -7.31
CA ALA A 215 -34.48 -2.14 -7.83
C ALA A 215 -33.46 -1.05 -7.51
N ALA A 216 -33.07 -0.30 -8.53
CA ALA A 216 -31.95 0.60 -8.39
C ALA A 216 -32.09 1.92 -9.15
N PHE A 217 -31.21 2.86 -8.81
CA PHE A 217 -31.17 4.21 -9.40
C PHE A 217 -32.56 4.83 -9.56
N ASN A 218 -33.38 4.66 -8.53
CA ASN A 218 -34.65 5.32 -8.46
C ASN A 218 -34.57 6.57 -7.61
N LEU A 219 -35.44 7.53 -7.90
CA LEU A 219 -35.53 8.76 -7.14
C LEU A 219 -36.87 8.82 -6.40
N ILE A 220 -36.80 8.85 -5.08
CA ILE A 220 -37.99 8.97 -4.27
C ILE A 220 -37.84 10.29 -3.55
N ALA A 221 -38.65 11.28 -3.90
CA ALA A 221 -38.44 12.61 -3.35
C ALA A 221 -39.72 13.40 -3.13
N ASN A 222 -39.67 14.27 -2.12
CA ASN A 222 -40.75 15.20 -1.82
C ASN A 222 -42.11 14.54 -1.64
N ASN A 223 -42.12 13.38 -0.96
CA ASN A 223 -43.36 12.72 -0.59
C ASN A 223 -43.59 12.84 0.90
N HIS A 224 -44.85 12.76 1.29
CA HIS A 224 -45.23 12.73 2.68
C HIS A 224 -45.65 11.28 3.02
N PHE A 225 -44.89 10.65 3.91
CA PHE A 225 -45.21 9.31 4.37
C PHE A 225 -45.74 9.38 5.79
N VAL A 226 -47.04 9.17 5.93
CA VAL A 226 -47.71 9.39 7.20
C VAL A 226 -48.59 8.18 7.58
N SER A 227 -48.54 7.81 8.85
CA SER A 227 -49.43 6.83 9.44
C SER A 227 -50.26 7.44 10.58
N THR A 228 -51.50 6.99 10.71
CA THR A 228 -52.40 7.43 11.78
C THR A 228 -52.86 6.18 12.55
N LYS A 229 -53.67 6.38 13.59
CA LYS A 229 -54.17 5.25 14.37
C LYS A 229 -55.09 4.32 13.59
N ALA A 230 -55.50 4.74 12.41
CA ALA A 230 -56.26 3.89 11.50
C ALA A 230 -55.45 2.75 10.88
N ASN A 231 -54.13 2.88 10.84
CA ASN A 231 -53.30 1.90 10.14
C ASN A 231 -53.25 0.57 10.92
N PRO A 232 -53.77 -0.51 10.33
CA PRO A 232 -53.71 -1.83 10.96
C PRO A 232 -52.33 -2.23 11.40
N GLU A 233 -51.34 -2.19 10.50
CA GLU A 233 -49.94 -2.43 10.93
C GLU A 233 -48.96 -1.38 10.41
N PRO A 234 -48.69 -0.36 11.24
CA PRO A 234 -47.78 0.73 10.91
C PRO A 234 -46.31 0.30 11.01
N SER A 235 -45.72 0.01 9.86
CA SER A 235 -44.41 -0.62 9.82
C SER A 235 -43.31 0.36 9.37
N GLN A 236 -42.97 0.36 8.08
CA GLN A 236 -41.87 1.16 7.57
C GLN A 236 -42.41 2.17 6.58
N GLY A 237 -42.16 3.45 6.79
CA GLY A 237 -42.45 4.45 5.76
C GLY A 237 -41.82 4.11 4.42
N ILE A 238 -40.51 3.89 4.42
CA ILE A 238 -39.83 3.27 3.28
C ILE A 238 -39.04 2.08 3.81
N GLU A 239 -39.14 0.95 3.11
CA GLU A 239 -38.33 -0.22 3.39
C GLU A 239 -37.46 -0.48 2.17
N ILE A 240 -36.16 -0.57 2.39
CA ILE A 240 -35.22 -0.93 1.35
C ILE A 240 -34.70 -2.31 1.70
N LEU A 241 -35.14 -3.31 0.93
CA LEU A 241 -34.82 -4.71 1.19
C LEU A 241 -34.08 -5.28 -0.01
N TRP A 242 -32.75 -5.26 0.05
CA TRP A 242 -31.89 -5.61 -1.10
C TRP A 242 -32.10 -4.68 -2.30
N GLY A 243 -32.58 -3.47 -2.05
CA GLY A 243 -32.64 -2.42 -3.09
C GLY A 243 -31.37 -1.61 -3.04
N ASN A 244 -30.89 -1.16 -4.19
CA ASN A 244 -29.57 -0.53 -4.26
C ASN A 244 -29.48 0.73 -5.09
N ASP A 245 -28.49 1.56 -4.77
CA ASP A 245 -28.11 2.70 -5.60
C ASP A 245 -29.27 3.68 -5.85
N ASN A 246 -30.16 3.81 -4.88
CA ASN A 246 -31.30 4.73 -5.01
C ASN A 246 -31.03 6.04 -4.31
N ALA A 247 -31.84 7.04 -4.64
CA ALA A 247 -31.79 8.34 -3.98
C ALA A 247 -33.13 8.62 -3.34
N VAL A 248 -33.08 8.93 -2.05
CA VAL A 248 -34.26 9.21 -1.25
C VAL A 248 -34.05 10.56 -0.61
N VAL A 249 -34.75 11.56 -1.13
CA VAL A 249 -34.45 12.94 -0.83
C VAL A 249 -35.70 13.74 -0.53
N GLY A 250 -35.64 14.53 0.52
CA GLY A 250 -36.64 15.58 0.78
C GLY A 250 -38.03 15.12 1.13
N ASN A 251 -38.14 13.95 1.76
CA ASN A 251 -39.43 13.40 2.17
C ASN A 251 -39.65 13.61 3.66
N LYS A 252 -40.91 13.55 4.07
CA LYS A 252 -41.28 13.58 5.48
C LYS A 252 -41.86 12.24 5.90
N PHE A 253 -41.38 11.71 7.02
CA PHE A 253 -41.82 10.40 7.53
C PHE A 253 -42.33 10.49 8.98
N GLU A 254 -43.64 10.26 9.19
CA GLU A 254 -44.28 10.37 10.51
C GLU A 254 -44.98 9.11 10.99
N ASN A 255 -44.86 8.83 12.28
CA ASN A 255 -45.76 7.88 13.01
C ASN A 255 -45.66 6.39 12.64
N TYR A 256 -44.54 5.99 12.04
CA TYR A 256 -44.30 4.59 11.70
C TYR A 256 -43.46 3.91 12.77
N SER A 257 -43.27 2.60 12.64
CA SER A 257 -42.35 1.88 13.52
C SER A 257 -40.93 2.33 13.19
N ASP A 258 -40.58 2.25 11.91
CA ASP A 258 -39.36 2.89 11.41
C ASP A 258 -39.75 3.88 10.33
N GLY A 259 -39.22 5.10 10.39
CA GLY A 259 -39.41 6.05 9.30
C GLY A 259 -38.91 5.42 8.00
N LEU A 260 -37.64 5.05 8.00
CA LEU A 260 -37.06 4.33 6.88
C LEU A 260 -36.21 3.22 7.44
N GLN A 261 -36.39 2.01 6.93
CA GLN A 261 -35.63 0.85 7.39
C GLN A 261 -34.91 0.27 6.18
N ILE A 262 -33.61 0.00 6.33
CA ILE A 262 -32.88 -0.68 5.30
C ILE A 262 -32.58 -2.08 5.80
N ASN A 263 -32.90 -3.07 4.96
CA ASN A 263 -32.53 -4.46 5.20
C ASN A 263 -31.61 -4.93 4.08
N TRP A 264 -30.32 -4.65 4.23
CA TRP A 264 -29.24 -5.23 3.40
C TRP A 264 -29.19 -4.76 1.93
N GLY A 265 -29.94 -3.70 1.63
CA GLY A 265 -29.76 -2.96 0.40
C GLY A 265 -28.48 -2.15 0.54
N LYS A 266 -27.85 -1.82 -0.59
CA LYS A 266 -26.54 -1.17 -0.56
C LYS A 266 -26.51 0.15 -1.34
N ARG A 267 -25.67 1.08 -0.86
CA ARG A 267 -25.26 2.27 -1.62
C ARG A 267 -26.41 3.22 -2.00
N ASN A 268 -27.35 3.40 -1.06
CA ASN A 268 -28.44 4.32 -1.24
C ASN A 268 -28.08 5.64 -0.59
N TYR A 269 -28.44 6.73 -1.27
CA TYR A 269 -28.17 8.06 -0.81
C TYR A 269 -29.48 8.59 -0.25
N ILE A 270 -29.54 8.69 1.07
CA ILE A 270 -30.72 9.13 1.81
C ILE A 270 -30.45 10.51 2.39
N ALA A 271 -31.06 11.56 1.84
CA ALA A 271 -30.67 12.92 2.26
C ALA A 271 -31.81 13.90 2.45
N TYR A 272 -31.65 14.80 3.41
CA TYR A 272 -32.56 15.93 3.62
C TYR A 272 -34.00 15.50 3.83
N ASN A 273 -34.19 14.36 4.49
CA ASN A 273 -35.51 13.90 4.89
C ASN A 273 -35.82 14.31 6.32
N GLU A 274 -37.10 14.43 6.66
CA GLU A 274 -37.51 14.64 8.05
C GLU A 274 -38.16 13.39 8.57
N MET A 275 -37.61 12.82 9.65
CA MET A 275 -38.13 11.63 10.34
C MET A 275 -38.61 12.04 11.73
N THR A 276 -39.89 11.90 12.01
CA THR A 276 -40.44 12.36 13.29
C THR A 276 -41.57 11.45 13.79
N ASN A 277 -41.69 11.31 15.11
CA ASN A 277 -42.69 10.45 15.75
C ASN A 277 -42.68 8.99 15.33
N ASN A 278 -41.53 8.49 14.95
CA ASN A 278 -41.41 7.07 14.68
C ASN A 278 -40.77 6.43 15.90
N SER A 279 -40.82 5.12 16.00
CA SER A 279 -40.10 4.45 17.09
C SER A 279 -38.60 4.60 16.80
N ILE A 280 -38.23 4.29 15.56
CA ILE A 280 -36.90 4.56 15.05
C ILE A 280 -37.00 5.47 13.83
N GLY A 281 -36.14 6.49 13.76
CA GLY A 281 -36.08 7.37 12.60
C GLY A 281 -35.53 6.63 11.39
N PHE A 282 -34.29 6.19 11.47
CA PHE A 282 -33.67 5.37 10.43
C PHE A 282 -33.20 4.07 11.07
N ASN A 283 -33.67 2.95 10.54
CA ASN A 283 -33.28 1.64 11.02
C ASN A 283 -32.36 1.02 9.99
N MET A 284 -31.06 1.06 10.25
CA MET A 284 -30.07 0.90 9.18
C MET A 284 -29.26 -0.40 9.20
N THR A 285 -29.08 -0.95 8.00
CA THR A 285 -28.03 -1.91 7.68
C THR A 285 -27.59 -1.64 6.26
N GLY A 286 -26.60 -2.38 5.78
CA GLY A 286 -26.28 -2.39 4.34
C GLY A 286 -25.06 -1.57 3.99
N ASP A 287 -24.09 -2.20 3.33
CA ASP A 287 -22.83 -1.55 2.98
C ASP A 287 -23.07 -0.37 2.03
N GLY A 288 -22.45 0.76 2.33
CA GLY A 288 -22.42 1.91 1.42
C GLY A 288 -23.59 2.87 1.48
N ASN A 289 -24.52 2.66 2.40
CA ASN A 289 -25.63 3.58 2.57
C ASN A 289 -25.17 4.82 3.31
N ILE A 290 -25.67 5.96 2.85
CA ILE A 290 -25.29 7.27 3.37
C ILE A 290 -26.53 8.01 3.81
N LEU A 291 -26.55 8.44 5.07
CA LEU A 291 -27.54 9.37 5.57
C LEU A 291 -26.89 10.73 5.64
N ASP A 292 -27.37 11.67 4.82
CA ASP A 292 -26.75 12.99 4.70
C ASP A 292 -27.78 14.08 5.01
N SER A 293 -27.49 14.89 6.02
CA SER A 293 -28.27 16.10 6.30
C SER A 293 -29.76 15.88 6.54
N ASN A 294 -30.13 14.75 7.14
CA ASN A 294 -31.51 14.49 7.50
C ASN A 294 -31.86 15.15 8.82
N LYS A 295 -33.14 15.43 9.02
CA LYS A 295 -33.65 15.93 10.29
C LYS A 295 -34.41 14.81 10.96
N VAL A 296 -33.90 14.35 12.10
CA VAL A 296 -34.38 13.16 12.80
C VAL A 296 -34.71 13.56 14.24
N HIS A 297 -36.00 13.71 14.54
CA HIS A 297 -36.42 14.24 15.84
C HIS A 297 -37.77 13.72 16.32
N GLY A 298 -37.91 13.52 17.63
CA GLY A 298 -39.18 13.10 18.23
C GLY A 298 -39.43 11.61 18.09
N ASN A 299 -38.37 10.82 18.00
CA ASN A 299 -38.44 9.37 17.91
C ASN A 299 -37.89 8.72 19.21
N ARG A 300 -38.11 7.42 19.41
CA ARG A 300 -37.49 6.73 20.55
C ARG A 300 -35.99 6.69 20.28
N ILE A 301 -35.62 6.20 19.11
CA ILE A 301 -34.23 6.22 18.67
C ILE A 301 -34.13 6.96 17.35
N GLY A 302 -33.14 7.86 17.22
CA GLY A 302 -32.98 8.61 15.99
C GLY A 302 -32.53 7.72 14.85
N VAL A 303 -31.29 7.25 14.95
CA VAL A 303 -30.74 6.37 13.95
C VAL A 303 -30.24 5.12 14.65
N ALA A 304 -30.76 3.98 14.24
CA ALA A 304 -30.26 2.70 14.72
C ALA A 304 -29.41 2.06 13.63
N ILE A 305 -28.29 1.47 14.00
CA ILE A 305 -27.48 0.67 13.08
C ILE A 305 -27.34 -0.77 13.60
N ARG A 306 -27.97 -1.70 12.90
CA ARG A 306 -28.04 -3.07 13.34
C ARG A 306 -26.80 -3.85 12.93
N SER A 307 -26.54 -4.92 13.67
CA SER A 307 -25.54 -5.89 13.28
C SER A 307 -26.15 -6.70 12.15
N GLU A 308 -25.28 -7.26 11.31
CA GLU A 308 -25.69 -8.06 10.17
C GLU A 308 -24.58 -9.02 9.82
N LYS A 309 -24.88 -9.97 8.94
CA LYS A 309 -23.90 -10.98 8.58
C LYS A 309 -22.72 -10.42 7.80
N ASP A 310 -22.97 -9.46 6.92
CA ASP A 310 -21.90 -8.76 6.23
C ASP A 310 -21.16 -7.90 7.24
N ALA A 311 -19.99 -8.37 7.66
CA ALA A 311 -19.17 -7.65 8.63
C ALA A 311 -18.35 -6.54 8.00
N ASN A 312 -18.49 -6.33 6.70
CA ASN A 312 -17.77 -5.25 6.01
C ASN A 312 -18.69 -4.13 5.56
N ALA A 313 -19.95 -4.15 6.02
CA ALA A 313 -20.90 -3.09 5.70
C ALA A 313 -20.51 -1.84 6.45
N LYS A 314 -20.43 -0.72 5.76
CA LYS A 314 -20.21 0.57 6.40
C LYS A 314 -21.42 1.44 6.09
N ILE A 315 -22.03 1.96 7.14
CA ILE A 315 -23.13 2.90 7.07
C ILE A 315 -22.58 4.26 7.50
N THR A 316 -22.77 5.26 6.64
CA THR A 316 -22.22 6.60 6.85
C THR A 316 -23.29 7.57 7.34
N LEU A 317 -22.97 8.40 8.34
CA LEU A 317 -23.81 9.54 8.68
C LEU A 317 -22.99 10.81 8.63
N THR A 318 -23.51 11.83 7.95
CA THR A 318 -22.82 13.12 7.84
C THR A 318 -23.82 14.27 7.86
N LYS A 319 -23.54 15.25 8.73
CA LYS A 319 -24.35 16.48 8.87
C LYS A 319 -25.82 16.27 9.23
N ASN A 320 -26.18 15.13 9.82
CA ASN A 320 -27.58 14.90 10.19
C ASN A 320 -27.90 15.69 11.45
N LEU A 321 -29.05 16.36 11.46
CA LEU A 321 -29.55 17.00 12.66
C LEU A 321 -30.43 15.99 13.38
N ILE A 322 -29.92 15.46 14.47
CA ILE A 322 -30.62 14.41 15.21
C ILE A 322 -30.75 14.86 16.65
N TRP A 323 -31.98 15.11 17.09
CA TRP A 323 -32.20 15.67 18.41
C TRP A 323 -33.60 15.35 18.89
N ASP A 324 -33.83 15.55 20.18
CA ASP A 324 -35.15 15.42 20.78
C ASP A 324 -35.73 14.02 20.58
N ASN A 325 -34.89 13.01 20.74
CA ASN A 325 -35.32 11.63 20.68
C ASN A 325 -35.36 11.06 22.09
N GLY A 326 -35.42 9.75 22.24
CA GLY A 326 -35.64 9.15 23.55
C GLY A 326 -37.09 9.23 23.98
N LYS A 327 -37.99 9.54 23.05
CA LYS A 327 -39.43 9.54 23.32
C LYS A 327 -39.94 8.12 23.60
N ASP A 328 -40.98 8.02 24.42
CA ASP A 328 -41.62 6.75 24.73
C ASP A 328 -42.55 6.40 23.59
N ILE A 329 -41.97 5.97 22.47
CA ILE A 329 -42.74 5.56 21.29
C ILE A 329 -42.35 4.13 20.93
N LYS A 330 -43.05 3.18 21.52
CA LYS A 330 -42.81 1.76 21.30
C LYS A 330 -43.81 1.28 20.27
N ARG A 331 -43.35 1.07 19.05
CA ARG A 331 -44.21 0.68 17.94
C ARG A 331 -43.35 -0.19 17.05
N CYS A 332 -43.66 -1.48 17.01
CA CYS A 332 -42.71 -2.46 16.51
C CYS A 332 -43.35 -3.49 15.61
N GLU A 333 -43.86 -3.02 14.49
CA GLU A 333 -44.32 -3.91 13.44
C GLU A 333 -43.16 -4.19 12.49
N ALA A 334 -42.36 -5.21 12.80
CA ALA A 334 -41.22 -5.66 11.99
C ALA A 334 -40.06 -4.66 11.98
N GLY A 335 -40.05 -3.80 12.99
CA GLY A 335 -38.93 -2.90 13.24
C GLY A 335 -39.16 -2.15 14.55
N GLY A 336 -38.63 -0.94 14.66
CA GLY A 336 -38.88 -0.09 15.81
C GLY A 336 -38.13 -0.55 17.03
N SER A 337 -38.33 0.16 18.13
CA SER A 337 -37.76 -0.27 19.39
C SER A 337 -38.83 -0.41 20.48
N CYS A 338 -39.00 -1.63 20.97
CA CYS A 338 -39.88 -1.90 22.11
C CYS A 338 -39.17 -2.62 23.26
N VAL A 339 -37.88 -2.94 23.11
CA VAL A 339 -37.13 -3.58 24.18
C VAL A 339 -37.11 -2.60 25.37
N PRO A 340 -37.56 -3.06 26.56
CA PRO A 340 -37.71 -2.14 27.69
C PRO A 340 -36.41 -1.50 28.17
N ASP A 341 -35.34 -2.29 28.28
CA ASP A 341 -34.04 -1.77 28.77
C ASP A 341 -33.12 -1.26 27.65
N GLN A 342 -33.70 -0.89 26.51
CA GLN A 342 -32.95 -0.50 25.32
C GLN A 342 -32.30 0.86 25.48
N ARG A 343 -31.02 0.95 25.08
CA ARG A 343 -30.29 2.20 25.08
C ARG A 343 -30.86 3.11 24.00
N LEU A 344 -31.21 4.32 24.42
CA LEU A 344 -31.89 5.31 23.57
C LEU A 344 -30.91 6.43 23.22
N GLY A 345 -31.24 7.23 22.21
CA GLY A 345 -30.38 8.32 21.80
C GLY A 345 -30.41 8.65 20.32
N ALA A 346 -29.44 9.47 19.92
CA ALA A 346 -29.31 9.95 18.56
C ALA A 346 -28.92 8.84 17.58
N ILE A 347 -27.83 8.15 17.93
CA ILE A 347 -27.29 7.10 17.09
C ILE A 347 -26.96 5.95 18.02
N VAL A 348 -27.53 4.78 17.75
CA VAL A 348 -27.35 3.63 18.61
C VAL A 348 -27.07 2.37 17.80
N PHE A 349 -25.98 1.68 18.14
CA PHE A 349 -25.56 0.43 17.48
C PHE A 349 -26.28 -0.78 18.06
N ALA A 350 -26.40 -1.84 17.28
CA ALA A 350 -26.82 -3.14 17.80
C ALA A 350 -28.26 -3.18 18.28
N VAL A 351 -29.09 -2.31 17.74
CA VAL A 351 -30.53 -2.35 18.00
C VAL A 351 -31.04 -3.61 17.29
N PRO A 352 -31.92 -4.38 17.94
CA PRO A 352 -32.44 -5.54 17.25
C PRO A 352 -33.65 -5.24 16.37
N ALA A 353 -33.76 -6.03 15.32
CA ALA A 353 -34.95 -6.11 14.48
C ALA A 353 -35.41 -7.57 14.34
N LEU A 354 -36.45 -7.77 13.55
CA LEU A 354 -37.00 -9.07 13.16
C LEU A 354 -36.02 -10.26 13.13
N GLU A 355 -34.86 -10.07 12.54
CA GLU A 355 -33.89 -11.17 12.41
C GLU A 355 -33.01 -11.39 13.64
N HIS A 356 -33.14 -10.51 14.65
CA HIS A 356 -32.27 -10.55 15.82
C HIS A 356 -32.94 -11.16 17.06
N ALA A 357 -32.17 -11.96 17.79
CA ALA A 357 -32.56 -12.33 19.15
C ALA A 357 -32.74 -11.09 20.02
N GLY A 358 -33.67 -11.16 20.96
CA GLY A 358 -33.92 -10.06 21.90
C GLY A 358 -34.95 -9.07 21.40
N PHE A 359 -35.37 -9.25 20.15
CA PHE A 359 -36.30 -8.32 19.52
C PHE A 359 -37.67 -8.47 20.13
N VAL A 360 -38.37 -7.35 20.24
CA VAL A 360 -39.71 -7.30 20.80
C VAL A 360 -40.65 -6.63 19.82
N GLY A 361 -41.62 -7.39 19.32
CA GLY A 361 -42.64 -6.86 18.42
C GLY A 361 -43.10 -7.94 17.47
N SER A 362 -43.98 -7.59 16.55
CA SER A 362 -44.41 -8.51 15.51
C SER A 362 -43.29 -8.80 14.52
N ARG A 363 -43.11 -10.07 14.14
CA ARG A 363 -42.17 -10.43 13.08
C ARG A 363 -42.90 -10.70 11.77
N GLY A 364 -44.17 -10.32 11.70
CA GLY A 364 -44.96 -10.45 10.47
C GLY A 364 -46.23 -11.23 10.72
N GLY A 365 -47.28 -10.94 9.95
CA GLY A 365 -48.57 -11.59 10.10
C GLY A 365 -48.49 -13.06 9.78
N GLY A 366 -48.85 -13.89 10.76
CA GLY A 366 -48.78 -15.34 10.65
C GLY A 366 -47.38 -15.91 10.43
N VAL A 367 -46.35 -15.23 10.92
CA VAL A 367 -45.00 -15.76 10.84
C VAL A 367 -44.55 -16.19 12.22
N ILE A 368 -43.98 -17.39 12.32
CA ILE A 368 -43.19 -17.78 13.49
C ILE A 368 -41.76 -17.88 13.01
N VAL A 369 -40.84 -17.16 13.65
CA VAL A 369 -39.42 -17.35 13.40
C VAL A 369 -38.94 -18.37 14.43
N ASP A 370 -37.98 -19.19 14.00
CA ASP A 370 -37.40 -20.21 14.83
C ASP A 370 -36.32 -19.55 15.71
N PRO A 371 -36.40 -19.72 17.04
CA PRO A 371 -35.32 -19.23 17.90
C PRO A 371 -33.91 -19.68 17.46
N SER A 372 -33.82 -20.78 16.72
CA SER A 372 -32.55 -21.24 16.16
C SER A 372 -32.04 -20.36 15.01
N LYS A 373 -32.94 -19.61 14.37
CA LYS A 373 -32.57 -18.70 13.27
C LYS A 373 -32.34 -17.23 13.68
N GLN A 374 -32.66 -16.87 14.93
CA GLN A 374 -32.52 -15.50 15.42
C GLN A 374 -31.07 -15.16 15.69
N GLN A 375 -30.57 -14.08 15.10
CA GLN A 375 -29.15 -13.77 15.11
C GLN A 375 -28.80 -12.96 16.35
N LYS A 376 -27.59 -13.14 16.86
CA LYS A 376 -27.12 -12.38 18.03
C LYS A 376 -25.98 -11.44 17.68
N THR A 377 -25.89 -10.33 18.39
CA THR A 377 -24.79 -9.41 18.19
C THR A 377 -23.66 -9.71 19.18
N CYS A 378 -22.45 -9.91 18.67
CA CYS A 378 -21.27 -10.23 19.52
C CYS A 378 -21.02 -9.17 20.60
N THR A 379 -20.86 -9.59 21.84
CA THR A 379 -20.54 -8.67 22.94
C THR A 379 -19.09 -8.81 23.38
N GLN A 380 -18.41 -9.89 22.98
CA GLN A 380 -17.11 -10.22 23.55
C GLN A 380 -16.09 -10.54 22.47
N PRO A 381 -14.81 -10.16 22.71
CA PRO A 381 -13.80 -10.45 21.72
C PRO A 381 -13.70 -11.99 21.66
N ASN A 382 -13.58 -12.46 20.44
CA ASN A 382 -13.55 -13.89 20.11
C ASN A 382 -14.88 -14.62 20.16
N GLU A 383 -15.99 -13.92 20.41
CA GLU A 383 -17.28 -14.62 20.49
C GLU A 383 -17.64 -15.28 19.15
N GLN A 384 -18.30 -16.43 19.23
CA GLN A 384 -18.61 -17.25 18.07
C GLN A 384 -20.09 -17.19 17.74
N GLY A 385 -20.42 -17.54 16.50
CA GLY A 385 -21.81 -17.64 16.08
C GLY A 385 -22.60 -16.35 16.26
N CYS A 386 -21.98 -15.21 15.98
CA CYS A 386 -22.68 -13.92 16.09
C CYS A 386 -22.23 -12.91 15.04
N ASN A 387 -23.07 -11.91 14.82
CA ASN A 387 -22.70 -10.81 13.94
C ASN A 387 -21.82 -9.84 14.69
N ALA A 388 -20.73 -9.41 14.06
CA ALA A 388 -19.85 -8.38 14.63
C ALA A 388 -20.63 -7.13 14.99
N GLN A 389 -20.13 -6.38 15.97
CA GLN A 389 -20.60 -5.04 16.17
C GLN A 389 -20.56 -4.34 14.81
N PRO A 390 -21.63 -3.60 14.48
CA PRO A 390 -21.73 -2.94 13.18
C PRO A 390 -20.71 -1.83 13.02
N ASN A 391 -20.53 -1.37 11.78
CA ASN A 391 -19.51 -0.38 11.44
C ASN A 391 -18.15 -0.78 12.02
N GLN A 392 -17.86 -2.09 11.99
CA GLN A 392 -16.58 -2.62 12.43
C GLN A 392 -16.17 -2.16 13.84
N GLY A 393 -17.16 -1.95 14.70
CA GLY A 393 -16.91 -1.59 16.09
C GLY A 393 -16.27 -0.25 16.34
N ILE A 394 -16.41 0.67 15.40
CA ILE A 394 -15.83 2.01 15.56
C ILE A 394 -16.37 2.71 16.82
N LYS A 395 -15.48 3.40 17.50
CA LYS A 395 -15.77 3.94 18.84
C LYS A 395 -15.96 5.45 18.74
N ALA A 396 -16.91 5.98 19.52
CA ALA A 396 -17.15 7.40 19.56
C ALA A 396 -15.94 8.11 20.15
N PRO A 397 -15.64 9.32 19.67
CA PRO A 397 -14.52 10.06 20.23
C PRO A 397 -14.81 10.57 21.65
N LYS A 398 -13.75 11.07 22.29
CA LYS A 398 -13.79 11.57 23.65
C LYS A 398 -13.61 13.09 23.58
N LEU A 399 -14.50 13.85 24.21
CA LEU A 399 -14.37 15.30 24.29
C LEU A 399 -14.01 15.74 25.70
N THR A 400 -13.14 16.74 25.80
CA THR A 400 -12.78 17.36 27.09
C THR A 400 -12.61 18.87 26.88
N ALA A 401 -13.06 19.66 27.84
CA ALA A 401 -12.85 21.12 27.79
C ALA A 401 -11.38 21.39 28.09
N ASN A 402 -10.75 22.28 27.32
CA ASN A 402 -9.29 22.44 27.35
C ASN A 402 -8.87 23.88 27.05
N LYS A 403 -8.69 24.69 28.10
CA LYS A 403 -8.26 26.09 27.98
C LYS A 403 -9.18 26.89 27.05
N GLY A 404 -10.50 26.76 27.26
CA GLY A 404 -11.49 27.47 26.44
C GLY A 404 -11.77 26.85 25.08
N LEU A 405 -10.95 25.89 24.66
CA LEU A 405 -11.12 25.14 23.43
C LEU A 405 -11.76 23.79 23.71
N VAL A 406 -12.23 23.13 22.65
CA VAL A 406 -12.77 21.79 22.79
C VAL A 406 -11.77 20.81 22.20
N ALA A 407 -11.26 19.91 23.05
CA ALA A 407 -10.24 18.95 22.65
C ALA A 407 -10.91 17.65 22.35
N VAL A 408 -10.65 17.11 21.15
CA VAL A 408 -11.20 15.84 20.76
C VAL A 408 -10.08 14.81 20.71
N GLU A 409 -10.38 13.59 21.15
CA GLU A 409 -9.46 12.48 21.04
C GLU A 409 -10.15 11.36 20.26
N VAL A 410 -9.49 10.89 19.20
CA VAL A 410 -10.00 9.83 18.33
C VAL A 410 -9.26 8.53 18.57
N ASN A 411 -10.02 7.45 18.74
CA ASN A 411 -9.43 6.13 18.98
C ASN A 411 -9.85 5.16 17.91
N GLY A 412 -8.92 4.86 17.01
CA GLY A 412 -9.23 4.00 15.90
C GLY A 412 -8.02 3.21 15.42
N LEU A 413 -8.04 2.85 14.15
CA LEU A 413 -6.95 2.09 13.57
C LEU A 413 -5.74 3.02 13.33
N PRO A 414 -4.54 2.44 13.22
CA PRO A 414 -3.31 3.23 13.03
C PRO A 414 -3.13 3.78 11.61
N ASN A 415 -2.62 5.00 11.49
CA ASN A 415 -2.30 5.65 10.19
C ASN A 415 -3.47 5.74 9.24
N GLN A 416 -4.56 6.32 9.74
CA GLN A 416 -5.82 6.38 9.02
C GLN A 416 -6.43 7.77 9.11
N ARG A 417 -7.21 8.11 8.08
CA ARG A 417 -7.98 9.33 8.06
C ARG A 417 -9.29 9.13 8.81
N TYR A 418 -9.64 10.15 9.59
CA TYR A 418 -10.91 10.19 10.26
C TYR A 418 -11.50 11.58 10.13
N GLN A 419 -12.81 11.61 9.93
CA GLN A 419 -13.55 12.84 9.75
C GLN A 419 -14.35 13.08 10.99
N VAL A 420 -13.96 14.10 11.74
CA VAL A 420 -14.63 14.42 13.01
C VAL A 420 -15.71 15.43 12.71
N GLU A 421 -16.96 15.12 13.04
CA GLU A 421 -18.03 16.08 12.85
C GLU A 421 -18.52 16.58 14.20
N PHE A 422 -18.69 17.90 14.32
CA PHE A 422 -19.10 18.53 15.57
C PHE A 422 -20.53 18.99 15.48
N PHE A 423 -21.26 18.78 16.59
CA PHE A 423 -22.65 19.17 16.71
C PHE A 423 -22.87 19.89 18.03
N SER A 424 -23.81 20.84 18.03
CA SER A 424 -24.19 21.57 19.25
C SER A 424 -25.68 21.41 19.55
N ASN A 425 -26.02 21.61 20.82
CA ASN A 425 -27.42 21.69 21.26
C ASN A 425 -27.56 22.96 22.07
N GLN A 426 -28.68 23.65 21.90
CA GLN A 426 -28.94 24.84 22.73
C GLN A 426 -29.48 24.47 24.11
N ASN A 427 -30.05 23.28 24.26
CA ASN A 427 -30.32 22.71 25.58
C ASN A 427 -29.05 22.07 26.16
N ALA A 428 -28.60 22.54 27.33
CA ALA A 428 -27.36 22.04 27.95
C ALA A 428 -27.42 20.61 28.48
N ALA A 429 -28.64 20.10 28.66
CA ALA A 429 -28.87 18.74 29.12
C ALA A 429 -28.95 17.73 27.99
N SER A 430 -29.37 18.19 26.81
CA SER A 430 -29.41 17.35 25.60
C SER A 430 -28.05 16.76 25.29
N LYS A 431 -28.06 15.48 24.92
CA LYS A 431 -26.83 14.74 24.62
C LYS A 431 -26.79 14.26 23.17
N GLU A 432 -27.53 14.96 22.30
CA GLU A 432 -27.73 14.58 20.90
C GLU A 432 -27.07 15.59 19.94
N ALA A 433 -27.69 15.89 18.80
CA ALA A 433 -27.05 16.68 17.76
C ALA A 433 -28.03 17.60 17.02
N GLU A 434 -28.36 18.70 17.67
CA GLU A 434 -29.42 19.58 17.21
C GLU A 434 -28.99 20.46 16.01
N GLN A 435 -27.79 21.01 16.07
CA GLN A 435 -27.28 21.93 15.05
C GLN A 435 -25.89 21.42 14.61
N TYR A 436 -25.62 21.46 13.30
CA TYR A 436 -24.33 20.98 12.76
C TYR A 436 -23.32 22.12 12.73
N LEU A 437 -22.16 21.93 13.35
CA LEU A 437 -21.23 23.02 13.55
C LEU A 437 -20.06 23.09 12.57
N GLY A 438 -19.75 21.95 11.95
CA GLY A 438 -18.64 21.88 11.00
C GLY A 438 -17.83 20.63 11.26
N ALA A 439 -16.76 20.43 10.49
CA ALA A 439 -15.96 19.21 10.58
C ALA A 439 -14.47 19.46 10.41
N ILE A 440 -13.65 18.59 10.98
CA ILE A 440 -12.21 18.60 10.72
C ILE A 440 -11.74 17.21 10.32
N THR A 441 -10.55 17.17 9.75
CA THR A 441 -9.98 15.96 9.22
C THR A 441 -8.71 15.67 10.03
N VAL A 442 -8.61 14.48 10.61
CA VAL A 442 -7.46 14.11 11.43
C VAL A 442 -6.83 12.82 10.97
N ALA A 443 -5.55 12.65 11.27
CA ALA A 443 -4.80 11.44 10.93
C ALA A 443 -4.29 10.81 12.21
N THR A 444 -4.65 9.56 12.43
CA THR A 444 -4.12 8.83 13.57
C THR A 444 -2.64 8.49 13.39
N ASP A 445 -1.93 8.41 14.51
CA ASP A 445 -0.52 7.98 14.55
C ASP A 445 -0.47 6.45 14.62
N ALA A 446 0.70 5.88 14.95
CA ALA A 446 0.87 4.42 14.96
C ALA A 446 0.10 3.65 16.07
N GLN A 447 -0.42 4.33 17.08
CA GLN A 447 -1.26 3.69 18.11
C GLN A 447 -2.76 3.87 17.84
N GLY A 448 -3.10 4.58 16.76
CA GLY A 448 -4.50 4.82 16.40
C GLY A 448 -5.13 5.97 17.15
N ILE A 449 -4.30 6.93 17.56
CA ILE A 449 -4.74 8.08 18.32
C ILE A 449 -4.55 9.32 17.48
N ALA A 450 -5.48 10.25 17.61
CA ALA A 450 -5.34 11.57 17.04
C ALA A 450 -6.01 12.56 17.98
N LYS A 451 -5.42 13.72 18.15
CA LYS A 451 -6.02 14.77 18.98
C LYS A 451 -6.18 16.00 18.11
N ALA A 452 -7.08 16.86 18.51
CA ALA A 452 -7.27 18.13 17.84
C ALA A 452 -8.10 19.02 18.73
N ASN A 453 -7.81 20.31 18.66
CA ASN A 453 -8.59 21.30 19.37
C ASN A 453 -9.48 22.00 18.36
N TRP A 454 -10.61 22.47 18.83
CA TRP A 454 -11.57 23.06 17.95
C TRP A 454 -12.42 24.07 18.73
N LYS A 455 -12.30 25.34 18.34
CA LYS A 455 -13.07 26.41 18.96
C LYS A 455 -14.48 26.40 18.38
N PRO A 456 -15.51 26.47 19.24
CA PRO A 456 -16.85 26.54 18.67
C PRO A 456 -17.00 27.77 17.78
N SER A 457 -17.80 27.62 16.72
CA SER A 457 -18.11 28.72 15.81
C SER A 457 -18.95 29.79 16.53
N VAL A 458 -19.86 29.33 17.40
CA VAL A 458 -20.77 30.21 18.15
C VAL A 458 -20.46 30.10 19.67
N LYS A 459 -21.27 30.76 20.49
CA LYS A 459 -21.35 30.46 21.92
C LYS A 459 -22.56 29.56 22.19
N VAL A 460 -22.30 28.33 22.63
CA VAL A 460 -23.33 27.29 22.72
C VAL A 460 -23.31 26.54 24.06
N ALA A 461 -24.36 25.75 24.30
CA ALA A 461 -24.55 25.09 25.59
C ALA A 461 -23.80 23.76 25.70
N SER A 462 -24.12 22.79 24.85
CA SER A 462 -23.45 21.48 24.88
C SER A 462 -23.01 21.03 23.49
N ILE A 463 -21.98 20.19 23.43
CA ILE A 463 -21.33 19.81 22.18
C ILE A 463 -21.09 18.31 22.10
N THR A 464 -21.42 17.71 20.96
CA THR A 464 -21.15 16.30 20.68
C THR A 464 -20.30 16.19 19.44
N ALA A 465 -19.66 15.04 19.26
CA ALA A 465 -18.95 14.76 18.02
C ALA A 465 -18.95 13.29 17.67
N ASN A 466 -18.82 12.98 16.39
CA ASN A 466 -18.63 11.60 15.97
C ASN A 466 -17.50 11.50 14.94
N ILE A 467 -17.17 10.29 14.53
CA ILE A 467 -16.13 10.10 13.56
C ILE A 467 -16.58 9.19 12.42
N THR A 468 -16.01 9.44 11.24
CA THR A 468 -16.27 8.61 10.09
C THR A 468 -14.92 8.13 9.57
N ASP A 469 -14.72 6.82 9.48
CA ASP A 469 -13.43 6.28 9.01
C ASP A 469 -13.33 6.32 7.49
N ARG A 470 -12.19 5.87 6.96
CA ARG A 470 -11.88 5.95 5.53
C ARG A 470 -12.78 5.09 4.65
N PHE A 471 -13.44 4.12 5.23
CA PHE A 471 -14.38 3.28 4.50
C PHE A 471 -15.81 3.82 4.55
N GLY A 472 -16.06 4.87 5.33
CA GLY A 472 -17.38 5.48 5.39
C GLY A 472 -18.22 5.04 6.57
N ALA A 473 -17.60 4.35 7.53
CA ALA A 473 -18.27 3.93 8.76
C ALA A 473 -18.25 5.07 9.77
N THR A 474 -19.44 5.45 10.25
CA THR A 474 -19.57 6.53 11.19
C THR A 474 -19.92 6.01 12.58
N SER A 475 -19.34 6.62 13.59
CA SER A 475 -19.52 6.22 14.96
C SER A 475 -20.77 6.84 15.54
N GLU A 476 -21.06 6.44 16.75
CA GLU A 476 -22.05 7.10 17.57
C GLU A 476 -21.51 8.43 18.05
N LEU A 477 -22.36 9.22 18.70
CA LEU A 477 -21.94 10.48 19.29
C LEU A 477 -21.18 10.25 20.58
N SER A 478 -20.21 11.12 20.83
CA SER A 478 -19.53 11.19 22.12
C SER A 478 -20.48 11.58 23.23
N SER A 479 -20.05 11.41 24.47
CA SER A 479 -20.69 12.08 25.60
C SER A 479 -20.79 13.57 25.28
N ALA A 480 -21.85 14.22 25.76
CA ALA A 480 -21.99 15.67 25.62
C ALA A 480 -20.96 16.39 26.47
N LEU A 481 -20.40 17.47 25.95
CA LEU A 481 -19.54 18.36 26.72
C LEU A 481 -20.32 19.63 27.02
N GLN A 482 -20.55 19.94 28.30
CA GLN A 482 -21.25 21.16 28.67
C GLN A 482 -20.24 22.26 28.88
N THR A 483 -20.43 23.39 28.19
CA THR A 483 -19.59 24.58 28.35
C THR A 483 -20.21 25.51 29.41
N LYS A 484 -19.40 25.91 30.40
CA LYS A 484 -19.89 26.57 31.64
C LYS A 484 -18.75 27.10 32.52
N ALA B 21 -2.44 -8.29 -13.35
CA ALA B 21 -3.80 -8.52 -13.89
C ALA B 21 -4.95 -7.78 -13.13
N GLN B 22 -4.95 -7.82 -11.79
CA GLN B 22 -6.09 -7.31 -10.99
C GLN B 22 -5.74 -6.16 -10.04
N THR B 23 -4.58 -6.20 -9.40
CA THR B 23 -4.09 -5.08 -8.59
C THR B 23 -2.79 -4.55 -9.20
N TYR B 24 -2.70 -3.23 -9.43
CA TYR B 24 -1.50 -2.65 -9.99
C TYR B 24 -1.03 -1.52 -9.10
N VAL B 25 0.12 -1.71 -8.46
CA VAL B 25 0.70 -0.68 -7.62
C VAL B 25 1.44 0.35 -8.47
N VAL B 26 1.17 1.62 -8.19
CA VAL B 26 1.87 2.73 -8.82
C VAL B 26 2.79 3.35 -7.76
N ASP B 27 4.09 3.02 -7.83
CA ASP B 27 5.07 3.49 -6.84
C ASP B 27 6.10 4.45 -7.44
N ARG B 28 5.78 5.02 -8.60
CA ARG B 28 6.68 5.96 -9.28
C ARG B 28 5.86 7.04 -9.97
N TYR B 29 6.27 8.29 -9.75
CA TYR B 29 5.53 9.41 -10.32
C TYR B 29 6.11 9.87 -11.65
N GLN B 30 6.96 9.07 -12.27
CA GLN B 30 7.39 9.38 -13.63
C GLN B 30 6.29 9.03 -14.62
N ASP B 31 6.32 9.72 -15.75
CA ASP B 31 5.39 9.43 -16.82
C ASP B 31 6.07 8.68 -17.97
N ASP B 32 6.05 7.35 -17.88
CA ASP B 32 6.58 6.48 -18.91
C ASP B 32 5.85 5.14 -18.84
N SER B 33 6.12 4.26 -19.80
CA SER B 33 5.38 3.00 -19.89
C SER B 33 6.03 1.84 -19.14
N ASN B 34 7.03 2.14 -18.30
CA ASN B 34 7.69 1.12 -17.49
C ASN B 34 6.98 0.83 -16.18
N LYS B 35 7.14 -0.41 -15.70
CA LYS B 35 6.51 -0.86 -14.48
C LYS B 35 6.58 0.18 -13.35
N GLY B 36 5.45 0.37 -12.67
CA GLY B 36 5.36 1.29 -11.54
C GLY B 36 4.64 2.61 -11.79
N SER B 37 4.59 3.05 -13.06
CA SER B 37 3.99 4.34 -13.40
C SER B 37 2.48 4.22 -13.53
N LEU B 38 1.81 5.37 -13.49
CA LEU B 38 0.36 5.40 -13.65
C LEU B 38 -0.01 4.97 -15.07
N ARG B 39 0.68 5.55 -16.05
CA ARG B 39 0.57 5.12 -17.45
C ARG B 39 0.67 3.59 -17.62
N TRP B 40 1.73 3.00 -17.09
CA TRP B 40 1.92 1.55 -17.15
C TRP B 40 0.68 0.81 -16.61
N ALA B 41 0.23 1.19 -15.41
CA ALA B 41 -0.91 0.52 -14.78
C ALA B 41 -2.14 0.55 -15.66
N ILE B 42 -2.39 1.68 -16.31
CA ILE B 42 -3.55 1.85 -17.17
C ILE B 42 -3.43 1.01 -18.44
N GLU B 43 -2.26 1.03 -19.06
CA GLU B 43 -1.97 0.16 -20.21
C GLU B 43 -2.16 -1.32 -19.85
N GLN B 44 -1.74 -1.72 -18.66
CA GLN B 44 -1.94 -3.10 -18.20
C GLN B 44 -3.40 -3.46 -18.01
N ALA B 45 -4.16 -2.57 -17.36
CA ALA B 45 -5.58 -2.82 -17.11
C ALA B 45 -6.36 -2.87 -18.43
N ASN B 46 -5.94 -2.03 -19.38
CA ASN B 46 -6.56 -1.96 -20.70
C ASN B 46 -6.40 -3.22 -21.54
N ALA B 47 -5.33 -3.97 -21.30
CA ALA B 47 -5.15 -5.26 -21.95
C ALA B 47 -5.98 -6.40 -21.31
N ASN B 48 -6.65 -6.12 -20.19
CA ASN B 48 -7.63 -7.04 -19.59
C ASN B 48 -9.01 -6.38 -19.42
N PRO B 49 -9.64 -5.95 -20.54
CA PRO B 49 -10.92 -5.26 -20.47
C PRO B 49 -12.01 -5.95 -19.65
N GLY B 50 -11.93 -7.27 -19.55
CA GLY B 50 -12.88 -8.02 -18.75
C GLY B 50 -12.62 -7.92 -17.27
N GLU B 51 -11.34 -7.82 -16.90
CA GLU B 51 -10.96 -7.79 -15.49
C GLU B 51 -11.20 -6.43 -14.83
N ALA B 52 -11.86 -6.48 -13.67
CA ALA B 52 -11.96 -5.34 -12.78
C ALA B 52 -10.65 -5.26 -12.01
N SER B 53 -9.92 -4.17 -12.22
CA SER B 53 -8.59 -4.02 -11.69
C SER B 53 -8.56 -2.82 -10.76
N ASP B 54 -7.79 -2.92 -9.68
CA ASP B 54 -7.54 -1.78 -8.80
C ASP B 54 -6.15 -1.17 -9.10
N ILE B 55 -6.12 0.09 -9.52
CA ILE B 55 -4.85 0.81 -9.68
C ILE B 55 -4.58 1.65 -8.42
N LEU B 56 -3.61 1.21 -7.62
CA LEU B 56 -3.35 1.83 -6.33
C LEU B 56 -2.13 2.73 -6.37
N ILE B 57 -2.38 4.03 -6.28
CA ILE B 57 -1.33 5.02 -6.35
C ILE B 57 -0.81 5.29 -4.95
N GLN B 58 0.49 5.05 -4.75
CA GLN B 58 1.13 5.22 -3.46
C GLN B 58 1.56 6.64 -3.30
N ALA B 59 1.84 7.00 -2.06
CA ALA B 59 2.59 8.22 -1.76
C ALA B 59 4.06 7.96 -2.09
N VAL B 60 4.67 8.89 -2.82
CA VAL B 60 6.07 8.80 -3.20
C VAL B 60 6.71 10.14 -2.91
N GLY B 61 7.81 10.09 -2.16
CA GLY B 61 8.51 11.31 -1.79
C GLY B 61 7.69 12.06 -0.75
N LYS B 62 7.68 13.39 -0.86
CA LYS B 62 7.07 14.25 0.14
C LYS B 62 5.88 15.01 -0.42
N ALA B 63 4.96 15.37 0.47
CA ALA B 63 3.82 16.19 0.09
C ALA B 63 4.35 17.54 -0.39
N PRO B 64 3.70 18.17 -1.35
CA PRO B 64 2.52 17.64 -2.03
C PRO B 64 2.89 16.54 -3.05
N TYR B 65 1.93 15.69 -3.39
CA TYR B 65 2.15 14.54 -4.25
C TYR B 65 1.53 14.76 -5.64
N ALA B 66 2.33 14.62 -6.68
CA ALA B 66 1.85 14.88 -8.04
C ALA B 66 2.56 14.01 -9.10
N ILE B 67 1.77 13.46 -10.00
CA ILE B 67 2.27 12.80 -11.19
C ILE B 67 2.16 13.82 -12.32
N LYS B 68 3.27 14.43 -12.71
CA LYS B 68 3.26 15.42 -13.80
C LYS B 68 3.39 14.74 -15.15
N LEU B 69 2.29 14.62 -15.87
CA LEU B 69 2.30 13.92 -17.15
C LEU B 69 3.03 14.73 -18.21
N ASN B 70 3.64 14.02 -19.17
CA ASN B 70 4.27 14.60 -20.37
C ASN B 70 3.45 14.42 -21.66
N SER B 71 2.49 13.51 -21.65
CA SER B 71 1.52 13.40 -22.73
C SER B 71 0.18 12.90 -22.18
N ALA B 72 -0.89 13.02 -22.96
CA ALA B 72 -2.18 12.45 -22.59
C ALA B 72 -2.05 11.00 -22.16
N LEU B 73 -2.73 10.65 -21.07
CA LEU B 73 -2.83 9.26 -20.66
C LEU B 73 -3.65 8.53 -21.70
N PRO B 74 -3.47 7.22 -21.80
CA PRO B 74 -4.38 6.54 -22.68
C PRO B 74 -5.78 6.55 -22.08
N GLU B 75 -6.79 6.51 -22.93
CA GLU B 75 -8.18 6.47 -22.48
C GLU B 75 -8.42 5.24 -21.62
N ILE B 76 -9.27 5.34 -20.62
CA ILE B 76 -9.55 4.19 -19.76
C ILE B 76 -10.57 3.28 -20.42
N LYS B 77 -10.21 2.01 -20.53
CA LYS B 77 -11.00 1.00 -21.26
C LYS B 77 -11.25 -0.28 -20.48
N ALA B 78 -11.20 -0.21 -19.15
CA ALA B 78 -11.52 -1.36 -18.30
C ALA B 78 -12.17 -0.86 -17.05
N PRO B 79 -13.02 -1.69 -16.41
CA PRO B 79 -13.71 -1.24 -15.20
C PRO B 79 -12.75 -1.19 -14.01
N VAL B 80 -11.92 -0.15 -13.98
CA VAL B 80 -10.88 0.00 -12.98
C VAL B 80 -11.29 0.87 -11.81
N LYS B 81 -10.59 0.73 -10.69
CA LYS B 81 -10.60 1.71 -9.63
C LYS B 81 -9.24 2.36 -9.58
N ILE B 82 -9.19 3.66 -9.82
CA ILE B 82 -7.94 4.41 -9.65
C ILE B 82 -7.98 5.08 -8.27
N ILE B 83 -7.25 4.54 -7.31
CA ILE B 83 -7.31 4.99 -5.93
C ILE B 83 -6.01 5.71 -5.55
N GLY B 84 -6.12 6.98 -5.15
CA GLY B 84 -5.04 7.67 -4.48
C GLY B 84 -5.06 7.22 -3.03
N THR B 85 -4.12 6.34 -2.67
CA THR B 85 -4.19 5.62 -1.39
C THR B 85 -3.81 6.48 -0.19
N GLN B 86 -3.26 7.66 -0.45
CA GLN B 86 -2.83 8.53 0.62
C GLN B 86 -4.03 9.12 1.34
N TRP B 87 -5.11 9.41 0.62
CA TRP B 87 -6.37 9.88 1.23
C TRP B 87 -6.82 8.97 2.40
N ASP B 88 -6.70 7.66 2.22
CA ASP B 88 -7.03 6.70 3.26
C ASP B 88 -6.20 6.89 4.55
N LYS B 89 -5.02 7.48 4.44
CA LYS B 89 -4.11 7.64 5.60
C LYS B 89 -4.12 9.04 6.23
N THR B 90 -4.11 10.10 5.42
CA THR B 90 -4.07 11.47 5.94
C THR B 90 -5.08 12.46 5.31
N GLY B 91 -5.89 11.99 4.36
CA GLY B 91 -6.83 12.86 3.67
C GLY B 91 -6.22 13.68 2.56
N GLU B 92 -4.94 13.46 2.25
CA GLU B 92 -4.26 14.17 1.18
C GLU B 92 -4.51 13.52 -0.19
N TYR B 93 -4.58 14.36 -1.21
CA TYR B 93 -4.81 13.92 -2.56
C TYR B 93 -3.48 13.61 -3.24
N ILE B 94 -3.51 12.73 -4.25
CA ILE B 94 -2.37 12.56 -5.14
C ILE B 94 -2.79 13.14 -6.47
N ALA B 95 -2.06 14.16 -6.90
CA ALA B 95 -2.45 14.91 -8.09
C ALA B 95 -2.06 14.17 -9.35
N ILE B 96 -2.84 14.38 -10.41
CA ILE B 96 -2.47 13.99 -11.76
C ILE B 96 -2.54 15.29 -12.55
N ASP B 97 -1.37 15.76 -12.99
CA ASP B 97 -1.14 17.15 -13.42
C ASP B 97 -0.72 17.18 -14.90
N GLY B 98 -1.51 17.88 -15.71
CA GLY B 98 -1.19 17.98 -17.15
C GLY B 98 -0.45 19.25 -17.57
N SER B 99 0.09 20.01 -16.61
CA SER B 99 0.66 21.32 -16.92
C SER B 99 1.94 21.24 -17.75
N ASN B 100 2.63 20.09 -17.71
CA ASN B 100 3.80 19.91 -18.56
C ASN B 100 3.45 19.86 -20.05
N TYR B 101 2.35 19.21 -20.43
CA TYR B 101 1.96 19.12 -21.87
C TYR B 101 0.82 20.03 -22.32
N ILE B 102 0.10 20.63 -21.38
CA ILE B 102 -0.99 21.55 -21.71
C ILE B 102 -0.49 22.97 -21.45
N LYS B 103 0.22 23.53 -22.41
CA LYS B 103 0.81 24.85 -22.28
C LYS B 103 -0.16 25.89 -22.78
N GLY B 104 0.01 27.11 -22.28
CA GLY B 104 -0.91 28.19 -22.55
C GLY B 104 -1.20 28.87 -21.23
N GLU B 105 -1.81 30.04 -21.29
CA GLU B 105 -2.07 30.80 -20.07
C GLU B 105 -3.56 31.05 -19.96
N GLY B 106 -4.15 30.48 -18.92
CA GLY B 106 -5.58 30.56 -18.70
C GLY B 106 -6.34 29.72 -19.72
N ALA B 107 -7.49 30.24 -20.13
CA ALA B 107 -8.36 29.55 -21.06
C ALA B 107 -7.74 29.41 -22.45
N LYS B 108 -6.75 30.26 -22.75
CA LYS B 108 -6.04 30.18 -24.04
C LYS B 108 -5.28 28.86 -24.22
N ALA B 109 -5.03 28.19 -23.10
CA ALA B 109 -4.46 26.84 -23.09
C ALA B 109 -5.34 25.74 -23.70
N CYS B 110 -6.60 26.03 -23.97
CA CYS B 110 -7.58 25.00 -24.29
C CYS B 110 -8.43 25.27 -25.55
N PRO B 111 -7.87 25.01 -26.74
CA PRO B 111 -8.63 25.14 -27.97
C PRO B 111 -9.89 24.32 -27.91
N GLY B 112 -10.93 24.79 -28.62
CA GLY B 112 -12.17 24.05 -28.76
C GLY B 112 -12.17 23.21 -30.01
N ALA B 113 -13.32 22.61 -30.33
CA ALA B 113 -13.50 21.87 -31.60
C ALA B 113 -13.13 22.74 -32.81
N ASN B 114 -13.57 23.99 -32.81
CA ASN B 114 -12.99 25.02 -33.66
C ASN B 114 -11.73 25.57 -32.96
N PRO B 115 -10.55 25.43 -33.59
CA PRO B 115 -9.30 25.82 -32.91
C PRO B 115 -9.09 27.32 -32.65
N GLU B 116 -9.87 28.20 -33.29
CA GLU B 116 -9.80 29.64 -33.01
C GLU B 116 -10.66 30.00 -31.80
N GLN B 117 -11.62 29.12 -31.46
CA GLN B 117 -12.33 29.20 -30.18
C GLN B 117 -11.51 28.54 -29.08
N TYR B 118 -11.60 29.05 -27.87
CA TYR B 118 -10.86 28.49 -26.75
C TYR B 118 -11.68 28.52 -25.46
N GLY B 119 -11.22 27.80 -24.45
CA GLY B 119 -11.80 27.85 -23.11
C GLY B 119 -12.95 26.89 -22.80
N THR B 120 -13.84 27.34 -21.91
CA THR B 120 -14.87 26.48 -21.33
C THR B 120 -16.29 26.67 -21.88
N ASN B 121 -16.55 27.83 -22.49
CA ASN B 121 -17.89 28.14 -23.00
C ASN B 121 -17.96 28.03 -24.52
N VAL B 122 -17.47 26.91 -25.04
CA VAL B 122 -17.47 26.60 -26.46
C VAL B 122 -17.58 25.09 -26.59
N ARG B 123 -18.09 24.58 -27.70
CA ARG B 123 -18.10 23.13 -27.94
C ARG B 123 -16.64 22.65 -27.88
N THR B 124 -16.34 21.65 -27.04
CA THR B 124 -14.97 21.18 -26.86
C THR B 124 -14.99 19.84 -26.14
N MET B 125 -14.16 18.93 -26.59
CA MET B 125 -13.87 17.71 -25.83
C MET B 125 -12.37 17.52 -25.77
N THR B 126 -11.65 18.64 -25.80
CA THR B 126 -10.21 18.64 -25.99
C THR B 126 -9.44 18.48 -24.69
N LEU B 127 -8.34 17.74 -24.78
CA LEU B 127 -7.32 17.67 -23.76
C LEU B 127 -7.85 17.31 -22.39
N PRO B 128 -8.44 16.11 -22.28
CA PRO B 128 -8.88 15.57 -20.99
C PRO B 128 -7.73 14.90 -20.23
N GLY B 129 -7.83 14.87 -18.89
CA GLY B 129 -6.88 14.14 -18.06
C GLY B 129 -7.18 12.65 -18.00
N LEU B 130 -8.43 12.30 -17.77
CA LEU B 130 -8.84 10.90 -17.79
C LEU B 130 -10.08 10.78 -18.64
N VAL B 131 -10.05 9.88 -19.59
CA VAL B 131 -11.18 9.67 -20.46
C VAL B 131 -11.87 8.36 -20.12
N LEU B 132 -13.12 8.46 -19.72
CA LEU B 132 -13.99 7.31 -19.47
C LEU B 132 -14.98 7.26 -20.61
N ARG B 133 -14.66 6.49 -21.65
CA ARG B 133 -15.49 6.44 -22.85
C ARG B 133 -15.72 4.99 -23.30
N ASP B 134 -16.98 4.66 -23.60
CA ASP B 134 -17.38 3.29 -23.99
C ASP B 134 -16.91 2.27 -22.97
N VAL B 135 -17.08 2.61 -21.71
CA VAL B 135 -16.68 1.75 -20.59
C VAL B 135 -17.56 2.08 -19.40
N ASN B 136 -17.74 1.12 -18.51
CA ASN B 136 -18.58 1.32 -17.33
C ASN B 136 -17.91 0.86 -16.05
N ASN B 137 -18.49 1.26 -14.91
CA ASN B 137 -18.10 0.82 -13.56
C ASN B 137 -16.69 1.25 -13.15
N VAL B 138 -16.28 2.45 -13.56
CA VAL B 138 -15.00 3.01 -13.14
C VAL B 138 -15.17 3.81 -11.85
N THR B 139 -14.24 3.59 -10.90
CA THR B 139 -14.16 4.38 -9.68
C THR B 139 -12.91 5.22 -9.66
N LEU B 140 -13.06 6.49 -9.31
CA LEU B 140 -11.95 7.37 -9.03
C LEU B 140 -12.08 7.84 -7.60
N LYS B 141 -11.02 7.65 -6.81
CA LYS B 141 -11.01 8.06 -5.42
C LYS B 141 -9.63 8.60 -5.05
N GLY B 142 -9.59 9.66 -4.24
CA GLY B 142 -8.32 10.13 -3.64
C GLY B 142 -7.38 10.91 -4.55
N LEU B 143 -7.87 11.40 -5.68
CA LEU B 143 -7.05 12.07 -6.67
C LEU B 143 -7.33 13.56 -6.74
N ASP B 144 -6.34 14.32 -7.21
CA ASP B 144 -6.54 15.70 -7.64
C ASP B 144 -6.30 15.78 -9.15
N ILE B 145 -7.37 15.94 -9.93
CA ILE B 145 -7.26 16.03 -11.38
C ILE B 145 -6.99 17.49 -11.72
N HIS B 146 -5.70 17.81 -11.91
CA HIS B 146 -5.18 19.19 -11.88
C HIS B 146 -4.65 19.64 -13.25
N ARG B 147 -5.00 20.86 -13.63
CA ARG B 147 -4.51 21.54 -14.82
C ARG B 147 -4.50 20.76 -16.13
N PHE B 148 -5.67 20.22 -16.46
CA PHE B 148 -6.01 19.80 -17.80
C PHE B 148 -7.00 20.81 -18.35
N CYS B 149 -7.66 20.47 -19.45
CA CYS B 149 -8.73 21.29 -20.02
C CYS B 149 -10.07 20.77 -19.55
N ILE B 150 -10.29 19.48 -19.77
CA ILE B 150 -11.34 18.74 -19.11
C ILE B 150 -10.64 17.84 -18.10
N GLY B 151 -11.10 17.87 -16.85
CA GLY B 151 -10.50 17.03 -15.82
C GLY B 151 -10.79 15.57 -16.09
N VAL B 152 -12.07 15.21 -16.00
CA VAL B 152 -12.53 13.86 -16.29
C VAL B 152 -13.64 13.92 -17.33
N LEU B 153 -13.42 13.24 -18.45
CA LEU B 153 -14.39 13.17 -19.52
C LEU B 153 -15.13 11.84 -19.41
N ILE B 154 -16.44 11.90 -19.16
CA ILE B 154 -17.28 10.72 -19.10
C ILE B 154 -18.22 10.83 -20.28
N ASN B 155 -18.06 9.94 -21.24
CA ASN B 155 -18.75 10.00 -22.53
C ASN B 155 -19.17 8.61 -23.01
N ARG B 156 -20.47 8.36 -23.10
CA ARG B 156 -21.03 7.03 -23.33
C ARG B 156 -20.47 6.02 -22.32
N SER B 157 -20.65 6.35 -21.03
CA SER B 157 -20.02 5.67 -19.92
C SER B 157 -20.90 5.79 -18.69
N SER B 158 -21.14 4.69 -18.00
CA SER B 158 -22.23 4.61 -17.00
C SER B 158 -21.78 3.88 -15.75
N ASN B 159 -22.58 3.96 -14.69
CA ASN B 159 -22.31 3.29 -13.42
C ASN B 159 -20.91 3.55 -12.83
N ASN B 160 -20.41 4.75 -13.04
CA ASN B 160 -19.14 5.14 -12.48
C ASN B 160 -19.35 5.84 -11.16
N LEU B 161 -18.26 5.96 -10.42
CA LEU B 161 -18.25 6.54 -9.09
C LEU B 161 -17.07 7.48 -8.97
N ILE B 162 -17.34 8.73 -8.67
CA ILE B 162 -16.30 9.69 -8.46
C ILE B 162 -16.49 10.30 -7.08
N GLN B 163 -15.72 9.84 -6.10
CA GLN B 163 -15.77 10.47 -4.79
C GLN B 163 -14.45 10.62 -4.07
N HIS B 164 -14.48 11.56 -3.11
CA HIS B 164 -13.34 11.95 -2.30
C HIS B 164 -12.16 12.40 -3.19
N ASN B 165 -12.46 13.11 -4.27
CA ASN B 165 -11.41 13.67 -5.13
C ASN B 165 -11.40 15.17 -5.08
N ARG B 166 -10.30 15.75 -5.54
CA ARG B 166 -10.24 17.16 -5.86
C ARG B 166 -10.21 17.27 -7.38
N ILE B 167 -10.90 18.26 -7.92
CA ILE B 167 -10.92 18.51 -9.35
C ILE B 167 -10.57 19.99 -9.50
N SER B 168 -9.35 20.26 -9.96
CA SER B 168 -8.82 21.63 -9.87
C SER B 168 -8.21 22.18 -11.15
N ASN B 169 -8.46 23.46 -11.37
CA ASN B 169 -7.74 24.26 -12.36
C ASN B 169 -7.84 23.72 -13.78
N ASN B 170 -9.03 23.23 -14.14
CA ASN B 170 -9.30 22.78 -15.49
C ASN B 170 -10.05 23.88 -16.21
N TYR B 171 -9.40 24.47 -17.20
CA TYR B 171 -9.87 25.72 -17.80
C TYR B 171 -10.55 25.58 -19.16
N GLY B 172 -10.73 24.34 -19.60
CA GLY B 172 -11.42 24.03 -20.86
C GLY B 172 -12.83 23.55 -20.61
N GLY B 173 -13.26 22.51 -21.32
CA GLY B 173 -14.64 22.00 -21.26
C GLY B 173 -15.34 22.09 -19.91
N ALA B 174 -14.77 21.41 -18.91
CA ALA B 174 -15.28 21.37 -17.53
C ALA B 174 -14.40 20.50 -16.65
N GLY B 175 -14.47 20.71 -15.33
CA GLY B 175 -13.75 19.83 -14.39
C GLY B 175 -14.16 18.38 -14.60
N VAL B 176 -15.46 18.14 -14.60
CA VAL B 176 -15.97 16.82 -14.95
C VAL B 176 -17.08 17.02 -15.99
N MET B 177 -16.96 16.35 -17.12
CA MET B 177 -17.94 16.47 -18.20
C MET B 177 -18.56 15.12 -18.45
N LEU B 178 -19.84 14.99 -18.08
CA LEU B 178 -20.61 13.82 -18.42
C LEU B 178 -21.43 14.17 -19.66
N THR B 179 -21.09 13.57 -20.80
CA THR B 179 -21.81 13.85 -22.05
C THR B 179 -22.18 12.60 -22.82
N GLY B 180 -23.43 12.52 -23.27
CA GLY B 180 -23.90 11.42 -24.10
C GLY B 180 -23.62 11.57 -25.58
N ASP B 181 -22.77 12.55 -25.92
CA ASP B 181 -22.35 12.80 -27.30
C ASP B 181 -22.06 11.48 -28.03
N ASP B 182 -22.72 11.25 -29.15
CA ASP B 182 -22.57 9.99 -29.90
C ASP B 182 -21.33 9.98 -30.78
N GLY B 183 -20.59 11.11 -30.79
CA GLY B 183 -19.43 11.28 -31.68
C GLY B 183 -19.72 12.38 -32.68
N GLN B 184 -20.91 12.32 -33.28
CA GLN B 184 -21.34 13.27 -34.31
C GLN B 184 -21.87 14.58 -33.68
N GLY B 185 -22.15 14.58 -32.36
CA GLY B 185 -22.66 15.76 -31.66
C GLY B 185 -24.10 15.62 -31.16
N ASN B 186 -24.72 14.46 -31.41
CA ASN B 186 -26.10 14.20 -31.05
C ASN B 186 -26.18 13.60 -29.66
N PRO B 187 -27.26 13.87 -28.92
CA PRO B 187 -27.40 13.26 -27.60
C PRO B 187 -27.74 11.79 -27.67
N THR B 188 -27.40 11.05 -26.61
CA THR B 188 -27.90 9.69 -26.42
C THR B 188 -28.47 9.62 -25.01
N ALA B 189 -29.58 8.90 -24.88
CA ALA B 189 -30.34 8.85 -23.64
C ALA B 189 -30.00 7.67 -22.72
N THR B 190 -29.32 6.64 -23.23
CA THR B 190 -29.06 5.46 -22.43
C THR B 190 -27.59 5.06 -22.30
N THR B 191 -26.68 6.00 -22.45
CA THR B 191 -25.24 5.66 -22.51
C THR B 191 -24.40 6.23 -21.37
N THR B 192 -24.86 7.34 -20.79
CA THR B 192 -24.04 8.12 -19.87
C THR B 192 -24.85 8.35 -18.61
N ASN B 193 -25.24 7.24 -17.99
CA ASN B 193 -26.23 7.27 -16.94
C ASN B 193 -25.79 6.61 -15.67
N ASN B 194 -26.57 6.84 -14.62
CA ASN B 194 -26.40 6.16 -13.33
C ASN B 194 -25.02 6.35 -12.71
N ASN B 195 -24.38 7.48 -13.04
CA ASN B 195 -23.10 7.80 -12.44
C ASN B 195 -23.33 8.51 -11.13
N LYS B 196 -22.34 8.45 -10.24
CA LYS B 196 -22.41 9.16 -8.98
C LYS B 196 -21.19 10.06 -8.88
N VAL B 197 -21.42 11.27 -8.40
CA VAL B 197 -20.36 12.22 -8.12
C VAL B 197 -20.62 12.75 -6.71
N LEU B 198 -19.80 12.32 -5.77
CA LEU B 198 -20.04 12.54 -4.33
C LEU B 198 -18.79 13.07 -3.60
N ASP B 199 -18.99 13.92 -2.59
CA ASP B 199 -17.91 14.41 -1.72
CA ASP B 199 -17.92 14.40 -1.71
C ASP B 199 -16.62 14.78 -2.46
N ASN B 200 -16.72 15.61 -3.50
CA ASN B 200 -15.53 16.15 -4.17
C ASN B 200 -15.43 17.68 -4.02
N ILE B 201 -14.21 18.20 -4.05
CA ILE B 201 -13.99 19.63 -4.11
C ILE B 201 -13.68 19.99 -5.55
N PHE B 202 -14.55 20.77 -6.17
CA PHE B 202 -14.31 21.30 -7.51
C PHE B 202 -13.83 22.74 -7.34
N GLN B 203 -12.56 23.00 -7.62
CA GLN B 203 -12.02 24.34 -7.41
C GLN B 203 -11.41 24.98 -8.66
N ASP B 204 -11.77 26.24 -8.89
CA ASP B 204 -11.22 27.01 -10.01
C ASP B 204 -11.24 26.24 -11.33
N ASN B 205 -12.38 25.66 -11.65
CA ASN B 205 -12.61 25.11 -12.98
C ASN B 205 -13.52 26.09 -13.69
N GLY B 206 -13.30 26.28 -14.98
CA GLY B 206 -14.13 27.21 -15.75
C GLY B 206 -15.59 26.89 -15.56
N ASP B 207 -15.96 25.66 -15.95
CA ASP B 207 -17.26 25.09 -15.65
C ASP B 207 -16.92 23.98 -14.67
N GLY B 208 -17.50 24.00 -13.48
CA GLY B 208 -17.25 22.93 -12.50
C GLY B 208 -17.61 21.55 -13.02
N LEU B 209 -18.87 21.34 -13.41
CA LEU B 209 -19.33 20.03 -13.89
C LEU B 209 -20.45 20.19 -14.90
N GLU B 210 -20.39 19.40 -15.97
CA GLU B 210 -21.38 19.45 -17.06
C GLU B 210 -22.14 18.14 -17.12
N LEU B 211 -23.45 18.27 -17.29
CA LEU B 211 -24.34 17.16 -17.63
C LEU B 211 -24.92 17.53 -18.98
N THR B 212 -24.50 16.86 -20.05
CA THR B 212 -24.85 17.32 -21.39
C THR B 212 -25.17 16.21 -22.41
N ARG B 213 -25.91 16.61 -23.45
CA ARG B 213 -26.22 15.76 -24.60
C ARG B 213 -26.74 14.37 -24.20
N GLY B 214 -27.76 14.37 -23.36
CA GLY B 214 -28.52 13.15 -23.06
C GLY B 214 -28.17 12.43 -21.77
N ALA B 215 -27.04 12.80 -21.17
CA ALA B 215 -26.59 12.17 -19.93
C ALA B 215 -27.69 12.29 -18.91
N ALA B 216 -28.05 11.16 -18.31
CA ALA B 216 -29.24 11.10 -17.50
C ALA B 216 -29.14 10.22 -16.26
N PHE B 217 -30.13 10.35 -15.38
CA PHE B 217 -30.23 9.61 -14.12
C PHE B 217 -28.89 9.51 -13.40
N ASN B 218 -28.17 10.62 -13.37
CA ASN B 218 -26.95 10.73 -12.57
C ASN B 218 -27.25 11.42 -11.26
N LEU B 219 -26.45 11.09 -10.27
CA LEU B 219 -26.53 11.75 -8.96
C LEU B 219 -25.28 12.60 -8.71
N ILE B 220 -25.49 13.90 -8.57
CA ILE B 220 -24.41 14.80 -8.24
C ILE B 220 -24.74 15.33 -6.86
N ALA B 221 -23.98 14.94 -5.84
CA ALA B 221 -24.36 15.31 -4.49
C ALA B 221 -23.19 15.55 -3.55
N ASN B 222 -23.42 16.44 -2.58
CA ASN B 222 -22.48 16.73 -1.53
C ASN B 222 -21.08 17.11 -2.05
N ASN B 223 -21.04 17.91 -3.10
CA ASN B 223 -19.79 18.47 -3.62
C ASN B 223 -19.71 19.95 -3.32
N HIS B 224 -18.50 20.46 -3.25
CA HIS B 224 -18.26 21.89 -3.10
C HIS B 224 -17.78 22.42 -4.46
N PHE B 225 -18.57 23.30 -5.06
CA PHE B 225 -18.19 23.96 -6.32
C PHE B 225 -17.81 25.41 -6.03
N VAL B 226 -16.51 25.69 -6.09
CA VAL B 226 -15.99 26.97 -5.65
C VAL B 226 -15.04 27.57 -6.70
N SER B 227 -15.17 28.87 -6.93
CA SER B 227 -14.26 29.65 -7.77
C SER B 227 -13.62 30.77 -6.95
N THR B 228 -12.37 31.09 -7.26
CA THR B 228 -11.62 32.19 -6.66
C THR B 228 -11.14 33.13 -7.75
N LYS B 229 -10.47 34.20 -7.37
CA LYS B 229 -9.96 35.18 -8.33
C LYS B 229 -8.89 34.60 -9.26
N ALA B 230 -8.38 33.41 -8.95
CA ALA B 230 -7.46 32.70 -9.82
C ALA B 230 -8.12 32.13 -11.08
N ASN B 231 -9.43 31.95 -11.07
CA ASN B 231 -10.09 31.30 -12.19
C ASN B 231 -10.12 32.25 -13.41
N PRO B 232 -9.46 31.84 -14.51
CA PRO B 232 -9.46 32.64 -15.73
C PRO B 232 -10.85 33.01 -16.22
N GLU B 233 -11.74 32.01 -16.38
CA GLU B 233 -13.15 32.31 -16.70
C GLU B 233 -14.16 31.60 -15.82
N PRO B 234 -14.60 32.25 -14.74
CA PRO B 234 -15.55 31.69 -13.78
C PRO B 234 -16.98 31.70 -14.33
N SER B 235 -17.42 30.56 -14.83
CA SER B 235 -18.66 30.46 -15.59
C SER B 235 -19.77 29.80 -14.77
N GLN B 236 -19.98 28.51 -14.94
CA GLN B 236 -21.07 27.80 -14.32
C GLN B 236 -20.51 26.74 -13.39
N GLY B 237 -20.91 26.76 -12.12
CA GLY B 237 -20.60 25.65 -11.20
C GLY B 237 -21.05 24.32 -11.77
N ILE B 238 -22.34 24.21 -12.10
CA ILE B 238 -22.83 23.11 -12.90
C ILE B 238 -23.57 23.69 -14.10
N GLU B 239 -23.31 23.15 -15.27
CA GLU B 239 -24.03 23.49 -16.49
C GLU B 239 -24.75 22.23 -16.97
N ILE B 240 -26.06 22.33 -17.14
CA ILE B 240 -26.85 21.24 -17.70
C ILE B 240 -27.28 21.68 -19.09
N LEU B 241 -26.67 21.08 -20.11
CA LEU B 241 -26.88 21.47 -21.50
C LEU B 241 -27.45 20.27 -22.27
N TRP B 242 -28.77 20.21 -22.37
CA TRP B 242 -29.48 19.07 -22.93
C TRP B 242 -29.24 17.78 -22.13
N GLY B 243 -28.89 17.91 -20.85
CA GLY B 243 -28.80 16.77 -19.93
C GLY B 243 -30.14 16.61 -19.22
N ASN B 244 -30.53 15.37 -18.93
CA ASN B 244 -31.89 15.13 -18.45
C ASN B 244 -32.02 14.15 -17.29
N ASP B 245 -33.10 14.29 -16.53
CA ASP B 245 -33.49 13.30 -15.55
C ASP B 245 -32.43 13.02 -14.49
N ASN B 246 -31.65 14.05 -14.15
CA ASN B 246 -30.59 13.91 -13.15
C ASN B 246 -31.05 14.43 -11.79
N ALA B 247 -30.29 14.07 -10.76
CA ALA B 247 -30.52 14.58 -9.43
C ALA B 247 -29.28 15.31 -8.95
N VAL B 248 -29.47 16.55 -8.50
CA VAL B 248 -28.41 17.41 -8.04
C VAL B 248 -28.80 17.87 -6.64
N VAL B 249 -28.16 17.31 -5.64
CA VAL B 249 -28.61 17.41 -4.27
C VAL B 249 -27.47 17.73 -3.34
N GLY B 250 -27.71 18.68 -2.43
CA GLY B 250 -26.84 18.89 -1.26
C GLY B 250 -25.45 19.41 -1.55
N ASN B 251 -25.30 20.18 -2.63
CA ASN B 251 -24.01 20.76 -3.00
C ASN B 251 -23.96 22.23 -2.62
N LYS B 252 -22.76 22.75 -2.53
CA LYS B 252 -22.54 24.18 -2.31
C LYS B 252 -21.89 24.82 -3.54
N PHE B 253 -22.44 25.94 -4.00
CA PHE B 253 -21.94 26.64 -5.18
C PHE B 253 -21.59 28.11 -4.86
N GLU B 254 -20.29 28.47 -4.94
CA GLU B 254 -19.80 29.82 -4.63
C GLU B 254 -19.05 30.50 -5.76
N ASN B 255 -19.28 31.81 -5.91
CA ASN B 255 -18.39 32.71 -6.68
C ASN B 255 -18.31 32.51 -8.20
N TYR B 256 -19.32 31.87 -8.77
CA TYR B 256 -19.39 31.67 -10.23
C TYR B 256 -20.29 32.73 -10.87
N SER B 257 -20.34 32.75 -12.19
CA SER B 257 -21.28 33.63 -12.89
C SER B 257 -22.69 33.12 -12.62
N ASP B 258 -22.90 31.83 -12.88
CA ASP B 258 -24.11 31.15 -12.42
C ASP B 258 -23.69 30.00 -11.53
N GLY B 259 -24.31 29.87 -10.36
CA GLY B 259 -24.10 28.69 -9.53
C GLY B 259 -24.41 27.43 -10.33
N LEU B 260 -25.63 27.36 -10.83
CA LEU B 260 -26.03 26.30 -11.72
C LEU B 260 -26.83 26.92 -12.86
N GLN B 261 -26.49 26.57 -14.10
CA GLN B 261 -27.18 27.08 -15.27
C GLN B 261 -27.72 25.89 -16.04
N ILE B 262 -28.99 25.96 -16.40
CA ILE B 262 -29.55 24.94 -17.27
C ILE B 262 -29.77 25.55 -18.63
N ASN B 263 -29.28 24.87 -19.67
CA ASN B 263 -29.54 25.23 -21.04
C ASN B 263 -30.29 24.10 -21.74
N TRP B 264 -31.62 24.10 -21.57
CA TRP B 264 -32.54 23.26 -22.35
C TRP B 264 -32.50 21.76 -22.01
N GLY B 265 -31.82 21.40 -20.93
CA GLY B 265 -31.95 20.06 -20.36
C GLY B 265 -33.30 19.97 -19.67
N LYS B 266 -33.84 18.76 -19.52
CA LYS B 266 -35.18 18.60 -19.00
C LYS B 266 -35.25 17.68 -17.78
N ARG B 267 -36.20 17.96 -16.90
CA ARG B 267 -36.64 17.03 -15.84
C ARG B 267 -35.55 16.66 -14.82
N ASN B 268 -34.73 17.64 -14.46
CA ASN B 268 -33.71 17.46 -13.45
C ASN B 268 -34.26 17.92 -12.11
N TYR B 269 -33.95 17.16 -11.07
CA TYR B 269 -34.37 17.45 -9.73
C TYR B 269 -33.17 18.05 -9.01
N ILE B 270 -33.25 19.35 -8.76
CA ILE B 270 -32.20 20.13 -8.12
C ILE B 270 -32.68 20.51 -6.71
N ALA B 271 -32.10 19.92 -5.67
CA ALA B 271 -32.64 20.14 -4.33
C ALA B 271 -31.62 20.30 -3.21
N TYR B 272 -31.97 21.15 -2.23
CA TYR B 272 -31.17 21.31 -1.00
C TYR B 272 -29.73 21.69 -1.27
N ASN B 273 -29.52 22.49 -2.30
CA ASN B 273 -28.21 23.06 -2.60
C ASN B 273 -28.10 24.46 -2.01
N GLU B 274 -26.88 24.90 -1.74
CA GLU B 274 -26.64 26.28 -1.34
C GLU B 274 -25.93 27.02 -2.46
N MET B 275 -26.55 28.09 -2.95
CA MET B 275 -25.99 28.95 -4.01
C MET B 275 -25.71 30.33 -3.42
N THR B 276 -24.45 30.74 -3.39
CA THR B 276 -24.10 32.00 -2.74
C THR B 276 -22.93 32.70 -3.47
N ASN B 277 -22.94 34.04 -3.45
CA ASN B 277 -21.93 34.86 -4.12
C ASN B 277 -21.75 34.62 -5.61
N ASN B 278 -22.81 34.19 -6.27
CA ASN B 278 -22.78 34.07 -7.71
C ASN B 278 -23.47 35.30 -8.27
N SER B 279 -23.32 35.57 -9.57
CA SER B 279 -24.08 36.65 -10.16
C SER B 279 -25.55 36.21 -10.19
N ILE B 280 -25.77 35.00 -10.67
CA ILE B 280 -27.06 34.36 -10.60
C ILE B 280 -26.91 33.03 -9.84
N GLY B 281 -27.84 32.77 -8.92
CA GLY B 281 -27.85 31.51 -8.18
C GLY B 281 -28.21 30.35 -9.10
N PHE B 282 -29.42 30.37 -9.65
CA PHE B 282 -29.85 29.38 -10.63
C PHE B 282 -30.25 30.12 -11.90
N ASN B 283 -29.63 29.78 -13.02
CA ASN B 283 -29.95 30.38 -14.30
C ASN B 283 -30.71 29.34 -15.13
N MET B 284 -32.02 29.48 -15.19
CA MET B 284 -32.88 28.34 -15.55
C MET B 284 -33.57 28.43 -16.91
N THR B 285 -33.59 27.29 -17.59
CA THR B 285 -34.51 26.99 -18.69
C THR B 285 -34.80 25.51 -18.62
N GLY B 286 -35.65 25.02 -19.51
CA GLY B 286 -35.81 23.58 -19.74
C GLY B 286 -37.06 23.01 -19.08
N ASP B 287 -37.88 22.33 -19.87
CA ASP B 287 -39.15 21.79 -19.39
C ASP B 287 -38.93 20.75 -18.29
N GLY B 288 -39.68 20.87 -17.20
CA GLY B 288 -39.73 19.83 -16.16
C GLY B 288 -38.66 19.89 -15.08
N ASN B 289 -37.81 20.91 -15.10
CA ASN B 289 -36.80 21.06 -14.06
C ASN B 289 -37.43 21.61 -12.80
N ILE B 290 -37.01 21.06 -11.66
CA ILE B 290 -37.55 21.40 -10.36
C ILE B 290 -36.44 21.85 -9.44
N LEU B 291 -36.60 23.06 -8.89
CA LEU B 291 -35.76 23.53 -7.81
C LEU B 291 -36.53 23.38 -6.52
N ASP B 292 -36.06 22.50 -5.63
CA ASP B 292 -36.77 22.18 -4.39
C ASP B 292 -35.89 22.46 -3.18
N SER B 293 -36.35 23.36 -2.31
CA SER B 293 -35.73 23.56 -0.99
C SER B 293 -34.26 23.95 -1.02
N ASN B 294 -33.85 24.70 -2.04
CA ASN B 294 -32.49 25.22 -2.12
C ASN B 294 -32.35 26.48 -1.28
N LYS B 295 -31.13 26.76 -0.84
CA LYS B 295 -30.81 28.02 -0.20
C LYS B 295 -30.05 28.88 -1.17
N VAL B 296 -30.65 30.00 -1.56
CA VAL B 296 -30.13 30.88 -2.60
C VAL B 296 -29.98 32.29 -2.03
N HIS B 297 -28.75 32.69 -1.72
CA HIS B 297 -28.51 33.95 -1.00
C HIS B 297 -27.17 34.61 -1.34
N GLY B 298 -27.16 35.94 -1.38
CA GLY B 298 -25.92 36.70 -1.59
C GLY B 298 -25.50 36.76 -3.04
N ASN B 299 -26.48 36.66 -3.94
CA ASN B 299 -26.26 36.75 -5.38
C ASN B 299 -26.88 38.05 -5.93
N ARG B 300 -26.56 38.43 -7.17
CA ARG B 300 -27.23 39.57 -7.78
C ARG B 300 -28.68 39.19 -8.02
N ILE B 301 -28.88 38.05 -8.66
CA ILE B 301 -30.21 37.49 -8.86
C ILE B 301 -30.24 36.09 -8.26
N GLY B 302 -31.28 35.78 -7.50
CA GLY B 302 -31.40 34.46 -6.90
C GLY B 302 -31.64 33.39 -7.95
N VAL B 303 -32.83 33.43 -8.54
CA VAL B 303 -33.20 32.49 -9.58
C VAL B 303 -33.64 33.29 -10.78
N ALA B 304 -32.98 33.05 -11.91
CA ALA B 304 -33.41 33.63 -13.16
C ALA B 304 -34.06 32.57 -14.00
N ILE B 305 -35.16 32.90 -14.66
CA ILE B 305 -35.80 31.98 -15.62
C ILE B 305 -35.89 32.65 -16.99
N ARG B 306 -35.09 32.12 -17.93
CA ARG B 306 -34.94 32.74 -19.22
C ARG B 306 -36.02 32.33 -20.18
N SER B 307 -36.24 33.16 -21.19
CA SER B 307 -37.09 32.78 -22.29
C SER B 307 -36.31 31.80 -23.15
N GLU B 308 -37.03 30.95 -23.86
CA GLU B 308 -36.42 29.93 -24.71
C GLU B 308 -37.38 29.56 -25.83
N LYS B 309 -36.89 28.81 -26.81
CA LYS B 309 -37.69 28.47 -27.98
C LYS B 309 -38.84 27.56 -27.65
N ASP B 310 -38.63 26.60 -26.76
CA ASP B 310 -39.71 25.75 -26.27
C ASP B 310 -40.63 26.59 -25.41
N ALA B 311 -41.77 26.96 -25.97
CA ALA B 311 -42.76 27.76 -25.26
C ALA B 311 -43.61 26.95 -24.29
N ASN B 312 -43.40 25.62 -24.22
CA ASN B 312 -44.10 24.79 -23.26
C ASN B 312 -43.26 24.28 -22.10
N ALA B 313 -42.07 24.85 -21.96
CA ALA B 313 -41.20 24.49 -20.84
C ALA B 313 -41.76 25.05 -19.54
N LYS B 314 -41.87 24.22 -18.52
CA LYS B 314 -42.29 24.70 -17.21
C LYS B 314 -41.16 24.39 -16.24
N ILE B 315 -40.73 25.43 -15.54
CA ILE B 315 -39.70 25.36 -14.52
C ILE B 315 -40.39 25.57 -13.18
N THR B 316 -40.21 24.64 -12.26
CA THR B 316 -40.90 24.61 -10.97
C THR B 316 -39.98 25.09 -9.85
N LEU B 317 -40.49 25.94 -8.95
CA LEU B 317 -39.79 26.23 -7.70
C LEU B 317 -40.72 25.94 -6.53
N THR B 318 -40.24 25.19 -5.56
CA THR B 318 -41.01 24.87 -4.35
C THR B 318 -40.13 24.87 -3.10
N LYS B 319 -40.59 25.58 -2.08
CA LYS B 319 -39.93 25.69 -0.76
C LYS B 319 -38.49 26.21 -0.78
N ASN B 320 -38.10 26.95 -1.81
CA ASN B 320 -36.73 27.49 -1.86
C ASN B 320 -36.62 28.68 -0.92
N LEU B 321 -35.56 28.72 -0.13
CA LEU B 321 -35.26 29.89 0.68
C LEU B 321 -34.36 30.79 -0.15
N ILE B 322 -34.93 31.89 -0.61
CA ILE B 322 -34.23 32.80 -1.50
C ILE B 322 -34.28 34.18 -0.89
N TRP B 323 -33.13 34.69 -0.47
CA TRP B 323 -33.10 35.95 0.25
C TRP B 323 -31.72 36.60 0.14
N ASP B 324 -31.66 37.87 0.51
CA ASP B 324 -30.42 38.61 0.58
C ASP B 324 -29.67 38.62 -0.76
N ASN B 325 -30.42 38.81 -1.83
CA ASN B 325 -29.85 38.96 -3.14
C ASN B 325 -29.90 40.42 -3.54
N GLY B 326 -29.72 40.72 -4.83
CA GLY B 326 -29.58 42.10 -5.27
C GLY B 326 -28.18 42.64 -4.98
N LYS B 327 -27.23 41.77 -4.67
CA LYS B 327 -25.83 42.15 -4.49
C LYS B 327 -25.22 42.63 -5.82
N ASP B 328 -24.26 43.53 -5.73
CA ASP B 328 -23.62 44.09 -6.92
C ASP B 328 -22.51 43.11 -7.32
N ILE B 329 -22.91 41.99 -7.89
CA ILE B 329 -21.98 40.95 -8.34
C ILE B 329 -22.21 40.71 -9.83
N LYS B 330 -21.46 41.47 -10.64
CA LYS B 330 -21.56 41.39 -12.08
C LYS B 330 -20.41 40.53 -12.56
N ARG B 331 -20.74 39.30 -12.95
CA ARG B 331 -19.75 38.34 -13.39
C ARG B 331 -20.46 37.49 -14.43
N CYS B 332 -20.03 37.62 -15.68
CA CYS B 332 -20.84 37.18 -16.79
C CYS B 332 -20.02 36.48 -17.85
N GLU B 333 -19.45 35.34 -17.47
CA GLU B 333 -18.81 34.47 -18.43
C GLU B 333 -19.85 33.45 -18.94
N ALA B 334 -20.58 33.83 -19.98
CA ALA B 334 -21.61 32.99 -20.63
C ALA B 334 -22.84 32.74 -19.76
N GLY B 335 -23.01 33.61 -18.77
CA GLY B 335 -24.20 33.63 -17.95
C GLY B 335 -24.16 34.85 -17.05
N GLY B 336 -24.81 34.76 -15.90
CA GLY B 336 -24.76 35.84 -14.91
C GLY B 336 -25.58 37.04 -15.31
N SER B 337 -25.57 38.06 -14.47
CA SER B 337 -26.22 39.31 -14.83
C SER B 337 -25.25 40.48 -14.73
N CYS B 338 -25.02 41.14 -15.85
CA CYS B 338 -24.25 42.39 -15.88
C CYS B 338 -24.99 43.55 -16.55
N VAL B 339 -26.23 43.33 -17.01
CA VAL B 339 -27.01 44.43 -17.58
C VAL B 339 -27.22 45.45 -16.47
N PRO B 340 -26.82 46.73 -16.70
CA PRO B 340 -26.84 47.72 -15.60
C PRO B 340 -28.23 48.01 -15.03
N ASP B 341 -29.22 48.19 -15.90
CA ASP B 341 -30.59 48.51 -15.47
C ASP B 341 -31.48 47.25 -15.26
N GLN B 342 -30.85 46.12 -14.99
CA GLN B 342 -31.54 44.82 -14.84
C GLN B 342 -32.35 44.76 -13.56
N ARG B 343 -33.57 44.25 -13.68
CA ARG B 343 -34.43 44.02 -12.52
C ARG B 343 -33.84 42.89 -11.67
N LEU B 344 -33.67 43.19 -10.38
CA LEU B 344 -33.01 42.30 -9.44
C LEU B 344 -34.03 41.67 -8.49
N GLY B 345 -33.65 40.60 -7.81
CA GLY B 345 -34.51 40.01 -6.79
C GLY B 345 -34.38 38.50 -6.65
N ALA B 346 -35.38 37.92 -6.00
CA ALA B 346 -35.42 36.51 -5.69
C ALA B 346 -35.60 35.65 -6.94
N ILE B 347 -36.64 35.96 -7.70
CA ILE B 347 -37.00 35.19 -8.89
C ILE B 347 -37.31 36.21 -9.96
N VAL B 348 -36.62 36.13 -11.09
CA VAL B 348 -36.78 37.11 -12.15
C VAL B 348 -36.86 36.45 -13.52
N PHE B 349 -37.91 36.77 -14.28
CA PHE B 349 -38.15 36.20 -15.60
C PHE B 349 -37.38 36.97 -16.68
N ALA B 350 -37.07 36.30 -17.79
CA ALA B 350 -36.58 36.95 -18.99
C ALA B 350 -35.21 37.61 -18.81
N VAL B 351 -34.41 37.09 -17.89
CA VAL B 351 -33.03 37.51 -17.77
C VAL B 351 -32.30 36.99 -19.00
N PRO B 352 -31.44 37.83 -19.60
CA PRO B 352 -30.76 37.32 -20.79
C PRO B 352 -29.48 36.56 -20.46
N ALA B 353 -29.17 35.61 -21.33
CA ALA B 353 -27.91 34.90 -21.37
C ALA B 353 -27.30 34.99 -22.78
N LEU B 354 -26.16 34.31 -22.96
CA LEU B 354 -25.45 34.17 -24.23
C LEU B 354 -26.29 34.19 -25.51
N GLU B 355 -27.40 33.46 -25.52
CA GLU B 355 -28.23 33.37 -26.72
C GLU B 355 -29.23 34.53 -26.90
N HIS B 356 -29.30 35.43 -25.92
CA HIS B 356 -30.31 36.49 -25.90
C HIS B 356 -29.75 37.86 -26.28
N ALA B 357 -30.53 38.60 -27.07
CA ALA B 357 -30.26 40.02 -27.26
C ALA B 357 -30.29 40.75 -25.91
N GLY B 358 -29.46 41.79 -25.78
CA GLY B 358 -29.42 42.61 -24.57
C GLY B 358 -28.41 42.12 -23.56
N PHE B 359 -27.85 40.94 -23.81
CA PHE B 359 -26.94 40.30 -22.87
C PHE B 359 -25.63 41.04 -22.81
N VAL B 360 -25.05 41.09 -21.62
CA VAL B 360 -23.79 41.78 -21.38
C VAL B 360 -22.82 40.82 -20.72
N GLY B 361 -21.73 40.51 -21.43
CA GLY B 361 -20.67 39.66 -20.91
C GLY B 361 -20.03 38.89 -22.04
N SER B 362 -19.09 38.01 -21.70
CA SER B 362 -18.47 37.14 -22.69
C SER B 362 -19.45 36.10 -23.21
N ARG B 363 -19.46 35.87 -24.51
CA ARG B 363 -20.23 34.78 -25.11
C ARG B 363 -19.35 33.58 -25.43
N GLY B 364 -18.12 33.56 -24.89
CA GLY B 364 -17.19 32.46 -25.10
C GLY B 364 -15.90 32.95 -25.71
N GLY B 365 -14.81 32.25 -25.43
CA GLY B 365 -13.48 32.61 -25.90
C GLY B 365 -13.39 32.49 -27.40
N GLY B 366 -13.05 33.60 -28.05
CA GLY B 366 -12.96 33.68 -29.50
C GLY B 366 -14.26 33.42 -30.24
N VAL B 367 -15.39 33.72 -29.62
CA VAL B 367 -16.68 33.57 -30.30
C VAL B 367 -17.22 34.95 -30.62
N ILE B 368 -17.70 35.12 -31.85
CA ILE B 368 -18.57 36.24 -32.20
C ILE B 368 -19.93 35.62 -32.50
N VAL B 369 -20.96 36.07 -31.81
CA VAL B 369 -22.34 35.73 -32.18
C VAL B 369 -22.81 36.86 -33.10
N ASP B 370 -23.61 36.50 -34.09
CA ASP B 370 -24.17 37.44 -35.03
C ASP B 370 -25.40 38.07 -34.37
N PRO B 371 -25.45 39.42 -34.30
CA PRO B 371 -26.68 40.07 -33.83
C PRO B 371 -27.98 39.58 -34.47
N SER B 372 -27.89 39.02 -35.68
CA SER B 372 -29.04 38.43 -36.36
C SER B 372 -29.48 37.11 -35.73
N LYS B 373 -28.59 36.44 -34.98
CA LYS B 373 -28.90 35.17 -34.30
C LYS B 373 -29.30 35.31 -32.82
N GLN B 374 -29.16 36.51 -32.24
CA GLN B 374 -29.47 36.74 -30.83
C GLN B 374 -30.97 36.82 -30.61
N GLN B 375 -31.49 36.03 -29.69
CA GLN B 375 -32.94 35.82 -29.56
C GLN B 375 -33.53 36.88 -28.67
N LYS B 376 -34.78 37.24 -28.98
CA LYS B 376 -35.47 38.28 -28.24
C LYS B 376 -36.66 37.71 -27.48
N THR B 377 -36.95 38.32 -26.34
CA THR B 377 -38.09 37.88 -25.55
C THR B 377 -39.31 38.74 -25.92
N CYS B 378 -40.41 38.09 -26.30
CA CYS B 378 -41.64 38.78 -26.71
C CYS B 378 -42.15 39.73 -25.63
N THR B 379 -42.48 40.95 -26.04
CA THR B 379 -43.07 41.93 -25.12
C THR B 379 -44.57 42.10 -25.33
N GLN B 380 -45.11 41.60 -26.45
CA GLN B 380 -46.57 41.53 -26.63
C GLN B 380 -46.97 40.14 -27.05
N PRO B 381 -48.19 39.68 -26.63
CA PRO B 381 -48.54 38.27 -26.83
C PRO B 381 -48.49 37.75 -28.28
N ASN B 382 -49.01 38.50 -29.24
CA ASN B 382 -49.01 38.12 -30.65
C ASN B 382 -47.68 38.35 -31.39
N GLU B 383 -46.65 38.84 -30.70
CA GLU B 383 -45.40 39.19 -31.38
C GLU B 383 -44.76 37.96 -32.00
N GLN B 384 -44.09 38.17 -33.13
CA GLN B 384 -43.51 37.08 -33.92
C GLN B 384 -42.00 37.11 -33.82
N GLY B 385 -41.37 36.00 -34.20
CA GLY B 385 -39.92 35.88 -34.20
C GLY B 385 -39.29 36.16 -32.84
N CYS B 386 -39.95 35.71 -31.76
CA CYS B 386 -39.41 35.85 -30.42
C CYS B 386 -39.82 34.69 -29.51
N ASN B 387 -39.07 34.52 -28.44
CA ASN B 387 -39.41 33.54 -27.44
C ASN B 387 -40.48 34.06 -26.52
N ALA B 388 -41.50 33.26 -26.26
CA ALA B 388 -42.54 33.61 -25.29
C ALA B 388 -41.97 34.00 -23.94
N GLN B 389 -42.67 34.83 -23.19
CA GLN B 389 -42.37 34.98 -21.77
C GLN B 389 -42.32 33.56 -21.19
N PRO B 390 -41.30 33.26 -20.37
CA PRO B 390 -41.14 31.93 -19.81
C PRO B 390 -42.23 31.55 -18.83
N ASN B 391 -42.33 30.28 -18.51
CA ASN B 391 -43.40 29.74 -17.68
C ASN B 391 -44.78 30.24 -18.16
N GLN B 392 -44.93 30.32 -19.48
CA GLN B 392 -46.20 30.72 -20.10
C GLN B 392 -46.76 32.05 -19.56
N GLY B 393 -45.88 32.95 -19.12
CA GLY B 393 -46.29 34.26 -18.66
C GLY B 393 -47.11 34.29 -17.38
N ILE B 394 -46.97 33.25 -16.56
CA ILE B 394 -47.70 33.19 -15.30
C ILE B 394 -47.38 34.40 -14.41
N LYS B 395 -48.43 34.91 -13.75
CA LYS B 395 -48.36 36.16 -13.02
C LYS B 395 -48.29 35.90 -11.53
N ALA B 396 -47.52 36.71 -10.82
CA ALA B 396 -47.43 36.58 -9.37
C ALA B 396 -48.77 36.93 -8.74
N PRO B 397 -49.13 36.29 -7.63
CA PRO B 397 -50.35 36.65 -6.94
C PRO B 397 -50.28 38.02 -6.24
N LYS B 398 -51.43 38.49 -5.79
CA LYS B 398 -51.59 39.78 -5.12
C LYS B 398 -51.94 39.49 -3.66
N LEU B 399 -51.19 40.10 -2.73
CA LEU B 399 -51.48 39.96 -1.30
C LEU B 399 -52.02 41.27 -0.72
N THR B 400 -53.00 41.16 0.17
CA THR B 400 -53.58 42.30 0.88
C THR B 400 -53.88 41.90 2.32
N ALA B 401 -53.67 42.79 3.28
CA ALA B 401 -53.98 42.51 4.69
C ALA B 401 -55.49 42.59 4.82
N ASN B 402 -56.08 41.65 5.55
CA ASN B 402 -57.55 41.53 5.66
C ASN B 402 -57.96 41.07 7.07
N LYS B 403 -58.12 42.06 7.95
CA LYS B 403 -58.52 41.85 9.34
C LYS B 403 -57.62 40.86 10.07
N GLY B 404 -56.30 41.05 9.96
CA GLY B 404 -55.34 40.17 10.64
C GLY B 404 -55.07 38.86 9.93
N LEU B 405 -55.86 38.54 8.90
CA LEU B 405 -55.56 37.45 7.95
C LEU B 405 -54.86 37.99 6.72
N VAL B 406 -54.24 37.08 5.96
CA VAL B 406 -53.59 37.45 4.73
C VAL B 406 -54.46 36.91 3.59
N ALA B 407 -54.93 37.84 2.76
CA ALA B 407 -55.82 37.51 1.65
C ALA B 407 -55.00 37.43 0.38
N VAL B 408 -55.08 36.30 -0.30
CA VAL B 408 -54.33 36.12 -1.54
C VAL B 408 -55.29 36.10 -2.71
N GLU B 409 -54.91 36.71 -3.82
CA GLU B 409 -55.70 36.68 -5.05
C GLU B 409 -54.83 36.13 -6.17
N VAL B 410 -55.31 35.09 -6.86
CA VAL B 410 -54.60 34.45 -7.96
C VAL B 410 -55.24 34.82 -9.28
N ASN B 411 -54.42 35.21 -10.24
CA ASN B 411 -54.89 35.52 -11.59
C ASN B 411 -54.24 34.62 -12.60
N GLY B 412 -55.01 33.66 -13.10
CA GLY B 412 -54.49 32.69 -14.02
C GLY B 412 -55.52 32.20 -14.99
N LEU B 413 -55.32 30.98 -15.48
CA LEU B 413 -56.23 30.37 -16.43
C LEU B 413 -57.50 29.92 -15.70
N PRO B 414 -58.60 29.76 -16.45
CA PRO B 414 -59.88 29.37 -15.83
C PRO B 414 -59.98 27.89 -15.46
N ASN B 415 -60.60 27.58 -14.33
CA ASN B 415 -60.86 26.19 -13.87
C ASN B 415 -59.60 25.35 -13.72
N GLN B 416 -58.63 25.88 -12.98
CA GLN B 416 -57.32 25.28 -12.84
C GLN B 416 -56.86 25.29 -11.39
N ARG B 417 -56.01 24.32 -11.07
CA ARG B 417 -55.39 24.24 -9.76
C ARG B 417 -54.16 25.14 -9.71
N TYR B 418 -54.02 25.82 -8.58
CA TYR B 418 -52.82 26.59 -8.32
C TYR B 418 -52.36 26.34 -6.89
N GLN B 419 -51.05 26.19 -6.74
CA GLN B 419 -50.43 25.93 -5.47
C GLN B 419 -49.76 27.22 -5.00
N VAL B 420 -50.32 27.81 -3.96
CA VAL B 420 -49.83 29.07 -3.44
C VAL B 420 -48.82 28.77 -2.34
N GLU B 421 -47.60 29.25 -2.48
CA GLU B 421 -46.60 29.03 -1.43
C GLU B 421 -46.31 30.36 -0.75
N PHE B 422 -46.30 30.36 0.59
CA PHE B 422 -46.08 31.56 1.37
C PHE B 422 -44.69 31.53 1.97
N PHE B 423 -44.07 32.71 1.98
CA PHE B 423 -42.74 32.91 2.53
C PHE B 423 -42.74 34.17 3.39
N SER B 424 -41.91 34.15 4.45
CA SER B 424 -41.74 35.30 5.34
C SER B 424 -40.31 35.80 5.37
N ASN B 425 -40.15 37.07 5.74
CA ASN B 425 -38.84 37.65 6.02
C ASN B 425 -38.92 38.32 7.37
N GLN B 426 -37.83 38.23 8.15
CA GLN B 426 -37.78 38.91 9.44
C GLN B 426 -37.47 40.42 9.29
N ASN B 427 -36.86 40.80 8.17
CA ASN B 427 -36.74 42.21 7.81
C ASN B 427 -38.03 42.68 7.10
N ALA B 428 -38.71 43.70 7.64
CA ALA B 428 -39.98 44.20 7.08
C ALA B 428 -39.84 44.91 5.71
N ALA B 429 -38.63 45.32 5.38
CA ALA B 429 -38.34 45.97 4.10
C ALA B 429 -37.96 44.97 3.00
N SER B 430 -37.42 43.81 3.39
CA SER B 430 -37.11 42.73 2.44
C SER B 430 -38.33 42.30 1.64
N LYS B 431 -38.14 42.08 0.34
CA LYS B 431 -39.22 41.69 -0.54
C LYS B 431 -38.93 40.33 -1.20
N GLU B 432 -38.14 39.49 -0.50
CA GLU B 432 -37.72 38.17 -1.01
C GLU B 432 -38.38 37.01 -0.20
N ALA B 433 -37.65 35.92 0.05
CA ALA B 433 -38.26 34.73 0.66
C ALA B 433 -37.28 34.00 1.59
N GLU B 434 -37.15 34.57 2.78
CA GLU B 434 -36.14 34.12 3.73
C GLU B 434 -36.50 32.80 4.42
N GLN B 435 -37.75 32.65 4.84
CA GLN B 435 -38.22 31.47 5.56
C GLN B 435 -39.50 30.95 4.87
N TYR B 436 -39.66 29.62 4.76
CA TYR B 436 -40.84 29.01 4.13
C TYR B 436 -41.94 28.77 5.15
N LEU B 437 -43.14 29.30 4.88
CA LEU B 437 -44.22 29.27 5.88
C LEU B 437 -45.25 28.16 5.69
N GLY B 438 -45.37 27.64 4.47
CA GLY B 438 -46.35 26.59 4.16
C GLY B 438 -47.06 26.92 2.86
N ALA B 439 -48.01 26.08 2.45
CA ALA B 439 -48.72 26.26 1.19
C ALA B 439 -50.22 25.94 1.27
N ILE B 440 -51.00 26.52 0.36
CA ILE B 440 -52.38 26.10 0.16
C ILE B 440 -52.68 25.83 -1.30
N THR B 441 -53.81 25.18 -1.52
CA THR B 441 -54.22 24.80 -2.86
C THR B 441 -55.51 25.54 -3.17
N VAL B 442 -55.56 26.23 -4.30
CA VAL B 442 -56.76 26.97 -4.73
C VAL B 442 -57.21 26.60 -6.13
N ALA B 443 -58.49 26.82 -6.43
CA ALA B 443 -59.06 26.50 -7.73
C ALA B 443 -59.67 27.74 -8.32
N THR B 444 -59.22 28.14 -9.50
CA THR B 444 -59.78 29.31 -10.16
C THR B 444 -61.18 29.02 -10.69
N ASP B 445 -62.00 30.08 -10.74
CA ASP B 445 -63.35 30.02 -11.34
C ASP B 445 -63.24 30.28 -12.85
N ALA B 446 -64.35 30.56 -13.52
CA ALA B 446 -64.36 30.73 -14.99
C ALA B 446 -63.66 32.00 -15.52
N GLN B 447 -63.34 32.99 -14.64
CA GLN B 447 -62.57 34.16 -15.06
C GLN B 447 -61.08 34.02 -14.73
N GLY B 448 -60.69 32.90 -14.12
CA GLY B 448 -59.30 32.64 -13.76
C GLY B 448 -58.89 33.31 -12.46
N ILE B 449 -59.86 33.51 -11.57
CA ILE B 449 -59.64 34.16 -10.29
C ILE B 449 -59.86 33.15 -9.18
N ALA B 450 -59.04 33.25 -8.15
CA ALA B 450 -59.27 32.50 -6.91
C ALA B 450 -58.80 33.34 -5.76
N LYS B 451 -59.60 33.41 -4.69
CA LYS B 451 -59.21 34.17 -3.52
C LYS B 451 -59.21 33.25 -2.34
N ALA B 452 -58.43 33.58 -1.32
CA ALA B 452 -58.33 32.73 -0.14
C ALA B 452 -57.64 33.49 0.96
N ASN B 453 -58.01 33.17 2.21
CA ASN B 453 -57.38 33.74 3.37
C ASN B 453 -56.41 32.75 3.99
N TRP B 454 -55.42 33.25 4.70
CA TRP B 454 -54.39 32.40 5.26
C TRP B 454 -53.78 33.10 6.48
N LYS B 455 -53.93 32.49 7.65
CA LYS B 455 -53.33 33.03 8.88
C LYS B 455 -51.86 32.64 8.94
N PRO B 456 -50.97 33.59 9.23
CA PRO B 456 -49.58 33.18 9.39
C PRO B 456 -49.42 32.14 10.49
N SER B 457 -48.49 31.21 10.28
CA SER B 457 -48.15 30.20 11.28
C SER B 457 -47.46 30.88 12.49
N VAL B 458 -46.63 31.87 12.19
CA VAL B 458 -45.82 32.61 13.18
C VAL B 458 -46.27 34.08 13.22
N LYS B 459 -45.62 34.88 14.07
CA LYS B 459 -45.75 36.33 14.01
C LYS B 459 -44.53 36.91 13.30
N VAL B 460 -44.73 37.49 12.11
CA VAL B 460 -43.62 37.88 11.21
C VAL B 460 -43.77 39.27 10.61
N ALA B 461 -42.68 39.76 10.01
CA ALA B 461 -42.60 41.13 9.54
C ALA B 461 -43.20 41.36 8.14
N SER B 462 -42.67 40.69 7.12
CA SER B 462 -43.25 40.78 5.77
C SER B 462 -43.47 39.40 5.15
N ILE B 463 -44.43 39.33 4.23
CA ILE B 463 -44.84 38.07 3.62
C ILE B 463 -44.90 38.17 2.09
N THR B 464 -44.32 37.17 1.42
CA THR B 464 -44.42 37.06 -0.03
C THR B 464 -45.07 35.74 -0.38
N ALA B 465 -45.56 35.63 -1.61
CA ALA B 465 -46.12 34.38 -2.10
C ALA B 465 -45.93 34.22 -3.60
N ASN B 466 -45.91 32.98 -4.04
CA ASN B 466 -45.92 32.71 -5.48
C ASN B 466 -46.91 31.59 -5.80
N ILE B 467 -47.07 31.31 -7.08
CA ILE B 467 -47.98 30.25 -7.47
C ILE B 467 -47.33 29.28 -8.46
N THR B 468 -47.77 28.04 -8.38
CA THR B 468 -47.33 27.02 -9.29
C THR B 468 -48.57 26.44 -9.98
N ASP B 469 -48.63 26.51 -11.30
CA ASP B 469 -49.80 25.99 -12.03
C ASP B 469 -49.75 24.45 -12.17
N ARG B 470 -50.79 23.88 -12.78
CA ARG B 470 -50.94 22.42 -12.87
C ARG B 470 -49.88 21.73 -13.71
N PHE B 471 -49.19 22.49 -14.55
CA PHE B 471 -48.11 21.95 -15.35
C PHE B 471 -46.75 22.09 -14.67
N GLY B 472 -46.69 22.74 -13.52
CA GLY B 472 -45.43 22.87 -12.76
C GLY B 472 -44.68 24.16 -12.99
N ALA B 473 -45.33 25.13 -13.63
CA ALA B 473 -44.76 26.47 -13.83
C ALA B 473 -44.99 27.32 -12.60
N THR B 474 -43.91 27.86 -12.05
CA THR B 474 -43.97 28.68 -10.87
C THR B 474 -43.71 30.15 -11.20
N SER B 475 -44.46 31.02 -10.53
CA SER B 475 -44.39 32.44 -10.78
C SER B 475 -43.29 33.07 -9.98
N GLU B 476 -43.09 34.36 -10.21
CA GLU B 476 -42.26 35.18 -9.34
C GLU B 476 -42.99 35.45 -8.04
N LEU B 477 -42.30 36.08 -7.10
CA LEU B 477 -42.90 36.46 -5.83
C LEU B 477 -43.79 37.69 -6.01
N SER B 478 -44.86 37.74 -5.23
CA SER B 478 -45.70 38.90 -5.10
C SER B 478 -44.94 40.04 -4.47
N SER B 479 -45.50 41.26 -4.55
CA SER B 479 -45.03 42.34 -3.70
C SER B 479 -45.11 41.87 -2.25
N ALA B 480 -44.20 42.36 -1.42
CA ALA B 480 -44.23 42.05 0.00
C ALA B 480 -45.43 42.70 0.68
N LEU B 481 -46.05 41.98 1.61
CA LEU B 481 -47.07 42.54 2.47
C LEU B 481 -46.47 42.76 3.85
N GLN B 482 -46.47 44.01 4.31
CA GLN B 482 -45.92 44.34 5.61
C GLN B 482 -47.01 44.28 6.65
N THR B 483 -46.78 43.52 7.72
CA THR B 483 -47.70 43.49 8.86
C THR B 483 -47.26 44.52 9.90
N LYS B 484 -48.20 45.35 10.36
CA LYS B 484 -47.93 46.44 11.32
C LYS B 484 -46.82 47.37 10.83
N ALA C 21 -2.60 -11.27 -10.84
CA ALA C 21 -1.48 -11.96 -11.54
C ALA C 21 -0.07 -11.65 -10.96
N GLN C 22 0.24 -10.38 -10.70
CA GLN C 22 1.62 -9.94 -10.33
C GLN C 22 1.72 -9.31 -8.94
N THR C 23 0.75 -8.49 -8.55
CA THR C 23 0.70 -7.95 -7.19
C THR C 23 -0.56 -8.43 -6.49
N TYR C 24 -0.44 -8.99 -5.30
CA TYR C 24 -1.61 -9.47 -4.56
C TYR C 24 -1.62 -8.87 -3.18
N VAL C 25 -2.57 -8.00 -2.92
CA VAL C 25 -2.74 -7.39 -1.62
C VAL C 25 -3.45 -8.34 -0.67
N VAL C 26 -2.88 -8.48 0.53
CA VAL C 26 -3.48 -9.26 1.60
C VAL C 26 -3.99 -8.27 2.65
N ASP C 27 -5.31 -8.03 2.66
CA ASP C 27 -5.94 -7.05 3.55
C ASP C 27 -6.85 -7.69 4.60
N ARG C 28 -6.69 -9.00 4.81
CA ARG C 28 -7.50 -9.75 5.78
C ARG C 28 -6.66 -10.81 6.45
N TYR C 29 -6.76 -10.88 7.77
CA TYR C 29 -5.97 -11.85 8.52
C TYR C 29 -6.76 -13.12 8.80
N GLN C 30 -7.87 -13.34 8.12
CA GLN C 30 -8.55 -14.64 8.22
C GLN C 30 -7.79 -15.66 7.38
N ASP C 31 -7.92 -16.93 7.78
CA ASP C 31 -7.31 -18.02 7.03
C ASP C 31 -8.37 -18.79 6.23
N ASP C 32 -8.60 -18.35 5.00
CA ASP C 32 -9.52 -19.03 4.07
C ASP C 32 -9.07 -18.72 2.65
N SER C 33 -9.72 -19.34 1.67
CA SER C 33 -9.29 -19.21 0.28
C SER C 33 -9.97 -18.07 -0.48
N ASN C 34 -10.68 -17.20 0.24
CA ASN C 34 -11.34 -16.04 -0.37
C ASN C 34 -10.41 -14.85 -0.54
N LYS C 35 -10.70 -14.03 -1.55
CA LYS C 35 -9.90 -12.87 -1.87
C LYS C 35 -9.49 -12.05 -0.62
N GLY C 36 -8.24 -11.65 -0.58
CA GLY C 36 -7.70 -10.86 0.51
C GLY C 36 -6.81 -11.58 1.53
N SER C 37 -6.96 -12.90 1.65
CA SER C 37 -6.22 -13.67 2.64
C SER C 37 -4.83 -14.01 2.12
N LEU C 38 -3.95 -14.41 3.03
CA LEU C 38 -2.60 -14.81 2.67
C LEU C 38 -2.67 -16.10 1.84
N ARG C 39 -3.42 -17.07 2.34
CA ARG C 39 -3.71 -18.30 1.59
C ARG C 39 -4.15 -18.03 0.15
N TRP C 40 -5.16 -17.17 -0.02
CA TRP C 40 -5.65 -16.81 -1.35
C TRP C 40 -4.51 -16.32 -2.25
N ALA C 41 -3.73 -15.37 -1.74
CA ALA C 41 -2.64 -14.77 -2.50
C ALA C 41 -1.65 -15.83 -3.00
N ILE C 42 -1.34 -16.79 -2.14
CA ILE C 42 -0.39 -17.85 -2.47
C ILE C 42 -0.96 -18.81 -3.51
N GLU C 43 -2.23 -19.21 -3.34
CA GLU C 43 -2.94 -20.00 -4.34
C GLU C 43 -2.96 -19.31 -5.70
N GLN C 44 -3.17 -17.99 -5.70
CA GLN C 44 -3.16 -17.22 -6.95
C GLN C 44 -1.78 -17.19 -7.61
N ALA C 45 -0.75 -16.94 -6.83
CA ALA C 45 0.62 -16.87 -7.36
C ALA C 45 1.06 -18.22 -7.89
N ASN C 46 0.62 -19.28 -7.21
CA ASN C 46 0.94 -20.67 -7.60
C ASN C 46 0.38 -21.08 -8.93
N ALA C 47 -0.75 -20.49 -9.33
CA ALA C 47 -1.31 -20.75 -10.65
C ALA C 47 -0.61 -19.97 -11.77
N ASN C 48 0.31 -19.07 -11.44
CA ASN C 48 1.19 -18.41 -12.42
C ASN C 48 2.69 -18.63 -12.10
N PRO C 49 3.14 -19.90 -12.09
CA PRO C 49 4.54 -20.21 -11.76
C PRO C 49 5.58 -19.42 -12.55
N GLY C 50 5.24 -18.96 -13.75
CA GLY C 50 6.14 -18.15 -14.54
C GLY C 50 6.23 -16.73 -14.05
N GLU C 51 5.14 -16.21 -13.52
CA GLU C 51 5.11 -14.83 -13.04
C GLU C 51 5.78 -14.65 -11.68
N ALA C 52 6.66 -13.65 -11.62
CA ALA C 52 7.19 -13.15 -10.36
C ALA C 52 6.13 -12.23 -9.77
N SER C 53 5.61 -12.62 -8.61
CA SER C 53 4.48 -11.94 -8.02
C SER C 53 4.90 -11.38 -6.66
N ASP C 54 4.40 -10.20 -6.32
CA ASP C 54 4.59 -9.63 -4.99
C ASP C 54 3.33 -9.83 -4.14
N ILE C 55 3.44 -10.57 -3.04
CA ILE C 55 2.35 -10.71 -2.08
C ILE C 55 2.54 -9.72 -0.92
N LEU C 56 1.72 -8.68 -0.90
CA LEU C 56 1.89 -7.58 0.02
C LEU C 56 0.91 -7.67 1.17
N ILE C 57 1.41 -7.98 2.35
CA ILE C 57 0.58 -8.11 3.54
C ILE C 57 0.46 -6.78 4.22
N GLN C 58 -0.76 -6.29 4.37
CA GLN C 58 -1.05 -5.00 4.97
C GLN C 58 -1.14 -5.16 6.46
N ALA C 59 -1.04 -4.03 7.15
CA ALA C 59 -1.44 -3.95 8.54
C ALA C 59 -2.96 -3.93 8.59
N VAL C 60 -3.52 -4.76 9.47
CA VAL C 60 -4.97 -4.87 9.65
C VAL C 60 -5.24 -4.83 11.13
N GLY C 61 -6.14 -3.93 11.53
CA GLY C 61 -6.46 -3.77 12.94
C GLY C 61 -5.28 -3.09 13.63
N LYS C 62 -5.03 -3.52 14.86
CA LYS C 62 -4.04 -2.89 15.73
C LYS C 62 -2.89 -3.83 16.05
N ALA C 63 -1.74 -3.24 16.36
CA ALA C 63 -0.59 -4.04 16.79
C ALA C 63 -0.96 -4.75 18.08
N PRO C 64 -0.42 -5.94 18.31
CA PRO C 64 0.45 -6.66 17.38
C PRO C 64 -0.34 -7.28 16.21
N TYR C 65 0.34 -7.55 15.09
CA TYR C 65 -0.30 -8.04 13.87
C TYR C 65 0.01 -9.52 13.63
N ALA C 66 -1.02 -10.33 13.46
CA ALA C 66 -0.82 -11.78 13.28
C ALA C 66 -1.91 -12.42 12.42
N ILE C 67 -1.49 -13.27 11.50
CA ILE C 67 -2.38 -14.14 10.74
C ILE C 67 -2.32 -15.51 11.43
N LYS C 68 -3.34 -15.85 12.20
CA LYS C 68 -3.38 -17.17 12.87
C LYS C 68 -3.96 -18.23 11.95
N LEU C 69 -3.10 -19.06 11.38
CA LEU C 69 -3.54 -20.08 10.43
C LEU C 69 -4.32 -21.19 11.14
N ASN C 70 -5.26 -21.79 10.40
CA ASN C 70 -6.02 -22.98 10.82
C ASN C 70 -5.58 -24.29 10.16
N SER C 71 -4.83 -24.19 9.07
CA SER C 71 -4.19 -25.36 8.47
C SER C 71 -2.89 -24.92 7.79
N ALA C 72 -2.03 -25.88 7.45
CA ALA C 72 -0.82 -25.58 6.68
C ALA C 72 -1.15 -24.77 5.44
N LEU C 73 -0.33 -23.76 5.17
CA LEU C 73 -0.41 -23.01 3.93
C LEU C 73 -0.02 -23.94 2.81
N PRO C 74 -0.48 -23.66 1.59
CA PRO C 74 0.03 -24.49 0.53
C PRO C 74 1.50 -24.16 0.31
N GLU C 75 2.27 -25.13 -0.17
CA GLU C 75 3.69 -24.94 -0.44
C GLU C 75 3.87 -23.84 -1.47
N ILE C 76 4.93 -23.05 -1.35
CA ILE C 76 5.16 -21.99 -2.30
C ILE C 76 5.81 -22.55 -3.57
N LYS C 77 5.19 -22.23 -4.71
CA LYS C 77 5.58 -22.76 -6.02
C LYS C 77 5.70 -21.70 -7.11
N ALA C 78 5.96 -20.46 -6.72
CA ALA C 78 6.26 -19.41 -7.69
C ALA C 78 7.30 -18.47 -7.11
N PRO C 79 8.10 -17.82 -7.97
CA PRO C 79 9.11 -16.90 -7.48
C PRO C 79 8.48 -15.62 -6.91
N VAL C 80 7.90 -15.73 -5.72
CA VAL C 80 7.16 -14.64 -5.09
C VAL C 80 8.01 -13.85 -4.11
N LYS C 81 7.56 -12.64 -3.83
CA LYS C 81 8.01 -11.89 -2.67
C LYS C 81 6.86 -11.80 -1.70
N ILE C 82 7.00 -12.37 -0.51
CA ILE C 82 6.02 -12.21 0.54
C ILE C 82 6.51 -11.10 1.48
N ILE C 83 5.92 -9.92 1.36
CA ILE C 83 6.38 -8.72 2.10
C ILE C 83 5.37 -8.35 3.18
N GLY C 84 5.82 -8.33 4.43
CA GLY C 84 5.08 -7.70 5.51
C GLY C 84 5.33 -6.21 5.41
N THR C 85 4.34 -5.47 4.90
CA THR C 85 4.55 -4.08 4.48
C THR C 85 4.65 -3.11 5.65
N GLN C 86 4.30 -3.57 6.84
CA GLN C 86 4.31 -2.73 8.01
C GLN C 86 5.74 -2.39 8.41
N TRP C 87 6.67 -3.34 8.25
CA TRP C 87 8.10 -3.11 8.52
C TRP C 87 8.61 -1.84 7.80
N ASP C 88 8.19 -1.65 6.55
CA ASP C 88 8.57 -0.46 5.79
C ASP C 88 8.14 0.85 6.46
N LYS C 89 7.08 0.80 7.28
CA LYS C 89 6.52 2.01 7.91
C LYS C 89 6.93 2.25 9.35
N THR C 90 6.95 1.20 10.17
CA THR C 90 7.31 1.33 11.60
C THR C 90 8.34 0.32 12.14
N GLY C 91 8.79 -0.61 11.29
CA GLY C 91 9.71 -1.65 11.73
C GLY C 91 9.05 -2.81 12.43
N GLU C 92 7.72 -2.83 12.48
CA GLU C 92 6.96 -3.93 13.09
C GLU C 92 6.77 -5.09 12.10
N TYR C 93 6.77 -6.29 12.64
CA TYR C 93 6.58 -7.50 11.85
C TYR C 93 5.11 -7.81 11.75
N ILE C 94 4.72 -8.54 10.70
CA ILE C 94 3.39 -9.15 10.65
C ILE C 94 3.60 -10.64 10.80
N ALA C 95 3.03 -11.19 11.85
CA ALA C 95 3.27 -12.59 12.20
C ALA C 95 2.47 -13.53 11.31
N ILE C 96 3.01 -14.71 11.08
CA ILE C 96 2.27 -15.84 10.53
C ILE C 96 2.40 -16.95 11.56
N ASP C 97 1.28 -17.29 12.20
CA ASP C 97 1.24 -18.05 13.46
C ASP C 97 0.52 -19.38 13.25
N GLY C 98 1.21 -20.48 13.52
CA GLY C 98 0.62 -21.82 13.38
C GLY C 98 0.06 -22.44 14.65
N SER C 99 -0.06 -21.66 15.72
CA SER C 99 -0.43 -22.21 17.04
C SER C 99 -1.86 -22.75 17.10
N ASN C 100 -2.74 -22.27 16.21
CA ASN C 100 -4.09 -22.84 16.15
C ASN C 100 -4.08 -24.30 15.68
N TYR C 101 -3.28 -24.64 14.68
CA TYR C 101 -3.26 -26.03 14.15
C TYR C 101 -2.08 -26.92 14.61
N ILE C 102 -1.06 -26.33 15.22
CA ILE C 102 0.08 -27.09 15.72
C ILE C 102 -0.04 -27.16 17.25
N LYS C 103 -0.83 -28.12 17.73
CA LYS C 103 -1.05 -28.28 19.16
C LYS C 103 -0.01 -29.21 19.74
N GLY C 104 0.21 -29.05 21.03
CA GLY C 104 1.27 -29.70 21.75
C GLY C 104 1.95 -28.62 22.58
N GLU C 105 2.74 -29.05 23.55
CA GLU C 105 3.51 -28.11 24.34
C GLU C 105 4.99 -28.40 24.18
N GLY C 106 5.68 -27.39 23.67
CA GLY C 106 7.11 -27.47 23.47
C GLY C 106 7.45 -28.38 22.31
N ALA C 107 8.57 -29.10 22.46
CA ALA C 107 9.06 -29.98 21.41
C ALA C 107 8.13 -31.17 21.14
N LYS C 108 7.29 -31.49 22.13
CA LYS C 108 6.34 -32.59 21.99
C LYS C 108 5.28 -32.30 20.93
N ALA C 109 5.12 -31.02 20.60
CA ALA C 109 4.25 -30.60 19.49
C ALA C 109 4.74 -31.01 18.09
N CYS C 110 5.95 -31.54 17.96
CA CYS C 110 6.59 -31.68 16.64
C CYS C 110 7.19 -33.06 16.36
N PRO C 111 6.34 -34.03 15.97
CA PRO C 111 6.83 -35.36 15.61
C PRO C 111 7.89 -35.25 14.53
N GLY C 112 8.82 -36.21 14.52
CA GLY C 112 9.81 -36.32 13.46
C GLY C 112 9.35 -37.26 12.36
N ALA C 113 10.24 -37.57 11.42
CA ALA C 113 9.99 -38.58 10.38
C ALA C 113 9.58 -39.92 10.99
N ASN C 114 10.28 -40.34 12.04
CA ASN C 114 9.76 -41.36 12.95
C ASN C 114 8.83 -40.67 13.97
N PRO C 115 7.54 -41.05 14.03
CA PRO C 115 6.60 -40.34 14.90
C PRO C 115 6.79 -40.50 16.42
N GLU C 116 7.60 -41.48 16.85
CA GLU C 116 7.93 -41.62 18.29
C GLU C 116 9.07 -40.68 18.68
N GLN C 117 9.85 -40.23 17.68
CA GLN C 117 10.81 -39.14 17.86
C GLN C 117 10.09 -37.80 17.74
N TYR C 118 10.55 -36.80 18.50
CA TYR C 118 9.95 -35.48 18.44
C TYR C 118 11.03 -34.39 18.54
N GLY C 119 10.64 -33.16 18.22
CA GLY C 119 11.48 -31.98 18.46
C GLY C 119 12.44 -31.59 17.34
N THR C 120 13.57 -31.02 17.76
CA THR C 120 14.51 -30.40 16.82
C THR C 120 15.77 -31.20 16.49
N ASN C 121 16.14 -32.16 17.32
CA ASN C 121 17.38 -32.91 17.12
C ASN C 121 17.14 -34.33 16.60
N VAL C 122 16.35 -34.41 15.56
CA VAL C 122 15.95 -35.67 14.93
C VAL C 122 15.68 -35.35 13.46
N ARG C 123 15.80 -36.34 12.57
CA ARG C 123 15.42 -36.15 11.15
C ARG C 123 13.94 -35.75 11.15
N THR C 124 13.61 -34.63 10.49
CA THR C 124 12.23 -34.13 10.48
C THR C 124 12.10 -33.09 9.38
N MET C 125 10.99 -33.14 8.65
CA MET C 125 10.62 -32.02 7.77
C MET C 125 9.16 -31.67 8.03
N THR C 126 8.74 -31.90 9.28
CA THR C 126 7.32 -31.86 9.63
C THR C 126 6.85 -30.47 10.02
N LEU C 127 5.62 -30.17 9.59
CA LEU C 127 4.88 -29.01 10.04
C LEU C 127 5.61 -27.70 9.87
N PRO C 128 5.97 -27.35 8.63
CA PRO C 128 6.58 -26.07 8.32
C PRO C 128 5.53 -24.98 8.16
N GLY C 129 5.91 -23.73 8.39
CA GLY C 129 5.06 -22.57 8.11
C GLY C 129 5.06 -22.17 6.64
N LEU C 130 6.24 -22.07 6.06
CA LEU C 130 6.35 -21.77 4.64
C LEU C 130 7.31 -22.77 4.01
N VAL C 131 6.85 -23.42 2.95
CA VAL C 131 7.66 -24.40 2.29
C VAL C 131 8.12 -23.85 0.95
N LEU C 132 9.43 -23.71 0.81
CA LEU C 132 10.08 -23.31 -0.43
C LEU C 132 10.76 -24.55 -0.97
N ARG C 133 10.05 -25.29 -1.83
CA ARG C 133 10.54 -26.55 -2.35
C ARG C 133 10.37 -26.63 -3.87
N ASP C 134 11.42 -27.05 -4.56
CA ASP C 134 11.45 -27.12 -6.04
C ASP C 134 11.04 -25.81 -6.66
N VAL C 135 11.57 -24.73 -6.11
CA VAL C 135 11.25 -23.38 -6.58
C VAL C 135 12.41 -22.47 -6.21
N ASN C 136 12.61 -21.39 -6.97
CA ASN C 136 13.72 -20.48 -6.73
C ASN C 136 13.30 -19.02 -6.70
N ASN C 137 14.21 -18.16 -6.24
CA ASN C 137 14.06 -16.69 -6.27
C ASN C 137 12.91 -16.17 -5.42
N VAL C 138 12.67 -16.80 -4.27
CA VAL C 138 11.67 -16.33 -3.32
C VAL C 138 12.28 -15.34 -2.35
N THR C 139 11.57 -14.24 -2.10
CA THR C 139 11.94 -13.25 -1.07
C THR C 139 10.91 -13.25 0.04
N LEU C 140 11.39 -13.30 1.28
CA LEU C 140 10.57 -13.10 2.45
C LEU C 140 11.11 -11.90 3.18
N LYS C 141 10.25 -10.93 3.45
CA LYS C 141 10.64 -9.71 4.14
C LYS C 141 9.52 -9.26 5.08
N GLY C 142 9.89 -8.78 6.26
CA GLY C 142 8.91 -8.13 7.17
C GLY C 142 7.97 -9.03 7.95
N LEU C 143 8.29 -10.32 8.03
CA LEU C 143 7.39 -11.29 8.67
C LEU C 143 7.95 -11.82 9.98
N ASP C 144 7.06 -12.30 10.84
CA ASP C 144 7.43 -13.10 12.00
C ASP C 144 6.86 -14.52 11.81
N ILE C 145 7.73 -15.48 11.51
CA ILE C 145 7.31 -16.85 11.31
C ILE C 145 7.27 -17.52 12.67
N HIS C 146 6.07 -17.58 13.25
CA HIS C 146 5.87 -17.84 14.68
C HIS C 146 5.15 -19.17 14.94
N ARG C 147 5.64 -19.91 15.92
CA ARG C 147 5.03 -21.16 16.43
C ARG C 147 4.58 -22.17 15.39
N PHE C 148 5.51 -22.53 14.52
CA PHE C 148 5.43 -23.75 13.72
C PHE C 148 6.47 -24.71 14.31
N CYS C 149 6.76 -25.78 13.57
CA CYS C 149 7.81 -26.72 13.93
C CYS C 149 9.09 -26.36 13.18
N ILE C 150 8.97 -26.23 11.87
CA ILE C 150 9.99 -25.56 11.07
C ILE C 150 9.37 -24.24 10.65
N GLY C 151 10.11 -23.15 10.82
CA GLY C 151 9.61 -21.84 10.41
C GLY C 151 9.52 -21.76 8.90
N VAL C 152 10.69 -21.79 8.25
CA VAL C 152 10.78 -21.78 6.80
C VAL C 152 11.62 -22.97 6.34
N LEU C 153 11.02 -23.83 5.52
CA LEU C 153 11.68 -24.99 4.98
C LEU C 153 12.13 -24.66 3.56
N ILE C 154 13.44 -24.65 3.35
CA ILE C 154 14.03 -24.42 2.04
C ILE C 154 14.66 -25.74 1.64
N ASN C 155 14.09 -26.39 0.63
CA ASN C 155 14.43 -27.75 0.26
C ASN C 155 14.43 -27.93 -1.27
N ARG C 156 15.60 -28.18 -1.85
CA ARG C 156 15.79 -28.14 -3.31
C ARG C 156 15.31 -26.82 -3.90
N SER C 157 15.85 -25.72 -3.35
CA SER C 157 15.37 -24.36 -3.60
C SER C 157 16.53 -23.38 -3.43
N SER C 158 16.70 -22.47 -4.37
CA SER C 158 17.93 -21.69 -4.52
C SER C 158 17.65 -20.23 -4.81
N ASN C 159 18.68 -19.39 -4.70
CA ASN C 159 18.58 -17.94 -4.98
C ASN C 159 17.46 -17.21 -4.26
N ASN C 160 17.17 -17.66 -3.05
CA ASN C 160 16.16 -17.01 -2.23
C ASN C 160 16.82 -15.99 -1.34
N LEU C 161 15.98 -15.12 -0.79
CA LEU C 161 16.41 -14.00 0.03
C LEU C 161 15.49 -13.92 1.24
N ILE C 162 16.09 -14.01 2.42
CA ILE C 162 15.33 -13.91 3.65
C ILE C 162 15.94 -12.81 4.48
N GLN C 163 15.33 -11.63 4.47
CA GLN C 163 15.81 -10.57 5.33
C GLN C 163 14.74 -9.72 5.98
N HIS C 164 15.18 -9.07 7.07
CA HIS C 164 14.35 -8.21 7.91
C HIS C 164 13.13 -8.97 8.43
N ASN C 165 13.31 -10.24 8.77
CA ASN C 165 12.23 -11.03 9.38
C ASN C 165 12.54 -11.38 10.82
N ARG C 166 11.51 -11.79 11.54
CA ARG C 166 11.67 -12.46 12.80
C ARG C 166 11.30 -13.91 12.58
N ILE C 167 12.03 -14.81 13.23
CA ILE C 167 11.78 -16.23 13.14
C ILE C 167 11.70 -16.72 14.58
N SER C 168 10.50 -17.00 15.06
CA SER C 168 10.30 -17.21 16.49
C SER C 168 9.54 -18.47 16.88
N ASN C 169 10.01 -19.07 17.97
CA ASN C 169 9.27 -20.10 18.68
C ASN C 169 8.92 -21.33 17.82
N ASN C 170 9.85 -21.72 16.98
CA ASN C 170 9.71 -22.93 16.18
C ASN C 170 10.50 -24.03 16.84
N TYR C 171 9.78 -25.03 17.35
CA TYR C 171 10.36 -26.02 18.25
C TYR C 171 10.66 -27.39 17.64
N GLY C 172 10.46 -27.50 16.34
CA GLY C 172 10.79 -28.70 15.58
C GLY C 172 12.09 -28.55 14.82
N GLY C 173 12.12 -28.99 13.57
CA GLY C 173 13.35 -29.03 12.76
C GLY C 173 14.33 -27.90 12.98
N ALA C 174 13.87 -26.67 12.71
CA ALA C 174 14.67 -25.45 12.85
C ALA C 174 13.84 -24.22 12.50
N GLY C 175 14.26 -23.04 12.95
CA GLY C 175 13.62 -21.80 12.52
C GLY C 175 13.66 -21.68 11.00
N VAL C 176 14.84 -21.83 10.43
CA VAL C 176 14.99 -21.88 8.98
C VAL C 176 15.85 -23.09 8.65
N MET C 177 15.33 -23.98 7.81
CA MET C 177 16.03 -25.20 7.45
C MET C 177 16.29 -25.21 5.97
N LEU C 178 17.56 -25.05 5.61
CA LEU C 178 17.98 -25.19 4.24
C LEU C 178 18.53 -26.60 4.09
N THR C 179 17.81 -27.47 3.37
CA THR C 179 18.25 -28.85 3.19
C THR C 179 18.14 -29.32 1.74
N GLY C 180 19.20 -29.97 1.25
CA GLY C 180 19.19 -30.56 -0.09
C GLY C 180 18.60 -31.96 -0.16
N ASP C 181 17.94 -32.38 0.93
CA ASP C 181 17.28 -33.67 1.02
C ASP C 181 16.51 -33.97 -0.28
N ASP C 182 16.77 -35.13 -0.88
CA ASP C 182 16.13 -35.53 -2.13
C ASP C 182 14.73 -36.10 -1.90
N GLY C 183 14.30 -36.20 -0.65
CA GLY C 183 13.04 -36.85 -0.28
C GLY C 183 13.31 -38.13 0.51
N GLN C 184 14.24 -38.95 0.02
CA GLN C 184 14.63 -40.19 0.68
C GLN C 184 15.59 -39.97 1.86
N GLY C 185 16.21 -38.80 1.94
CA GLY C 185 17.19 -38.50 3.00
C GLY C 185 18.63 -38.32 2.49
N ASN C 186 18.83 -38.44 1.19
CA ASN C 186 20.16 -38.29 0.58
C ASN C 186 20.45 -36.84 0.21
N PRO C 187 21.71 -36.40 0.34
CA PRO C 187 22.02 -35.01 0.02
C PRO C 187 22.04 -34.74 -1.47
N THR C 188 21.81 -33.49 -1.85
CA THR C 188 22.04 -33.03 -3.22
C THR C 188 22.92 -31.78 -3.16
N ALA C 189 23.85 -31.65 -4.09
CA ALA C 189 24.87 -30.61 -4.07
C ALA C 189 24.52 -29.35 -4.89
N THR C 190 23.53 -29.42 -5.76
CA THR C 190 23.27 -28.35 -6.69
C THR C 190 21.83 -27.83 -6.66
N THR C 191 21.12 -28.02 -5.55
CA THR C 191 19.69 -27.74 -5.51
C THR C 191 19.30 -26.65 -4.52
N THR C 192 20.09 -26.48 -3.46
CA THR C 192 19.71 -25.68 -2.32
C THR C 192 20.82 -24.68 -2.03
N ASN C 193 21.11 -23.86 -3.03
CA ASN C 193 22.30 -23.06 -3.04
C ASN C 193 22.03 -21.59 -3.27
N ASN C 194 23.07 -20.79 -3.04
CA ASN C 194 23.06 -19.36 -3.34
C ASN C 194 21.95 -18.58 -2.65
N ASN C 195 21.49 -19.08 -1.52
CA ASN C 195 20.49 -18.38 -0.74
C ASN C 195 21.16 -17.39 0.17
N LYS C 196 20.43 -16.35 0.55
CA LYS C 196 20.94 -15.33 1.44
C LYS C 196 20.00 -15.20 2.61
N VAL C 197 20.56 -15.11 3.81
CA VAL C 197 19.79 -14.94 5.03
C VAL C 197 20.46 -13.81 5.80
N LEU C 198 19.80 -12.65 5.82
CA LEU C 198 20.40 -11.40 6.30
C LEU C 198 19.49 -10.66 7.29
N ASP C 199 20.09 -9.97 8.27
CA ASP C 199 19.35 -9.10 9.20
CA ASP C 199 19.35 -9.09 9.18
C ASP C 199 18.02 -9.68 9.69
N ASN C 200 18.05 -10.91 10.22
CA ASN C 200 16.87 -11.49 10.89
C ASN C 200 17.13 -11.72 12.39
N ILE C 201 16.08 -11.68 13.19
CA ILE C 201 16.15 -12.10 14.59
C ILE C 201 15.59 -13.51 14.66
N PHE C 202 16.44 -14.46 15.04
CA PHE C 202 16.01 -15.84 15.30
C PHE C 202 15.90 -15.99 16.81
N GLN C 203 14.69 -16.11 17.33
CA GLN C 203 14.51 -16.19 18.77
C GLN C 203 13.76 -17.43 19.24
N ASP C 204 14.30 -18.07 20.27
CA ASP C 204 13.68 -19.24 20.90
C ASP C 204 13.22 -20.28 19.87
N ASN C 205 14.12 -20.63 18.96
CA ASN C 205 13.94 -21.77 18.09
C ASN C 205 14.84 -22.86 18.61
N GLY C 206 14.39 -24.10 18.55
CA GLY C 206 15.18 -25.21 19.02
C GLY C 206 16.56 -25.19 18.38
N ASP C 207 16.58 -25.27 17.06
CA ASP C 207 17.76 -25.04 16.25
C ASP C 207 17.43 -23.74 15.53
N GLY C 208 18.25 -22.72 15.69
CA GLY C 208 18.02 -21.46 14.96
C GLY C 208 17.96 -21.63 13.45
N LEU C 209 19.04 -22.15 12.85
CA LEU C 209 19.08 -22.35 11.39
C LEU C 209 19.94 -23.56 11.02
N GLU C 210 19.47 -24.34 10.05
CA GLU C 210 20.16 -25.54 9.61
C GLU C 210 20.64 -25.37 8.17
N LEU C 211 21.88 -25.78 7.91
CA LEU C 211 22.41 -25.96 6.56
C LEU C 211 22.75 -27.45 6.45
N THR C 212 21.94 -28.20 5.70
CA THR C 212 22.06 -29.65 5.76
C THR C 212 21.87 -30.39 4.43
N ARG C 213 22.41 -31.61 4.38
CA ARG C 213 22.23 -32.54 3.28
C ARG C 213 22.50 -31.91 1.90
N GLY C 214 23.67 -31.28 1.80
CA GLY C 214 24.20 -30.83 0.50
C GLY C 214 24.03 -29.35 0.21
N ALA C 215 23.18 -28.67 0.99
CA ALA C 215 22.97 -27.24 0.82
C ALA C 215 24.30 -26.51 0.84
N ALA C 216 24.53 -25.69 -0.19
CA ALA C 216 25.84 -25.12 -0.38
C ALA C 216 25.85 -23.68 -0.91
N PHE C 217 27.01 -23.06 -0.84
CA PHE C 217 27.24 -21.67 -1.28
C PHE C 217 26.11 -20.73 -0.86
N ASN C 218 25.67 -20.88 0.38
CA ASN C 218 24.72 -19.96 0.97
C ASN C 218 25.45 -18.96 1.85
N LEU C 219 24.85 -17.78 1.97
CA LEU C 219 25.37 -16.72 2.82
C LEU C 219 24.42 -16.48 3.99
N ILE C 220 24.92 -16.70 5.20
CA ILE C 220 24.14 -16.44 6.40
C ILE C 220 24.88 -15.34 7.11
N ALA C 221 24.33 -14.14 7.16
CA ALA C 221 25.05 -13.03 7.73
C ALA C 221 24.19 -12.01 8.47
N ASN C 222 24.81 -11.38 9.46
CA ASN C 222 24.19 -10.30 10.24
C ASN C 222 22.84 -10.68 10.85
N ASN C 223 22.73 -11.90 11.37
CA ASN C 223 21.55 -12.34 12.09
C ASN C 223 21.85 -12.48 13.56
N HIS C 224 20.82 -12.34 14.37
CA HIS C 224 20.92 -12.53 15.81
C HIS C 224 20.24 -13.87 16.13
N PHE C 225 21.03 -14.82 16.64
CA PHE C 225 20.53 -16.11 17.07
C PHE C 225 20.52 -16.16 18.59
N VAL C 226 19.33 -16.08 19.18
CA VAL C 226 19.19 -15.94 20.62
C VAL C 226 18.17 -16.91 21.19
N SER C 227 18.53 -17.51 22.33
CA SER C 227 17.63 -18.37 23.11
C SER C 227 17.44 -17.78 24.52
N THR C 228 16.23 -17.94 25.06
CA THR C 228 15.87 -17.51 26.41
C THR C 228 15.35 -18.71 27.18
N LYS C 229 14.99 -18.51 28.45
CA LYS C 229 14.46 -19.59 29.28
C LYS C 229 13.16 -20.17 28.78
N ALA C 230 12.52 -19.49 27.83
CA ALA C 230 11.30 -19.99 27.20
C ALA C 230 11.53 -21.15 26.25
N ASN C 231 12.76 -21.31 25.75
CA ASN C 231 13.01 -22.31 24.73
C ASN C 231 12.95 -23.72 25.32
N PRO C 232 11.98 -24.54 24.87
CA PRO C 232 11.87 -25.91 25.32
C PRO C 232 13.17 -26.71 25.18
N GLU C 233 13.76 -26.75 23.99
CA GLU C 233 15.09 -27.37 23.84
C GLU C 233 16.09 -26.51 23.09
N PRO C 234 16.90 -25.73 23.85
CA PRO C 234 17.92 -24.85 23.29
C PRO C 234 19.15 -25.63 22.82
N SER C 235 19.23 -25.85 21.52
CA SER C 235 20.22 -26.74 20.93
C SER C 235 21.32 -25.97 20.22
N GLN C 236 21.22 -25.80 18.91
CA GLN C 236 22.26 -25.20 18.11
C GLN C 236 21.71 -23.93 17.49
N GLY C 237 22.37 -22.80 17.69
CA GLY C 237 22.06 -21.58 16.94
C GLY C 237 22.10 -21.83 15.44
N ILE C 238 23.23 -22.33 14.94
CA ILE C 238 23.29 -22.87 13.58
C ILE C 238 23.83 -24.30 13.68
N GLU C 239 23.19 -25.22 12.96
CA GLU C 239 23.68 -26.58 12.82
C GLU C 239 23.99 -26.80 11.34
N ILE C 240 25.23 -27.21 11.06
CA ILE C 240 25.63 -27.57 9.71
C ILE C 240 25.82 -29.08 9.69
N LEU C 241 24.88 -29.78 9.06
CA LEU C 241 24.84 -31.25 9.08
C LEU C 241 24.94 -31.75 7.63
N TRP C 242 26.16 -32.04 7.21
CA TRP C 242 26.46 -32.37 5.80
C TRP C 242 26.14 -31.19 4.85
N GLY C 243 26.15 -29.98 5.37
CA GLY C 243 26.08 -28.78 4.54
C GLY C 243 27.47 -28.31 4.17
N ASN C 244 27.65 -27.79 2.96
CA ASN C 244 29.00 -27.50 2.46
C ASN C 244 29.18 -26.16 1.78
N ASP C 245 30.42 -25.68 1.80
CA ASP C 245 30.82 -24.52 1.00
C ASP C 245 29.98 -23.27 1.27
N ASN C 246 29.52 -23.11 2.50
CA ASN C 246 28.72 -21.95 2.88
C ASN C 246 29.57 -20.88 3.55
N ALA C 247 29.00 -19.69 3.65
CA ALA C 247 29.64 -18.59 4.36
C ALA C 247 28.71 -18.14 5.49
N VAL C 248 29.28 -18.07 6.69
CA VAL C 248 28.55 -17.66 7.87
C VAL C 248 29.33 -16.53 8.50
N VAL C 249 28.82 -15.32 8.37
CA VAL C 249 29.59 -14.13 8.66
C VAL C 249 28.77 -13.13 9.45
N GLY C 250 29.39 -12.58 10.49
CA GLY C 250 28.87 -11.40 11.17
C GLY C 250 27.59 -11.58 11.96
N ASN C 251 27.36 -12.78 12.48
CA ASN C 251 26.17 -13.09 13.28
C ASN C 251 26.50 -13.12 14.76
N LYS C 252 25.48 -12.99 15.58
CA LYS C 252 25.62 -13.12 17.03
C LYS C 252 24.86 -14.35 17.52
N PHE C 253 25.52 -15.16 18.34
CA PHE C 253 24.92 -16.41 18.87
C PHE C 253 24.94 -16.44 20.41
N GLU C 254 23.78 -16.39 21.06
CA GLU C 254 23.66 -16.38 22.53
C GLU C 254 22.81 -17.52 23.11
N ASN C 255 23.26 -18.06 24.25
CA ASN C 255 22.44 -18.87 25.15
C ASN C 255 21.98 -20.24 24.65
N TYR C 256 22.67 -20.79 23.65
CA TYR C 256 22.37 -22.12 23.12
C TYR C 256 23.29 -23.18 23.75
N SER C 257 23.06 -24.45 23.45
CA SER C 257 23.96 -25.51 23.85
C SER C 257 25.27 -25.35 23.07
N ASP C 258 25.15 -25.26 21.74
CA ASP C 258 26.26 -24.84 20.90
C ASP C 258 25.82 -23.61 20.14
N GLY C 259 26.66 -22.58 20.11
CA GLY C 259 26.42 -21.43 19.25
C GLY C 259 26.26 -21.90 17.81
N LEU C 260 27.30 -22.56 17.31
CA LEU C 260 27.26 -23.18 16.01
C LEU C 260 27.90 -24.55 16.12
N GLN C 261 27.23 -25.57 15.60
CA GLN C 261 27.72 -26.93 15.62
C GLN C 261 27.81 -27.42 14.20
N ILE C 262 28.94 -28.01 13.83
CA ILE C 262 29.06 -28.64 12.54
C ILE C 262 29.10 -30.14 12.76
N ASN C 263 28.25 -30.84 12.02
CA ASN C 263 28.26 -32.28 11.98
C ASN C 263 28.58 -32.77 10.56
N TRP C 264 29.88 -32.83 10.27
CA TRP C 264 30.41 -33.50 9.07
C TRP C 264 30.12 -32.78 7.74
N GLY C 265 29.65 -31.54 7.82
CA GLY C 265 29.63 -30.66 6.67
C GLY C 265 31.05 -30.20 6.39
N LYS C 266 31.34 -29.83 5.15
CA LYS C 266 32.71 -29.51 4.75
C LYS C 266 32.86 -28.13 4.15
N ARG C 267 34.04 -27.53 4.37
CA ARG C 267 34.52 -26.35 3.62
C ARG C 267 33.64 -25.10 3.78
N ASN C 268 33.15 -24.88 4.99
CA ASN C 268 32.38 -23.70 5.31
C ASN C 268 33.30 -22.65 5.90
N TYR C 269 33.08 -21.41 5.50
CA TYR C 269 33.85 -20.27 5.97
C TYR C 269 33.00 -19.55 7.01
N ILE C 270 33.39 -19.69 8.27
CA ILE C 270 32.70 -19.13 9.43
C ILE C 270 33.54 -17.99 9.99
N ALA C 271 33.11 -16.74 9.82
CA ALA C 271 33.96 -15.61 10.20
C ALA C 271 33.28 -14.44 10.85
N TYR C 272 34.00 -13.80 11.78
CA TYR C 272 33.57 -12.54 12.39
C TYR C 272 32.21 -12.66 13.07
N ASN C 273 31.93 -13.82 13.65
CA ASN C 273 30.74 -14.03 14.44
C ASN C 273 31.05 -13.83 15.93
N GLU C 274 30.03 -13.47 16.71
CA GLU C 274 30.18 -13.43 18.17
C GLU C 274 29.40 -14.58 18.79
N MET C 275 30.11 -15.45 19.52
CA MET C 275 29.50 -16.59 20.24
C MET C 275 29.66 -16.37 21.73
N THR C 276 28.55 -16.24 22.46
CA THR C 276 28.61 -15.91 23.87
C THR C 276 27.48 -16.60 24.68
N ASN C 277 27.78 -16.94 25.93
CA ASN C 277 26.84 -17.64 26.81
C ASN C 277 26.28 -18.95 26.30
N ASN C 278 27.04 -19.65 25.48
CA ASN C 278 26.65 -20.98 25.06
C ASN C 278 27.45 -21.96 25.90
N SER C 279 27.07 -23.22 25.89
CA SER C 279 27.87 -24.23 26.58
C SER C 279 29.17 -24.37 25.77
N ILE C 280 29.03 -24.54 24.47
CA ILE C 280 30.14 -24.49 23.54
C ILE C 280 29.92 -23.39 22.52
N GLY C 281 30.94 -22.60 22.23
CA GLY C 281 30.87 -21.56 21.20
C GLY C 281 30.76 -22.18 19.83
N PHE C 282 31.80 -22.91 19.41
CA PHE C 282 31.78 -23.64 18.16
C PHE C 282 32.04 -25.12 18.44
N ASN C 283 31.12 -25.98 18.02
CA ASN C 283 31.25 -27.40 18.22
C ASN C 283 31.57 -28.03 16.86
N MET C 284 32.84 -28.34 16.63
CA MET C 284 33.33 -28.51 15.26
C MET C 284 33.70 -29.94 14.87
N THR C 285 33.32 -30.29 13.64
CA THR C 285 33.88 -31.40 12.87
C THR C 285 33.86 -30.98 11.42
N GLY C 286 34.38 -31.83 10.54
CA GLY C 286 34.19 -31.67 9.10
C GLY C 286 35.42 -31.10 8.39
N ASP C 287 35.89 -31.81 7.36
CA ASP C 287 37.09 -31.43 6.63
C ASP C 287 36.90 -30.07 5.96
N GLY C 288 37.90 -29.19 6.11
CA GLY C 288 37.95 -27.93 5.37
C GLY C 288 37.20 -26.75 5.94
N ASN C 289 36.60 -26.91 7.13
CA ASN C 289 35.92 -25.79 7.77
C ASN C 289 36.93 -24.84 8.39
N ILE C 290 36.67 -23.55 8.25
CA ILE C 290 37.56 -22.50 8.72
C ILE C 290 36.80 -21.57 9.65
N LEU C 291 37.32 -21.39 10.86
CA LEU C 291 36.86 -20.36 11.77
C LEU C 291 37.85 -19.22 11.71
N ASP C 292 37.42 -18.07 11.23
CA ASP C 292 38.32 -16.92 11.03
C ASP C 292 37.81 -15.70 11.78
N SER C 293 38.62 -15.20 12.70
CA SER C 293 38.38 -13.91 13.36
C SER C 293 37.05 -13.80 14.10
N ASN C 294 36.58 -14.90 14.67
CA ASN C 294 35.37 -14.89 15.49
C ASN C 294 35.69 -14.43 16.91
N LYS C 295 34.67 -13.89 17.59
CA LYS C 295 34.78 -13.53 18.99
C LYS C 295 34.00 -14.56 19.79
N VAL C 296 34.71 -15.34 20.60
CA VAL C 296 34.16 -16.49 21.30
C VAL C 296 34.43 -16.32 22.80
N HIS C 297 33.41 -15.93 23.56
CA HIS C 297 33.61 -15.56 24.95
C HIS C 297 32.40 -15.82 25.85
N GLY C 298 32.64 -16.21 27.09
CA GLY C 298 31.56 -16.41 28.07
C GLY C 298 30.86 -17.75 27.90
N ASN C 299 31.56 -18.73 27.36
CA ASN C 299 31.04 -20.09 27.18
C ASN C 299 31.77 -21.06 28.13
N ARG C 300 31.27 -22.29 28.28
CA ARG C 300 32.00 -23.30 29.04
C ARG C 300 33.24 -23.66 28.26
N ILE C 301 33.06 -24.00 26.99
CA ILE C 301 34.17 -24.23 26.08
C ILE C 301 34.06 -23.29 24.89
N GLY C 302 35.15 -22.66 24.49
CA GLY C 302 35.13 -21.75 23.36
C GLY C 302 34.91 -22.49 22.06
N VAL C 303 35.91 -23.26 21.67
CA VAL C 303 35.85 -24.05 20.46
C VAL C 303 36.15 -25.48 20.81
N ALA C 304 35.24 -26.36 20.49
CA ALA C 304 35.46 -27.80 20.66
C ALA C 304 35.69 -28.39 19.27
N ILE C 305 36.66 -29.29 19.16
CA ILE C 305 36.87 -30.07 17.94
C ILE C 305 36.76 -31.57 18.22
N ARG C 306 35.69 -32.17 17.71
CA ARG C 306 35.35 -33.54 18.05
C ARG C 306 36.09 -34.51 17.15
N SER C 307 36.22 -35.74 17.64
CA SER C 307 36.69 -36.81 16.81
C SER C 307 35.55 -37.22 15.90
N GLU C 308 35.89 -37.80 14.76
CA GLU C 308 34.93 -38.23 13.76
C GLU C 308 35.51 -39.34 12.92
N LYS C 309 34.68 -39.99 12.12
CA LYS C 309 35.14 -41.13 11.35
C LYS C 309 36.12 -40.74 10.26
N ASP C 310 35.91 -39.58 9.62
CA ASP C 310 36.86 -39.08 8.65
C ASP C 310 38.12 -38.64 9.40
N ALA C 311 39.16 -39.48 9.34
CA ALA C 311 40.42 -39.17 10.00
C ALA C 311 41.29 -38.19 9.21
N ASN C 312 40.83 -37.74 8.05
CA ASN C 312 41.54 -36.73 7.27
C ASN C 312 40.90 -35.36 7.27
N ALA C 313 39.92 -35.18 8.15
CA ALA C 313 39.27 -33.87 8.30
C ALA C 313 40.21 -32.90 8.98
N LYS C 314 40.39 -31.72 8.40
CA LYS C 314 41.18 -30.69 9.04
C LYS C 314 40.25 -29.49 9.27
N ILE C 315 40.21 -29.04 10.53
CA ILE C 315 39.45 -27.87 10.93
C ILE C 315 40.48 -26.78 11.26
N THR C 316 40.32 -25.62 10.63
CA THR C 316 41.27 -24.51 10.75
C THR C 316 40.75 -23.43 11.69
N LEU C 317 41.60 -22.90 12.58
CA LEU C 317 41.27 -21.69 13.32
C LEU C 317 42.36 -20.66 13.09
N THR C 318 41.96 -19.44 12.73
CA THR C 318 42.90 -18.35 12.49
C THR C 318 42.35 -17.02 12.99
N LYS C 319 43.17 -16.32 13.77
CA LYS C 319 42.87 -15.00 14.34
C LYS C 319 41.59 -14.91 15.20
N ASN C 320 41.13 -16.03 15.75
CA ASN C 320 39.93 -15.98 16.59
C ASN C 320 40.28 -15.41 17.96
N LEU C 321 39.44 -14.49 18.44
CA LEU C 321 39.59 -13.98 19.80
C LEU C 321 38.74 -14.87 20.70
N ILE C 322 39.40 -15.71 21.48
CA ILE C 322 38.71 -16.67 22.31
C ILE C 322 39.19 -16.49 23.73
N TRP C 323 38.30 -16.04 24.61
CA TRP C 323 38.68 -15.69 25.97
C TRP C 323 37.47 -15.75 26.89
N ASP C 324 37.74 -15.73 28.19
CA ASP C 324 36.69 -15.65 29.21
C ASP C 324 35.70 -16.80 29.11
N ASN C 325 36.22 -18.00 28.87
CA ASN C 325 35.41 -19.19 28.85
C ASN C 325 35.66 -19.98 30.13
N GLY C 326 35.26 -21.25 30.17
CA GLY C 326 35.31 -22.01 31.40
C GLY C 326 34.15 -21.67 32.32
N LYS C 327 33.14 -20.98 31.81
CA LYS C 327 31.93 -20.67 32.58
C LYS C 327 31.14 -21.95 32.87
N ASP C 328 30.43 -21.94 34.01
CA ASP C 328 29.64 -23.09 34.43
C ASP C 328 28.31 -23.03 33.70
N ILE C 329 28.35 -23.36 32.41
CA ILE C 329 27.16 -23.33 31.54
C ILE C 329 27.00 -24.73 30.94
N LYS C 330 26.27 -25.57 31.65
CA LYS C 330 26.02 -26.94 31.23
C LYS C 330 24.64 -26.96 30.60
N ARG C 331 24.60 -27.06 29.27
CA ARG C 331 23.37 -27.02 28.51
C ARG C 331 23.62 -27.89 27.30
N CYS C 332 22.96 -29.04 27.24
CA CYS C 332 23.39 -30.12 26.37
C CYS C 332 22.22 -30.79 25.67
N GLU C 333 21.54 -30.02 24.83
CA GLU C 333 20.53 -30.57 23.95
C GLU C 333 21.21 -30.92 22.62
N ALA C 334 21.75 -32.13 22.55
CA ALA C 334 22.40 -32.69 21.33
C ALA C 334 23.72 -32.01 20.99
N GLY C 335 24.30 -31.36 21.99
CA GLY C 335 25.64 -30.79 21.90
C GLY C 335 26.04 -30.28 23.27
N GLY C 336 26.90 -29.26 23.29
CA GLY C 336 27.27 -28.62 24.54
C GLY C 336 28.21 -29.46 25.35
N SER C 337 28.60 -28.94 26.52
CA SER C 337 29.39 -29.73 27.44
C SER C 337 28.73 -29.81 28.81
N CYS C 338 28.39 -31.03 29.23
CA CYS C 338 27.88 -31.27 30.59
C CYS C 338 28.67 -32.33 31.34
N VAL C 339 29.69 -32.92 30.73
CA VAL C 339 30.54 -33.89 31.44
C VAL C 339 31.19 -33.14 32.61
N PRO C 340 31.04 -33.63 33.85
CA PRO C 340 31.52 -32.88 35.02
C PRO C 340 33.03 -32.67 35.05
N ASP C 341 33.80 -33.71 34.76
CA ASP C 341 35.27 -33.62 34.81
C ASP C 341 35.91 -33.24 33.45
N GLN C 342 35.13 -32.55 32.61
CA GLN C 342 35.55 -32.16 31.25
C GLN C 342 36.60 -31.06 31.27
N ARG C 343 37.63 -31.24 30.45
CA ARG C 343 38.66 -30.23 30.27
C ARG C 343 38.06 -29.01 29.56
N LEU C 344 38.25 -27.84 30.17
CA LEU C 344 37.67 -26.59 29.72
C LEU C 344 38.73 -25.69 29.12
N GLY C 345 38.32 -24.67 28.37
CA GLY C 345 39.24 -23.68 27.84
C GLY C 345 38.86 -23.14 26.47
N ALA C 346 39.84 -22.52 25.82
CA ALA C 346 39.66 -21.85 24.54
C ALA C 346 39.37 -22.82 23.40
N ILE C 347 40.25 -23.80 23.25
CA ILE C 347 40.17 -24.79 22.18
C ILE C 347 40.43 -26.13 22.80
N VAL C 348 39.48 -27.06 22.65
CA VAL C 348 39.59 -28.36 23.30
C VAL C 348 39.22 -29.49 22.35
N PHE C 349 40.11 -30.47 22.22
CA PHE C 349 39.92 -31.61 21.32
C PHE C 349 39.10 -32.70 22.00
N ALA C 350 38.44 -33.53 21.19
CA ALA C 350 37.84 -34.77 21.68
C ALA C 350 36.68 -34.55 22.64
N VAL C 351 36.03 -33.40 22.56
CA VAL C 351 34.83 -33.17 23.35
C VAL C 351 33.74 -34.07 22.76
N PRO C 352 32.96 -34.73 23.63
CA PRO C 352 31.93 -35.60 23.07
C PRO C 352 30.63 -34.87 22.75
N ALA C 353 29.95 -35.39 21.73
CA ALA C 353 28.60 -35.03 21.39
C ALA C 353 27.72 -36.30 21.30
N LEU C 354 26.46 -36.08 20.93
CA LEU C 354 25.46 -37.11 20.67
C LEU C 354 25.97 -38.48 20.19
N GLU C 355 26.88 -38.48 19.23
CA GLU C 355 27.39 -39.73 18.65
C GLU C 355 28.52 -40.37 19.44
N HIS C 356 29.00 -39.70 20.49
CA HIS C 356 30.17 -40.15 21.24
C HIS C 356 29.84 -40.81 22.57
N ALA C 357 30.54 -41.90 22.88
CA ALA C 357 30.56 -42.41 24.25
C ALA C 357 31.03 -41.32 25.24
N GLY C 358 30.48 -41.35 26.45
CA GLY C 358 30.88 -40.41 27.51
C GLY C 358 30.05 -39.15 27.54
N PHE C 359 29.21 -38.97 26.52
CA PHE C 359 28.43 -37.77 26.36
C PHE C 359 27.33 -37.71 27.41
N VAL C 360 27.05 -36.49 27.87
CA VAL C 360 26.04 -36.24 28.89
C VAL C 360 25.08 -35.18 28.38
N GLY C 361 23.83 -35.58 28.19
CA GLY C 361 22.77 -34.66 27.77
C GLY C 361 21.76 -35.41 26.95
N SER C 362 20.78 -34.69 26.43
CA SER C 362 19.80 -35.29 25.52
C SER C 362 20.44 -35.63 24.18
N ARG C 363 20.15 -36.81 23.63
CA ARG C 363 20.60 -37.15 22.26
C ARG C 363 19.46 -36.98 21.26
N GLY C 364 18.39 -36.30 21.68
CA GLY C 364 17.24 -36.05 20.81
C GLY C 364 15.97 -36.54 21.45
N GLY C 365 14.86 -35.88 21.15
CA GLY C 365 13.58 -36.23 21.74
C GLY C 365 13.13 -37.61 21.30
N GLY C 366 12.91 -38.50 22.28
CA GLY C 366 12.52 -39.89 22.02
C GLY C 366 13.52 -40.70 21.21
N VAL C 367 14.80 -40.39 21.33
CA VAL C 367 15.84 -41.17 20.67
C VAL C 367 16.58 -41.96 21.73
N ILE C 368 16.80 -43.25 21.45
CA ILE C 368 17.72 -44.07 22.22
C ILE C 368 18.85 -44.37 21.26
N VAL C 369 20.08 -44.02 21.67
CA VAL C 369 21.26 -44.52 20.97
C VAL C 369 21.65 -45.80 21.73
N ASP C 370 22.11 -46.80 20.97
CA ASP C 370 22.55 -48.05 21.53
C ASP C 370 24.01 -47.83 21.96
N PRO C 371 24.37 -48.16 23.23
CA PRO C 371 25.77 -48.13 23.62
C PRO C 371 26.74 -48.83 22.65
N SER C 372 26.24 -49.79 21.87
CA SER C 372 27.03 -50.45 20.82
C SER C 372 27.32 -49.54 19.61
N LYS C 373 26.53 -48.49 19.45
CA LYS C 373 26.72 -47.51 18.34
C LYS C 373 27.49 -46.24 18.73
N GLN C 374 27.75 -46.02 20.02
CA GLN C 374 28.39 -44.80 20.51
C GLN C 374 29.88 -44.84 20.23
N GLN C 375 30.39 -43.80 19.59
CA GLN C 375 31.76 -43.81 19.05
C GLN C 375 32.73 -43.38 20.12
N LYS C 376 33.94 -43.95 20.05
CA LYS C 376 34.97 -43.67 21.04
C LYS C 376 36.13 -42.95 20.38
N THR C 377 36.77 -42.07 21.14
CA THR C 377 37.95 -41.38 20.65
C THR C 377 39.20 -42.16 21.08
N CYS C 378 40.05 -42.50 20.11
CA CYS C 378 41.28 -43.25 20.38
C CYS C 378 42.17 -42.56 21.41
N THR C 379 42.64 -43.30 22.41
CA THR C 379 43.53 -42.78 23.42
C THR C 379 44.98 -43.24 23.21
N GLN C 380 45.19 -44.25 22.36
CA GLN C 380 46.55 -44.61 21.92
C GLN C 380 46.62 -44.64 20.40
N PRO C 381 47.80 -44.29 19.84
CA PRO C 381 47.88 -44.10 18.40
C PRO C 381 47.43 -45.27 17.51
N ASN C 382 47.82 -46.50 17.79
CA ASN C 382 47.31 -47.55 16.87
C ASN C 382 46.08 -48.28 17.41
N GLU C 383 45.32 -47.64 18.28
CA GLU C 383 44.09 -48.25 18.82
C GLU C 383 43.09 -48.51 17.70
N GLN C 384 42.30 -49.55 17.88
CA GLN C 384 41.34 -50.01 16.87
C GLN C 384 39.91 -49.68 17.25
N GLY C 385 39.03 -49.68 16.26
CA GLY C 385 37.61 -49.43 16.47
C GLY C 385 37.31 -48.11 17.14
N CYS C 386 38.04 -47.06 16.78
CA CYS C 386 37.81 -45.72 17.33
C CYS C 386 38.14 -44.62 16.32
N ASN C 387 37.61 -43.43 16.58
CA ASN C 387 37.95 -42.27 15.78
C ASN C 387 39.27 -41.71 16.23
N ALA C 388 40.14 -41.41 15.27
CA ALA C 388 41.42 -40.77 15.55
C ALA C 388 41.24 -39.49 16.36
N GLN C 389 42.26 -39.13 17.14
CA GLN C 389 42.32 -37.78 17.67
C GLN C 389 42.12 -36.83 16.48
N PRO C 390 41.27 -35.81 16.65
CA PRO C 390 40.96 -34.89 15.57
C PRO C 390 42.15 -34.05 15.14
N ASN C 391 42.04 -33.43 13.98
CA ASN C 391 43.15 -32.69 13.40
C ASN C 391 44.44 -33.49 13.40
N GLN C 392 44.31 -34.79 13.14
CA GLN C 392 45.46 -35.70 13.04
C GLN C 392 46.40 -35.63 14.26
N GLY C 393 45.85 -35.34 15.43
CA GLY C 393 46.61 -35.36 16.66
C GLY C 393 47.62 -34.27 16.82
N ILE C 394 47.49 -33.17 16.07
CA ILE C 394 48.46 -32.10 16.12
C ILE C 394 48.61 -31.52 17.54
N LYS C 395 49.86 -31.24 17.91
CA LYS C 395 50.20 -30.84 19.26
C LYS C 395 50.48 -29.37 19.36
N ALA C 396 50.07 -28.77 20.46
CA ALA C 396 50.29 -27.36 20.70
C ALA C 396 51.78 -27.08 20.84
N PRO C 397 52.24 -25.92 20.38
CA PRO C 397 53.65 -25.58 20.55
C PRO C 397 54.01 -25.26 22.01
N LYS C 398 55.31 -25.17 22.25
CA LYS C 398 55.88 -24.92 23.58
C LYS C 398 56.49 -23.51 23.55
N LEU C 399 56.12 -22.69 24.52
CA LEU C 399 56.66 -21.33 24.63
C LEU C 399 57.56 -21.21 25.85
N THR C 400 58.68 -20.49 25.71
CA THR C 400 59.61 -20.22 26.82
C THR C 400 60.13 -18.78 26.69
N ALA C 401 60.32 -18.10 27.82
CA ALA C 401 60.88 -16.75 27.83
C ALA C 401 62.38 -16.87 27.53
N ASN C 402 62.89 -16.00 26.67
CA ASN C 402 64.28 -16.08 26.21
C ASN C 402 64.87 -14.67 26.01
N LYS C 403 65.44 -14.14 27.09
CA LYS C 403 66.06 -12.81 27.12
C LYS C 403 65.14 -11.71 26.59
N GLY C 404 63.91 -11.67 27.09
CA GLY C 404 62.94 -10.63 26.67
C GLY C 404 62.23 -10.92 25.35
N LEU C 405 62.71 -11.93 24.62
CA LEU C 405 62.00 -12.46 23.45
C LEU C 405 61.19 -13.70 23.83
N VAL C 406 60.27 -14.07 22.96
CA VAL C 406 59.48 -15.27 23.15
C VAL C 406 59.97 -16.32 22.17
N ALA C 407 60.45 -17.43 22.73
CA ALA C 407 60.97 -18.56 21.95
C ALA C 407 59.89 -19.59 21.79
N VAL C 408 59.59 -19.95 20.55
CA VAL C 408 58.56 -20.94 20.28
C VAL C 408 59.23 -22.19 19.75
N GLU C 409 58.74 -23.35 20.16
CA GLU C 409 59.22 -24.63 19.64
C GLU C 409 58.01 -25.40 19.10
N VAL C 410 58.13 -25.85 17.85
CA VAL C 410 57.08 -26.61 17.19
C VAL C 410 57.47 -28.06 17.07
N ASN C 411 56.56 -28.96 17.45
CA ASN C 411 56.78 -30.39 17.31
C ASN C 411 55.76 -31.02 16.42
N GLY C 412 56.17 -31.36 15.22
CA GLY C 412 55.25 -31.85 14.20
C GLY C 412 55.92 -32.82 13.27
N LEU C 413 55.35 -32.93 12.08
CA LEU C 413 55.88 -33.83 11.07
C LEU C 413 57.15 -33.23 10.48
N PRO C 414 58.01 -34.06 9.88
CA PRO C 414 59.27 -33.57 9.29
C PRO C 414 59.10 -32.85 7.94
N ASN C 415 59.89 -31.79 7.73
CA ASN C 415 59.91 -31.03 6.46
C ASN C 415 58.55 -30.47 6.04
N GLN C 416 57.93 -29.74 6.96
CA GLN C 416 56.59 -29.22 6.78
C GLN C 416 56.50 -27.76 7.21
N ARG C 417 55.57 -27.04 6.59
CA ARG C 417 55.25 -25.68 6.96
C ARG C 417 54.27 -25.69 8.13
N TYR C 418 54.52 -24.78 9.07
CA TYR C 418 53.60 -24.54 10.15
C TYR C 418 53.44 -23.04 10.34
N GLN C 419 52.20 -22.64 10.58
CA GLN C 419 51.83 -21.26 10.78
C GLN C 419 51.57 -21.08 12.26
N VAL C 420 52.45 -20.34 12.91
CA VAL C 420 52.36 -20.10 14.34
C VAL C 420 51.59 -18.82 14.55
N GLU C 421 50.49 -18.87 15.29
CA GLU C 421 49.74 -17.65 15.59
C GLU C 421 49.90 -17.33 17.07
N PHE C 422 50.18 -16.07 17.37
CA PHE C 422 50.40 -15.62 18.74
C PHE C 422 49.21 -14.80 19.22
N PHE C 423 48.87 -15.02 20.50
CA PHE C 423 47.77 -14.34 21.16
C PHE C 423 48.20 -13.86 22.54
N SER C 424 47.64 -12.73 22.96
CA SER C 424 47.92 -12.18 24.29
C SER C 424 46.65 -12.03 25.14
N ASN C 425 46.84 -11.99 26.45
CA ASN C 425 45.76 -11.67 27.39
C ASN C 425 46.26 -10.59 28.32
N GLN C 426 45.40 -9.66 28.70
CA GLN C 426 45.79 -8.62 29.66
C GLN C 426 45.72 -9.12 31.11
N ASN C 427 44.97 -10.18 31.36
CA ASN C 427 45.03 -10.92 32.63
C ASN C 427 46.20 -11.92 32.60
N ALA C 428 47.15 -11.79 33.53
CA ALA C 428 48.35 -12.66 33.54
C ALA C 428 48.07 -14.12 33.94
N ALA C 429 46.90 -14.37 34.53
CA ALA C 429 46.49 -15.71 34.92
C ALA C 429 45.71 -16.43 33.81
N SER C 430 45.04 -15.66 32.94
CA SER C 430 44.32 -16.21 31.80
C SER C 430 45.23 -17.04 30.91
N LYS C 431 44.71 -18.17 30.45
CA LYS C 431 45.46 -19.09 29.60
C LYS C 431 44.77 -19.26 28.24
N GLU C 432 44.01 -18.25 27.82
CA GLU C 432 43.23 -18.30 26.57
C GLU C 432 43.80 -17.31 25.51
N ALA C 433 42.95 -16.65 24.73
CA ALA C 433 43.43 -15.84 23.59
C ALA C 433 42.58 -14.61 23.36
N GLU C 434 42.81 -13.61 24.19
CA GLU C 434 41.97 -12.42 24.24
C GLU C 434 42.20 -11.47 23.07
N GLN C 435 43.46 -11.24 22.70
CA GLN C 435 43.84 -10.32 21.63
C GLN C 435 44.79 -11.05 20.66
N TYR C 436 44.65 -10.81 19.35
CA TYR C 436 45.50 -11.45 18.33
C TYR C 436 46.74 -10.61 18.05
N LEU C 437 47.92 -11.20 18.17
CA LEU C 437 49.16 -10.43 18.08
C LEU C 437 49.88 -10.46 16.75
N GLY C 438 49.63 -11.48 15.93
CA GLY C 438 50.27 -11.65 14.63
C GLY C 438 50.72 -13.09 14.45
N ALA C 439 51.33 -13.39 13.31
CA ALA C 439 51.75 -14.77 13.00
C ALA C 439 53.12 -14.87 12.31
N ILE C 440 53.78 -15.99 12.46
CA ILE C 440 54.97 -16.30 11.68
C ILE C 440 54.86 -17.67 11.02
N THR C 441 55.74 -17.91 10.05
CA THR C 441 55.79 -19.14 9.32
C THR C 441 57.13 -19.83 9.64
N VAL C 442 57.06 -21.10 10.03
CA VAL C 442 58.25 -21.89 10.33
C VAL C 442 58.28 -23.18 9.54
N ALA C 443 59.48 -23.73 9.34
CA ALA C 443 59.67 -24.96 8.57
C ALA C 443 60.39 -25.97 9.46
N THR C 444 59.78 -27.12 9.69
CA THR C 444 60.41 -28.16 10.49
C THR C 444 61.57 -28.81 9.72
N ASP C 445 62.57 -29.27 10.47
CA ASP C 445 63.70 -30.04 9.93
C ASP C 445 63.31 -31.52 9.88
N ALA C 446 64.29 -32.41 9.68
CA ALA C 446 64.00 -33.85 9.54
C ALA C 446 63.49 -34.58 10.81
N GLN C 447 63.61 -33.97 11.99
CA GLN C 447 63.02 -34.55 13.22
C GLN C 447 61.65 -33.95 13.56
N GLY C 448 61.19 -33.01 12.74
CA GLY C 448 59.88 -32.38 12.96
C GLY C 448 59.93 -31.25 13.97
N ILE C 449 61.10 -30.61 14.09
CA ILE C 449 61.31 -29.53 15.04
C ILE C 449 61.54 -28.26 14.28
N ALA C 450 61.02 -27.16 14.83
CA ALA C 450 61.33 -25.83 14.34
C ALA C 450 61.32 -24.90 15.53
N LYS C 451 62.30 -24.00 15.60
CA LYS C 451 62.36 -23.04 16.70
C LYS C 451 62.40 -21.66 16.10
N ALA C 452 61.97 -20.67 16.87
CA ALA C 452 61.96 -19.30 16.37
C ALA C 452 61.71 -18.36 17.52
N ASN C 453 62.27 -17.16 17.43
CA ASN C 453 62.04 -16.12 18.39
C ASN C 453 61.05 -15.12 17.84
N TRP C 454 60.35 -14.44 18.74
CA TRP C 454 59.33 -13.50 18.33
C TRP C 454 59.15 -12.46 19.43
N LYS C 455 59.43 -11.19 19.11
CA LYS C 455 59.25 -10.10 20.06
C LYS C 455 57.78 -9.69 20.07
N PRO C 456 57.19 -9.55 21.27
CA PRO C 456 55.82 -9.07 21.26
C PRO C 456 55.69 -7.70 20.59
N SER C 457 54.58 -7.48 19.89
CA SER C 457 54.28 -6.20 19.27
C SER C 457 54.03 -5.13 20.35
N VAL C 458 53.36 -5.54 21.43
CA VAL C 458 52.99 -4.67 22.55
C VAL C 458 53.70 -5.13 23.83
N LYS C 459 53.46 -4.43 24.94
CA LYS C 459 53.85 -4.91 26.26
C LYS C 459 52.62 -5.50 26.96
N VAL C 460 52.65 -6.82 27.19
CA VAL C 460 51.46 -7.59 27.62
C VAL C 460 51.74 -8.56 28.77
N ALA C 461 50.68 -9.11 29.35
CA ALA C 461 50.79 -9.92 30.56
C ALA C 461 51.10 -11.39 30.30
N SER C 462 50.25 -12.09 29.54
CA SER C 462 50.51 -13.50 29.18
C SER C 462 50.32 -13.75 27.69
N ILE C 463 51.01 -14.76 27.17
CA ILE C 463 51.01 -15.06 25.74
C ILE C 463 50.76 -16.54 25.46
N THR C 464 49.88 -16.80 24.50
CA THR C 464 49.61 -18.16 24.04
C THR C 464 49.88 -18.24 22.55
N ALA C 465 50.05 -19.46 22.05
CA ALA C 465 50.23 -19.67 20.62
C ALA C 465 49.70 -21.00 20.16
N ASN C 466 49.30 -21.09 18.90
CA ASN C 466 48.93 -22.37 18.31
C ASN C 466 49.57 -22.54 16.94
N ILE C 467 49.38 -23.70 16.34
CA ILE C 467 49.95 -23.95 15.03
C ILE C 467 48.91 -24.49 14.06
N THR C 468 49.09 -24.17 12.79
CA THR C 468 48.25 -24.68 11.76
C THR C 468 49.14 -25.37 10.73
N ASP C 469 48.92 -26.66 10.48
CA ASP C 469 49.77 -27.39 9.54
C ASP C 469 49.38 -27.09 8.08
N ARG C 470 50.12 -27.68 7.14
CA ARG C 470 49.95 -27.40 5.70
C ARG C 470 48.61 -27.81 5.13
N PHE C 471 47.90 -28.70 5.81
CA PHE C 471 46.60 -29.13 5.40
C PHE C 471 45.47 -28.30 6.03
N GLY C 472 45.81 -27.38 6.93
CA GLY C 472 44.81 -26.50 7.53
C GLY C 472 44.32 -26.94 8.89
N ALA C 473 44.99 -27.93 9.49
CA ALA C 473 44.66 -28.38 10.86
C ALA C 473 45.33 -27.50 11.88
N THR C 474 44.53 -26.94 12.79
CA THR C 474 45.04 -26.05 13.82
C THR C 474 45.02 -26.73 15.18
N SER C 475 46.05 -26.46 15.96
CA SER C 475 46.23 -27.06 17.26
C SER C 475 45.48 -26.30 18.32
N GLU C 476 45.52 -26.84 19.53
CA GLU C 476 45.07 -26.10 20.69
C GLU C 476 46.12 -25.06 21.06
N LEU C 477 45.80 -24.24 22.06
CA LEU C 477 46.73 -23.24 22.55
C LEU C 477 47.78 -23.88 23.43
N SER C 478 48.99 -23.32 23.37
CA SER C 478 50.06 -23.67 24.29
C SER C 478 49.70 -23.28 25.72
N SER C 479 50.47 -23.78 26.68
CA SER C 479 50.45 -23.20 28.02
C SER C 479 50.74 -21.71 27.89
N ALA C 480 50.15 -20.92 28.79
CA ALA C 480 50.42 -19.49 28.82
C ALA C 480 51.85 -19.20 29.27
N LEU C 481 52.50 -18.23 28.65
CA LEU C 481 53.77 -17.73 29.12
C LEU C 481 53.56 -16.38 29.80
N GLN C 482 53.92 -16.29 31.07
CA GLN C 482 53.74 -15.04 31.83
C GLN C 482 54.99 -14.21 31.75
N THR C 483 54.85 -12.97 31.28
CA THR C 483 56.00 -12.09 31.06
C THR C 483 56.14 -11.18 32.28
N LYS C 484 57.37 -11.06 32.80
CA LYS C 484 57.67 -10.08 33.88
C LYS C 484 59.12 -9.60 34.02
N ALA D 21 48.42 -39.72 -16.11
CA ALA D 21 46.93 -39.59 -16.18
C ALA D 21 46.32 -38.71 -15.07
N GLN D 22 46.67 -39.01 -13.81
CA GLN D 22 46.05 -38.39 -12.62
C GLN D 22 47.01 -37.54 -11.79
N THR D 23 48.25 -37.98 -11.59
CA THR D 23 49.28 -37.15 -10.94
C THR D 23 50.41 -36.86 -11.94
N TYR D 24 50.80 -35.59 -12.08
CA TYR D 24 51.89 -35.24 -12.97
C TYR D 24 52.93 -34.44 -12.22
N VAL D 25 54.11 -35.02 -12.05
CA VAL D 25 55.20 -34.34 -11.38
C VAL D 25 55.90 -33.38 -12.34
N VAL D 26 56.12 -32.16 -11.88
CA VAL D 26 56.88 -31.16 -12.62
C VAL D 26 58.22 -30.98 -11.91
N ASP D 27 59.28 -31.59 -12.45
CA ASP D 27 60.62 -31.57 -11.83
C ASP D 27 61.65 -30.77 -12.66
N ARG D 28 61.15 -29.94 -13.58
CA ARG D 28 62.01 -29.13 -14.45
C ARG D 28 61.37 -27.76 -14.68
N TYR D 29 62.17 -26.71 -14.52
CA TYR D 29 61.67 -25.37 -14.67
C TYR D 29 61.94 -24.83 -16.07
N GLN D 30 62.25 -25.69 -17.03
CA GLN D 30 62.31 -25.25 -18.42
C GLN D 30 60.90 -25.12 -18.97
N ASP D 31 60.76 -24.26 -19.97
CA ASP D 31 59.48 -24.07 -20.64
C ASP D 31 59.49 -24.75 -22.02
N ASP D 32 59.12 -26.03 -22.05
CA ASP D 32 59.02 -26.79 -23.28
C ASP D 32 58.00 -27.91 -23.09
N SER D 33 57.69 -28.63 -24.16
CA SER D 33 56.63 -29.64 -24.08
C SER D 33 57.14 -31.05 -23.75
N ASN D 34 58.39 -31.16 -23.31
CA ASN D 34 58.96 -32.45 -22.89
C ASN D 34 58.63 -32.80 -21.45
N LYS D 35 58.58 -34.11 -21.19
CA LYS D 35 58.25 -34.62 -19.86
C LYS D 35 58.97 -33.87 -18.74
N GLY D 36 58.21 -33.55 -17.68
CA GLY D 36 58.76 -32.86 -16.50
C GLY D 36 58.42 -31.38 -16.37
N SER D 37 58.09 -30.72 -17.49
CA SER D 37 57.84 -29.28 -17.47
C SER D 37 56.39 -29.01 -17.06
N LEU D 38 56.13 -27.75 -16.69
CA LEU D 38 54.78 -27.34 -16.32
C LEU D 38 53.88 -27.41 -17.55
N ARG D 39 54.36 -26.83 -18.65
CA ARG D 39 53.68 -26.93 -19.95
C ARG D 39 53.28 -28.39 -20.29
N TRP D 40 54.23 -29.31 -20.23
CA TRP D 40 53.95 -30.73 -20.49
C TRP D 40 52.79 -31.23 -19.63
N ALA D 41 52.87 -30.99 -18.32
CA ALA D 41 51.86 -31.48 -17.38
C ALA D 41 50.47 -30.98 -17.76
N ILE D 42 50.37 -29.73 -18.18
CA ILE D 42 49.09 -29.12 -18.53
C ILE D 42 48.55 -29.72 -19.83
N GLU D 43 49.42 -29.87 -20.83
CA GLU D 43 49.06 -30.56 -22.08
C GLU D 43 48.57 -31.99 -21.80
N GLN D 44 49.21 -32.68 -20.88
CA GLN D 44 48.78 -34.04 -20.51
C GLN D 44 47.41 -34.07 -19.84
N ALA D 45 47.19 -33.17 -18.89
CA ALA D 45 45.91 -33.12 -18.17
C ALA D 45 44.79 -32.72 -19.11
N ASN D 46 45.10 -31.84 -20.07
CA ASN D 46 44.13 -31.37 -21.07
C ASN D 46 43.63 -32.47 -22.00
N ALA D 47 44.46 -33.47 -22.25
CA ALA D 47 44.04 -34.63 -23.04
C ALA D 47 43.17 -35.64 -22.26
N ASN D 48 43.00 -35.43 -20.95
CA ASN D 48 42.03 -36.20 -20.14
C ASN D 48 41.02 -35.27 -19.44
N PRO D 49 40.23 -34.50 -20.21
CA PRO D 49 39.29 -33.54 -19.62
C PRO D 49 38.36 -34.13 -18.55
N GLY D 50 38.08 -35.43 -18.62
CA GLY D 50 37.27 -36.09 -17.62
C GLY D 50 38.01 -36.34 -16.33
N GLU D 51 39.31 -36.58 -16.41
CA GLU D 51 40.12 -36.88 -15.23
C GLU D 51 40.49 -35.64 -14.41
N ALA D 52 40.23 -35.73 -13.10
CA ALA D 52 40.75 -34.76 -12.14
C ALA D 52 42.21 -35.14 -11.89
N SER D 53 43.11 -34.24 -12.23
CA SER D 53 44.54 -34.51 -12.19
C SER D 53 45.21 -33.55 -11.23
N ASP D 54 46.21 -34.01 -10.49
CA ASP D 54 47.05 -33.14 -9.67
C ASP D 54 48.39 -32.85 -10.38
N ILE D 55 48.66 -31.58 -10.69
CA ILE D 55 49.96 -31.17 -11.21
C ILE D 55 50.85 -30.66 -10.08
N LEU D 56 51.85 -31.45 -9.70
CA LEU D 56 52.67 -31.16 -8.54
C LEU D 56 54.02 -30.58 -8.94
N ILE D 57 54.20 -29.29 -8.68
CA ILE D 57 55.43 -28.60 -9.02
C ILE D 57 56.43 -28.74 -7.87
N GLN D 58 57.59 -29.32 -8.16
CA GLN D 58 58.63 -29.55 -7.16
C GLN D 58 59.48 -28.33 -7.02
N ALA D 59 60.23 -28.29 -5.92
CA ALA D 59 61.34 -27.37 -5.79
C ALA D 59 62.49 -27.91 -6.64
N VAL D 60 63.09 -27.01 -7.43
CA VAL D 60 64.22 -27.37 -8.30
C VAL D 60 65.27 -26.30 -8.11
N GLY D 61 66.48 -26.73 -7.78
CA GLY D 61 67.56 -25.81 -7.48
C GLY D 61 67.31 -25.17 -6.14
N LYS D 62 67.66 -23.89 -6.04
CA LYS D 62 67.62 -23.14 -4.79
C LYS D 62 66.67 -21.96 -4.92
N ALA D 63 66.19 -21.49 -3.77
CA ALA D 63 65.32 -20.34 -3.72
C ALA D 63 66.09 -19.14 -4.25
N PRO D 64 65.42 -18.19 -4.90
CA PRO D 64 63.98 -18.28 -5.21
C PRO D 64 63.68 -19.26 -6.34
N TYR D 65 62.44 -19.75 -6.39
CA TYR D 65 62.04 -20.76 -7.37
C TYR D 65 61.12 -20.13 -8.40
N ALA D 66 61.46 -20.27 -9.69
CA ALA D 66 60.68 -19.66 -10.76
C ALA D 66 60.73 -20.47 -12.05
N ILE D 67 59.56 -20.65 -12.67
CA ILE D 67 59.45 -21.18 -14.02
C ILE D 67 59.28 -19.96 -14.93
N LYS D 68 60.35 -19.58 -15.63
CA LYS D 68 60.30 -18.41 -16.51
C LYS D 68 59.79 -18.80 -17.89
N LEU D 69 58.53 -18.50 -18.17
CA LEU D 69 57.92 -18.94 -19.42
C LEU D 69 58.46 -18.14 -20.58
N ASN D 70 58.49 -18.79 -21.75
CA ASN D 70 58.86 -18.14 -23.04
C ASN D 70 57.66 -17.86 -23.95
N SER D 71 56.53 -18.50 -23.67
CA SER D 71 55.27 -18.17 -24.35
C SER D 71 54.12 -18.45 -23.38
N ALA D 72 52.93 -17.94 -23.71
CA ALA D 72 51.72 -18.25 -22.94
C ALA D 72 51.58 -19.75 -22.75
N LEU D 73 51.20 -20.16 -21.54
CA LEU D 73 50.86 -21.54 -21.28
C LEU D 73 49.57 -21.85 -22.02
N PRO D 74 49.34 -23.12 -22.32
CA PRO D 74 48.05 -23.39 -22.90
C PRO D 74 46.97 -23.18 -21.84
N GLU D 75 45.78 -22.79 -22.29
CA GLU D 75 44.65 -22.56 -21.40
C GLU D 75 44.31 -23.85 -20.66
N ILE D 76 43.88 -23.73 -19.41
CA ILE D 76 43.57 -24.93 -18.64
C ILE D 76 42.17 -25.41 -18.99
N LYS D 77 42.09 -26.70 -19.32
CA LYS D 77 40.84 -27.33 -19.81
C LYS D 77 40.50 -28.64 -19.11
N ALA D 78 40.96 -28.83 -17.89
CA ALA D 78 40.59 -29.98 -17.09
C ALA D 78 40.52 -29.59 -15.63
N PRO D 79 39.73 -30.30 -14.83
CA PRO D 79 39.62 -29.96 -13.41
C PRO D 79 40.88 -30.36 -12.64
N VAL D 80 41.94 -29.57 -12.82
CA VAL D 80 43.25 -29.87 -12.24
C VAL D 80 43.50 -29.14 -10.93
N LYS D 81 44.44 -29.66 -10.16
CA LYS D 81 45.04 -28.94 -9.07
C LYS D 81 46.49 -28.63 -9.44
N ILE D 82 46.84 -27.37 -9.58
CA ILE D 82 48.23 -27.00 -9.79
C ILE D 82 48.82 -26.58 -8.43
N ILE D 83 49.63 -27.46 -7.84
CA ILE D 83 50.17 -27.27 -6.49
C ILE D 83 51.66 -26.94 -6.55
N GLY D 84 52.06 -25.79 -6.03
CA GLY D 84 53.45 -25.53 -5.70
C GLY D 84 53.78 -26.23 -4.40
N THR D 85 54.48 -27.36 -4.48
CA THR D 85 54.64 -28.28 -3.36
C THR D 85 55.63 -27.79 -2.31
N GLN D 86 56.38 -26.75 -2.64
CA GLN D 86 57.36 -26.23 -1.71
C GLN D 86 56.69 -25.52 -0.54
N TRP D 87 55.57 -24.84 -0.81
CA TRP D 87 54.75 -24.23 0.26
C TRP D 87 54.42 -25.22 1.39
N ASP D 88 54.11 -26.46 1.04
CA ASP D 88 53.84 -27.50 2.03
C ASP D 88 55.03 -27.75 2.99
N LYS D 89 56.25 -27.46 2.53
CA LYS D 89 57.47 -27.74 3.31
C LYS D 89 58.06 -26.54 4.04
N THR D 90 58.13 -25.38 3.39
CA THR D 90 58.72 -24.17 4.00
C THR D 90 57.89 -22.88 3.88
N GLY D 91 56.74 -22.95 3.22
CA GLY D 91 55.91 -21.77 3.00
C GLY D 91 56.36 -20.90 1.84
N GLU D 92 57.37 -21.35 1.09
CA GLU D 92 57.85 -20.60 -0.08
C GLU D 92 57.02 -20.91 -1.32
N TYR D 93 56.85 -19.91 -2.16
CA TYR D 93 56.08 -20.04 -3.39
C TYR D 93 56.98 -20.53 -4.51
N ILE D 94 56.40 -21.14 -5.54
CA ILE D 94 57.11 -21.40 -6.78
C ILE D 94 56.48 -20.49 -7.82
N ALA D 95 57.29 -19.61 -8.37
CA ALA D 95 56.79 -18.58 -9.27
C ALA D 95 56.50 -19.14 -10.66
N ILE D 96 55.51 -18.55 -11.33
CA ILE D 96 55.31 -18.74 -12.75
C ILE D 96 55.39 -17.33 -13.32
N ASP D 97 56.45 -17.10 -14.12
CA ASP D 97 56.94 -15.75 -14.44
C ASP D 97 56.86 -15.53 -15.95
N GLY D 98 56.10 -14.52 -16.36
CA GLY D 98 55.94 -14.20 -17.77
C GLY D 98 56.84 -13.10 -18.30
N SER D 99 57.84 -12.67 -17.52
CA SER D 99 58.65 -11.50 -17.88
C SER D 99 59.53 -11.73 -19.11
N ASN D 100 59.83 -12.99 -19.44
CA ASN D 100 60.54 -13.27 -20.69
C ASN D 100 59.74 -12.91 -21.93
N TYR D 101 58.44 -13.24 -21.95
CA TYR D 101 57.61 -12.98 -23.14
C TYR D 101 56.68 -11.76 -23.07
N ILE D 102 56.51 -11.18 -21.88
CA ILE D 102 55.70 -9.98 -21.72
C ILE D 102 56.64 -8.80 -21.53
N LYS D 103 57.14 -8.26 -22.64
CA LYS D 103 58.05 -7.12 -22.58
C LYS D 103 57.26 -5.83 -22.66
N GLY D 104 57.88 -4.77 -22.17
CA GLY D 104 57.24 -3.46 -22.07
C GLY D 104 57.58 -2.93 -20.70
N GLU D 105 57.32 -1.65 -20.47
CA GLU D 105 57.64 -1.05 -19.18
C GLU D 105 56.39 -0.50 -18.53
N GLY D 106 56.04 -1.10 -17.40
CA GLY D 106 54.83 -0.77 -16.69
C GLY D 106 53.59 -1.21 -17.43
N ALA D 107 52.55 -0.39 -17.34
CA ALA D 107 51.28 -0.69 -17.98
C ALA D 107 51.37 -0.71 -19.52
N LYS D 108 52.40 -0.08 -20.08
CA LYS D 108 52.59 -0.08 -21.54
C LYS D 108 52.89 -1.49 -22.08
N ALA D 109 53.32 -2.37 -21.18
CA ALA D 109 53.47 -3.79 -21.50
C ALA D 109 52.18 -4.55 -21.85
N CYS D 110 51.01 -3.94 -21.61
CA CYS D 110 49.75 -4.68 -21.64
C CYS D 110 48.63 -4.02 -22.46
N PRO D 111 48.67 -4.20 -23.79
CA PRO D 111 47.60 -3.69 -24.64
C PRO D 111 46.25 -4.20 -24.18
N GLY D 112 45.20 -3.41 -24.42
CA GLY D 112 43.82 -3.84 -24.16
C GLY D 112 43.18 -4.46 -25.38
N ALA D 113 41.88 -4.74 -25.29
CA ALA D 113 41.08 -5.21 -26.42
C ALA D 113 41.19 -4.25 -27.61
N ASN D 114 41.10 -2.95 -27.34
CA ASN D 114 41.59 -1.94 -28.27
C ASN D 114 43.11 -1.78 -28.06
N PRO D 115 43.93 -2.06 -29.10
CA PRO D 115 45.39 -2.05 -28.89
C PRO D 115 46.04 -0.69 -28.63
N GLU D 116 45.34 0.41 -28.86
CA GLU D 116 45.86 1.76 -28.52
C GLU D 116 45.62 2.08 -27.05
N GLN D 117 44.66 1.37 -26.43
CA GLN D 117 44.50 1.39 -24.97
C GLN D 117 45.47 0.40 -24.33
N TYR D 118 45.94 0.72 -23.13
CA TYR D 118 46.86 -0.18 -22.43
C TYR D 118 46.57 -0.18 -20.92
N GLY D 119 47.15 -1.16 -20.22
CA GLY D 119 47.11 -1.20 -18.75
C GLY D 119 45.94 -1.92 -18.10
N THR D 120 45.58 -1.45 -16.91
CA THR D 120 44.60 -2.13 -16.07
C THR D 120 43.18 -1.53 -16.06
N ASN D 121 43.04 -0.26 -16.44
CA ASN D 121 41.75 0.41 -16.38
C ASN D 121 41.09 0.58 -17.74
N VAL D 122 41.05 -0.51 -18.48
CA VAL D 122 40.50 -0.58 -19.83
C VAL D 122 39.98 -2.00 -20.02
N ARG D 123 39.00 -2.19 -20.90
CA ARG D 123 38.53 -3.52 -21.26
C ARG D 123 39.73 -4.30 -21.79
N THR D 124 40.00 -5.48 -21.23
CA THR D 124 41.18 -6.27 -21.60
C THR D 124 41.04 -7.69 -21.08
N MET D 125 41.41 -8.66 -21.89
CA MET D 125 41.60 -10.03 -21.39
C MET D 125 42.94 -10.55 -21.90
N THR D 126 43.88 -9.62 -22.07
CA THR D 126 45.12 -9.90 -22.78
C THR D 126 46.20 -10.44 -21.85
N LEU D 127 46.96 -11.39 -22.39
CA LEU D 127 48.20 -11.86 -21.79
C LEU D 127 48.06 -12.33 -20.37
N PRO D 128 47.21 -13.35 -20.15
CA PRO D 128 47.07 -13.98 -18.84
C PRO D 128 48.16 -15.02 -18.60
N GLY D 129 48.49 -15.29 -17.34
CA GLY D 129 49.39 -16.37 -16.97
C GLY D 129 48.70 -17.74 -16.95
N LEU D 130 47.55 -17.81 -16.33
CA LEU D 130 46.75 -19.02 -16.33
C LEU D 130 45.33 -18.71 -16.71
N VAL D 131 44.81 -19.42 -17.69
CA VAL D 131 43.47 -19.18 -18.15
C VAL D 131 42.57 -20.31 -17.72
N LEU D 132 41.58 -19.98 -16.89
CA LEU D 132 40.53 -20.90 -16.46
C LEU D 132 39.27 -20.49 -17.20
N ARG D 133 39.02 -21.10 -18.35
CA ARG D 133 37.88 -20.71 -19.19
C ARG D 133 37.10 -21.93 -19.67
N ASP D 134 35.77 -21.86 -19.54
CA ASP D 134 34.87 -22.98 -19.89
C ASP D 134 35.31 -24.27 -19.20
N VAL D 135 35.65 -24.17 -17.94
CA VAL D 135 36.12 -25.30 -17.14
C VAL D 135 35.82 -25.02 -15.68
N ASN D 136 35.66 -26.08 -14.89
CA ASN D 136 35.34 -25.90 -13.46
C ASN D 136 36.21 -26.73 -12.55
N ASN D 137 36.15 -26.43 -11.25
CA ASN D 137 36.80 -27.20 -10.18
C ASN D 137 38.32 -27.21 -10.24
N VAL D 138 38.91 -26.09 -10.65
CA VAL D 138 40.37 -25.95 -10.65
C VAL D 138 40.85 -25.40 -9.31
N THR D 139 41.91 -26.00 -8.79
CA THR D 139 42.60 -25.52 -7.60
C THR D 139 43.99 -25.02 -7.96
N LEU D 140 44.33 -23.83 -7.48
CA LEU D 140 45.68 -23.30 -7.55
C LEU D 140 46.16 -23.05 -6.14
N LYS D 141 47.31 -23.63 -5.81
CA LYS D 141 47.86 -23.53 -4.47
C LYS D 141 49.38 -23.43 -4.54
N GLY D 142 49.99 -22.59 -3.71
CA GLY D 142 51.46 -22.57 -3.54
C GLY D 142 52.26 -21.87 -4.63
N LEU D 143 51.60 -21.06 -5.46
CA LEU D 143 52.26 -20.43 -6.61
C LEU D 143 52.41 -18.93 -6.43
N ASP D 144 53.38 -18.35 -7.15
CA ASP D 144 53.47 -16.90 -7.34
C ASP D 144 53.24 -16.58 -8.82
N ILE D 145 52.06 -16.03 -9.13
CA ILE D 145 51.74 -15.69 -10.51
C ILE D 145 52.30 -14.30 -10.79
N HIS D 146 53.48 -14.27 -11.39
CA HIS D 146 54.36 -13.09 -11.42
C HIS D 146 54.52 -12.53 -12.84
N ARG D 147 54.43 -11.20 -12.94
CA ARG D 147 54.70 -10.43 -14.16
C ARG D 147 54.07 -10.94 -15.45
N PHE D 148 52.75 -11.12 -15.39
CA PHE D 148 51.90 -11.20 -16.56
C PHE D 148 51.11 -9.90 -16.63
N CYS D 149 50.06 -9.87 -17.45
CA CYS D 149 49.15 -8.72 -17.53
C CYS D 149 47.93 -9.00 -16.66
N ILE D 150 47.31 -10.14 -16.89
CA ILE D 150 46.36 -10.72 -15.96
C ILE D 150 47.06 -11.92 -15.34
N GLY D 151 47.03 -12.02 -14.01
CA GLY D 151 47.64 -13.15 -13.34
C GLY D 151 46.89 -14.43 -13.63
N VAL D 152 45.65 -14.49 -13.13
CA VAL D 152 44.77 -15.61 -13.38
C VAL D 152 43.44 -15.10 -13.95
N LEU D 153 43.10 -15.56 -15.13
CA LEU D 153 41.85 -15.19 -15.78
C LEU D 153 40.84 -16.30 -15.55
N ILE D 154 39.77 -15.98 -14.84
CA ILE D 154 38.67 -16.91 -14.60
C ILE D 154 37.49 -16.34 -15.37
N ASN D 155 37.08 -17.05 -16.43
CA ASN D 155 36.09 -16.55 -17.38
C ASN D 155 35.16 -17.68 -17.83
N ARG D 156 33.88 -17.57 -17.47
CA ARG D 156 32.91 -18.66 -17.63
C ARG D 156 33.42 -19.96 -17.00
N SER D 157 33.76 -19.85 -15.71
CA SER D 157 34.46 -20.90 -14.97
C SER D 157 34.08 -20.80 -13.49
N SER D 158 33.75 -21.93 -12.87
CA SER D 158 33.07 -21.94 -11.58
C SER D 158 33.67 -22.99 -10.65
N ASN D 159 33.29 -22.92 -9.37
CA ASN D 159 33.74 -23.87 -8.35
C ASN D 159 35.27 -24.07 -8.26
N ASN D 160 36.01 -23.00 -8.52
CA ASN D 160 37.45 -23.04 -8.40
C ASN D 160 37.88 -22.58 -7.03
N LEU D 161 39.12 -22.90 -6.69
CA LEU D 161 39.72 -22.58 -5.40
C LEU D 161 41.11 -22.00 -5.63
N ILE D 162 41.32 -20.78 -5.14
CA ILE D 162 42.61 -20.16 -5.23
C ILE D 162 43.06 -19.76 -3.83
N GLN D 163 43.93 -20.57 -3.25
CA GLN D 163 44.48 -20.21 -1.95
C GLN D 163 45.95 -20.52 -1.74
N HIS D 164 46.49 -19.82 -0.73
CA HIS D 164 47.89 -19.88 -0.36
C HIS D 164 48.81 -19.55 -1.54
N ASN D 165 48.41 -18.60 -2.38
CA ASN D 165 49.25 -18.15 -3.48
C ASN D 165 49.72 -16.73 -3.28
N ARG D 166 50.73 -16.36 -4.05
CA ARG D 166 51.09 -14.97 -4.23
C ARG D 166 50.68 -14.59 -5.65
N ILE D 167 50.19 -13.37 -5.81
CA ILE D 167 49.78 -12.85 -7.10
C ILE D 167 50.47 -11.50 -7.24
N SER D 168 51.51 -11.44 -8.05
CA SER D 168 52.40 -10.28 -8.03
C SER D 168 52.70 -9.64 -9.39
N ASN D 169 52.76 -8.32 -9.38
CA ASN D 169 53.32 -7.54 -10.48
C ASN D 169 52.63 -7.76 -11.83
N ASN D 170 51.31 -7.90 -11.78
CA ASN D 170 50.50 -8.01 -12.99
C ASN D 170 49.90 -6.65 -13.28
N TYR D 171 50.34 -6.04 -14.39
CA TYR D 171 50.06 -4.63 -14.65
C TYR D 171 48.98 -4.35 -15.69
N GLY D 172 48.33 -5.42 -16.16
CA GLY D 172 47.21 -5.33 -17.08
C GLY D 172 45.88 -5.51 -16.37
N GLY D 173 44.98 -6.28 -16.98
CA GLY D 173 43.60 -6.45 -16.46
C GLY D 173 43.42 -6.44 -14.96
N ALA D 174 44.06 -7.40 -14.30
CA ALA D 174 44.00 -7.59 -12.85
C ALA D 174 44.86 -8.77 -12.41
N GLY D 175 45.27 -8.81 -11.14
CA GLY D 175 45.96 -9.99 -10.61
C GLY D 175 45.10 -11.24 -10.79
N VAL D 176 43.85 -11.17 -10.37
CA VAL D 176 42.89 -12.24 -10.61
C VAL D 176 41.63 -11.59 -11.16
N MET D 177 41.19 -12.03 -12.33
CA MET D 177 40.00 -11.48 -12.96
C MET D 177 38.96 -12.55 -13.10
N LEU D 178 37.89 -12.43 -12.33
CA LEU D 178 36.74 -13.30 -12.49
C LEU D 178 35.71 -12.52 -13.33
N THR D 179 35.51 -12.95 -14.56
CA THR D 179 34.57 -12.25 -15.44
C THR D 179 33.64 -13.21 -16.19
N GLY D 180 32.35 -12.89 -16.18
CA GLY D 180 31.36 -13.67 -16.92
C GLY D 180 31.22 -13.28 -18.38
N ASP D 181 32.17 -12.47 -18.87
CA ASP D 181 32.21 -12.04 -20.27
C ASP D 181 31.92 -13.20 -21.20
N ASP D 182 30.93 -13.03 -22.08
CA ASP D 182 30.51 -14.07 -23.01
C ASP D 182 31.43 -14.17 -24.23
N GLY D 183 32.42 -13.28 -24.32
CA GLY D 183 33.29 -13.17 -25.48
C GLY D 183 33.08 -11.83 -26.16
N GLN D 184 31.82 -11.48 -26.36
CA GLN D 184 31.42 -10.24 -27.04
C GLN D 184 31.47 -9.03 -26.09
N GLY D 185 31.55 -9.27 -24.78
CA GLY D 185 31.56 -8.20 -23.77
C GLY D 185 30.33 -8.11 -22.89
N ASN D 186 29.37 -9.01 -23.10
CA ASN D 186 28.12 -9.03 -22.34
C ASN D 186 28.25 -9.91 -21.10
N PRO D 187 27.55 -9.55 -20.02
CA PRO D 187 27.65 -10.36 -18.81
C PRO D 187 26.90 -11.67 -18.91
N THR D 188 27.32 -12.67 -18.12
CA THR D 188 26.55 -13.88 -17.90
C THR D 188 26.43 -14.10 -16.40
N ALA D 189 25.25 -14.55 -15.96
CA ALA D 189 24.93 -14.63 -14.54
C ALA D 189 25.19 -16.00 -13.91
N THR D 190 25.36 -17.04 -14.72
CA THR D 190 25.44 -18.39 -14.19
C THR D 190 26.70 -19.17 -14.60
N THR D 191 27.77 -18.47 -14.95
CA THR D 191 28.94 -19.12 -15.54
C THR D 191 30.22 -19.02 -14.72
N THR D 192 30.30 -17.97 -13.90
CA THR D 192 31.55 -17.60 -13.25
C THR D 192 31.28 -17.43 -11.77
N ASN D 193 30.80 -18.51 -11.16
CA ASN D 193 30.22 -18.45 -9.84
C ASN D 193 30.84 -19.45 -8.89
N ASN D 194 30.51 -19.26 -7.61
CA ASN D 194 30.88 -20.20 -6.55
C ASN D 194 32.39 -20.45 -6.43
N ASN D 195 33.18 -19.47 -6.85
CA ASN D 195 34.63 -19.58 -6.72
C ASN D 195 35.05 -19.08 -5.34
N LYS D 196 36.20 -19.54 -4.88
CA LYS D 196 36.75 -19.09 -3.63
C LYS D 196 38.16 -18.55 -3.87
N VAL D 197 38.46 -17.44 -3.22
CA VAL D 197 39.78 -16.84 -3.24
C VAL D 197 40.16 -16.52 -1.81
N LEU D 198 41.08 -17.31 -1.25
CA LEU D 198 41.38 -17.30 0.19
C LEU D 198 42.88 -17.24 0.48
N ASP D 199 43.27 -16.57 1.58
CA ASP D 199 44.67 -16.55 2.07
C ASP D 199 45.71 -16.37 0.94
N ASN D 200 45.53 -15.35 0.10
CA ASN D 200 46.56 -14.99 -0.89
C ASN D 200 47.14 -13.60 -0.63
N ILE D 201 48.39 -13.39 -1.02
CA ILE D 201 48.97 -12.04 -1.04
C ILE D 201 48.90 -11.51 -2.46
N PHE D 202 48.13 -10.45 -2.65
CA PHE D 202 48.08 -9.75 -3.94
C PHE D 202 48.96 -8.52 -3.82
N GLN D 203 50.11 -8.52 -4.50
CA GLN D 203 51.04 -7.39 -4.38
C GLN D 203 51.37 -6.70 -5.69
N ASP D 204 51.33 -5.36 -5.67
CA ASP D 204 51.70 -4.54 -6.82
C ASP D 204 51.04 -5.02 -8.11
N ASN D 205 49.73 -5.25 -8.04
CA ASN D 205 48.94 -5.47 -9.25
C ASN D 205 48.17 -4.20 -9.50
N GLY D 206 47.99 -3.83 -10.76
CA GLY D 206 47.27 -2.61 -11.09
C GLY D 206 45.91 -2.61 -10.42
N ASP D 207 45.10 -3.61 -10.77
CA ASP D 207 43.86 -3.91 -10.08
C ASP D 207 44.17 -5.24 -9.38
N GLY D 208 44.04 -5.29 -8.07
CA GLY D 208 44.26 -6.55 -7.35
C GLY D 208 43.38 -7.69 -7.83
N LEU D 209 42.06 -7.52 -7.75
CA LEU D 209 41.11 -8.57 -8.17
C LEU D 209 39.81 -7.97 -8.69
N GLU D 210 39.29 -8.54 -9.77
CA GLU D 210 38.08 -8.05 -10.41
C GLU D 210 36.98 -9.08 -10.31
N LEU D 211 35.78 -8.61 -9.99
CA LEU D 211 34.55 -9.39 -10.10
C LEU D 211 33.70 -8.62 -11.10
N THR D 212 33.56 -9.17 -12.31
CA THR D 212 32.95 -8.37 -13.38
C THR D 212 32.05 -9.15 -14.36
N ARG D 213 31.18 -8.39 -15.01
CA ARG D 213 30.31 -8.89 -16.07
C ARG D 213 29.58 -10.17 -15.70
N GLY D 214 28.89 -10.10 -14.56
CA GLY D 214 27.95 -11.14 -14.14
C GLY D 214 28.44 -12.15 -13.13
N ALA D 215 29.76 -12.19 -12.92
CA ALA D 215 30.36 -13.12 -11.97
C ALA D 215 29.70 -12.96 -10.62
N ALA D 216 29.25 -14.07 -10.06
CA ALA D 216 28.40 -14.00 -8.87
C ALA D 216 28.64 -15.11 -7.85
N PHE D 217 28.07 -14.92 -6.67
CA PHE D 217 28.18 -15.84 -5.53
C PHE D 217 29.59 -16.39 -5.35
N ASN D 218 30.57 -15.50 -5.47
CA ASN D 218 31.94 -15.85 -5.17
C ASN D 218 32.30 -15.36 -3.77
N LEU D 219 33.26 -16.05 -3.16
CA LEU D 219 33.77 -15.69 -1.85
C LEU D 219 35.23 -15.24 -1.97
N ILE D 220 35.47 -13.97 -1.62
CA ILE D 220 36.81 -13.44 -1.64
C ILE D 220 37.12 -13.09 -0.20
N ALA D 221 38.01 -13.84 0.43
CA ALA D 221 38.22 -13.64 1.86
C ALA D 221 39.66 -13.86 2.33
N ASN D 222 40.00 -13.14 3.39
CA ASN D 222 41.29 -13.28 4.06
C ASN D 222 42.49 -13.14 3.11
N ASN D 223 42.42 -12.18 2.19
CA ASN D 223 43.53 -11.85 1.32
C ASN D 223 44.12 -10.51 1.71
N HIS D 224 45.40 -10.33 1.42
CA HIS D 224 46.06 -9.05 1.58
C HIS D 224 46.21 -8.41 0.20
N PHE D 225 45.57 -7.26 0.01
CA PHE D 225 45.69 -6.49 -1.23
C PHE D 225 46.54 -5.26 -0.96
N VAL D 226 47.78 -5.29 -1.45
CA VAL D 226 48.75 -4.25 -1.12
C VAL D 226 49.45 -3.72 -2.38
N SER D 227 49.62 -2.40 -2.41
CA SER D 227 50.40 -1.71 -3.44
C SER D 227 51.57 -0.96 -2.79
N THR D 228 52.69 -0.90 -3.49
CA THR D 228 53.89 -0.17 -3.06
C THR D 228 54.25 0.84 -4.15
N LYS D 229 55.31 1.62 -3.91
CA LYS D 229 55.73 2.61 -4.90
C LYS D 229 56.22 1.99 -6.21
N ALA D 230 56.43 0.68 -6.22
CA ALA D 230 56.75 -0.05 -7.44
C ALA D 230 55.61 -0.16 -8.44
N ASN D 231 54.36 -0.03 -7.98
CA ASN D 231 53.23 -0.29 -8.85
C ASN D 231 53.06 0.84 -9.89
N PRO D 232 53.20 0.51 -11.18
CA PRO D 232 53.04 1.50 -12.25
C PRO D 232 51.73 2.27 -12.17
N GLU D 233 50.59 1.56 -12.09
CA GLU D 233 49.30 2.22 -11.87
C GLU D 233 48.46 1.59 -10.77
N PRO D 234 48.60 2.13 -9.55
CA PRO D 234 47.87 1.65 -8.37
C PRO D 234 46.41 2.10 -8.38
N SER D 235 45.52 1.19 -8.79
CA SER D 235 44.14 1.55 -9.06
C SER D 235 43.20 1.03 -7.96
N GLN D 236 42.59 -0.13 -8.17
CA GLN D 236 41.59 -0.67 -7.26
C GLN D 236 42.09 -1.97 -6.69
N GLY D 237 42.15 -2.09 -5.36
CA GLY D 237 42.41 -3.39 -4.73
C GLY D 237 41.43 -4.46 -5.21
N ILE D 238 40.13 -4.18 -5.06
CA ILE D 238 39.12 -4.98 -5.74
C ILE D 238 38.25 -4.03 -6.53
N GLU D 239 37.96 -4.39 -7.78
CA GLU D 239 37.00 -3.66 -8.61
C GLU D 239 35.83 -4.59 -8.91
N ILE D 240 34.63 -4.14 -8.58
CA ILE D 240 33.41 -4.88 -8.91
C ILE D 240 32.71 -4.09 -10.02
N LEU D 241 32.76 -4.61 -11.23
CA LEU D 241 32.22 -3.92 -12.40
C LEU D 241 31.13 -4.79 -13.02
N TRP D 242 29.88 -4.52 -12.65
CA TRP D 242 28.74 -5.36 -13.02
C TRP D 242 28.86 -6.78 -12.48
N GLY D 243 29.62 -6.96 -11.39
CA GLY D 243 29.66 -8.25 -10.67
C GLY D 243 28.61 -8.23 -9.57
N ASN D 244 27.99 -9.36 -9.29
CA ASN D 244 26.84 -9.39 -8.38
C ASN D 244 26.83 -10.51 -7.37
N ASP D 245 26.12 -10.26 -6.26
CA ASP D 245 25.81 -11.30 -5.29
C ASP D 245 27.04 -12.01 -4.73
N ASN D 246 28.15 -11.28 -4.60
CA ASN D 246 29.39 -11.85 -4.07
C ASN D 246 29.56 -11.52 -2.60
N ALA D 247 30.49 -12.22 -1.96
CA ALA D 247 30.84 -11.95 -0.58
C ALA D 247 32.33 -11.64 -0.51
N VAL D 248 32.65 -10.50 0.09
CA VAL D 248 34.01 -10.02 0.22
C VAL D 248 34.24 -9.74 1.70
N VAL D 249 34.99 -10.62 2.34
CA VAL D 249 35.05 -10.67 3.77
C VAL D 249 36.47 -10.82 4.27
N GLY D 250 36.82 -10.02 5.28
CA GLY D 250 38.03 -10.24 6.07
C GLY D 250 39.35 -10.01 5.36
N ASN D 251 39.36 -9.11 4.37
CA ASN D 251 40.57 -8.79 3.62
C ASN D 251 41.17 -7.48 4.09
N LYS D 252 42.46 -7.28 3.81
CA LYS D 252 43.12 -6.00 4.05
C LYS D 252 43.48 -5.32 2.73
N PHE D 253 43.16 -4.04 2.61
CA PHE D 253 43.41 -3.26 1.39
C PHE D 253 44.26 -2.00 1.69
N GLU D 254 45.50 -1.95 1.19
CA GLU D 254 46.42 -0.82 1.43
C GLU D 254 46.95 -0.14 0.17
N ASN D 255 47.06 1.19 0.23
CA ASN D 255 47.89 1.98 -0.71
C ASN D 255 47.41 2.05 -2.17
N TYR D 256 46.12 1.80 -2.39
CA TYR D 256 45.53 1.90 -3.73
C TYR D 256 44.83 3.24 -3.91
N SER D 257 44.35 3.51 -5.10
CA SER D 257 43.52 4.71 -5.35
C SER D 257 42.19 4.49 -4.64
N ASP D 258 41.54 3.36 -4.92
CA ASP D 258 40.40 2.91 -4.13
C ASP D 258 40.74 1.55 -3.55
N GLY D 259 40.51 1.36 -2.26
CA GLY D 259 40.63 0.03 -1.67
C GLY D 259 39.75 -0.95 -2.41
N LEU D 260 38.46 -0.65 -2.45
CA LEU D 260 37.52 -1.40 -3.23
C LEU D 260 36.61 -0.41 -3.93
N GLN D 261 36.42 -0.60 -5.22
CA GLN D 261 35.55 0.28 -6.00
C GLN D 261 34.47 -0.59 -6.63
N ILE D 262 33.22 -0.16 -6.50
CA ILE D 262 32.14 -0.83 -7.21
C ILE D 262 31.66 0.06 -8.33
N ASN D 263 31.57 -0.50 -9.51
CA ASN D 263 31.00 0.17 -10.67
C ASN D 263 29.76 -0.60 -11.15
N TRP D 264 28.63 -0.31 -10.52
CA TRP D 264 27.30 -0.76 -10.97
C TRP D 264 27.03 -2.26 -10.84
N GLY D 265 27.89 -2.97 -10.11
CA GLY D 265 27.58 -4.32 -9.65
C GLY D 265 26.57 -4.21 -8.52
N LYS D 266 25.79 -5.27 -8.31
CA LYS D 266 24.67 -5.20 -7.36
C LYS D 266 24.72 -6.29 -6.30
N ARG D 267 24.23 -5.95 -5.10
CA ARG D 267 23.90 -6.93 -4.05
C ARG D 267 25.11 -7.74 -3.55
N ASN D 268 26.24 -7.06 -3.40
CA ASN D 268 27.44 -7.68 -2.85
C ASN D 268 27.51 -7.38 -1.38
N TYR D 269 27.92 -8.38 -0.62
CA TYR D 269 28.07 -8.24 0.82
C TYR D 269 29.56 -8.09 1.10
N ILE D 270 29.94 -6.87 1.48
CA ILE D 270 31.33 -6.50 1.74
C ILE D 270 31.48 -6.28 3.26
N ALA D 271 32.15 -7.18 3.96
CA ALA D 271 32.16 -7.09 5.42
C ALA D 271 33.48 -7.39 6.10
N TYR D 272 33.72 -6.68 7.21
CA TYR D 272 34.86 -6.96 8.10
C TYR D 272 36.20 -6.88 7.37
N ASN D 273 36.29 -5.96 6.41
CA ASN D 273 37.55 -5.69 5.72
C ASN D 273 38.25 -4.50 6.36
N GLU D 274 39.57 -4.42 6.22
CA GLU D 274 40.31 -3.23 6.62
C GLU D 274 40.79 -2.49 5.38
N MET D 275 40.37 -1.22 5.24
CA MET D 275 40.79 -0.34 4.15
C MET D 275 41.64 0.81 4.72
N THR D 276 42.90 0.89 4.34
CA THR D 276 43.81 1.89 4.91
C THR D 276 44.81 2.42 3.88
N ASN D 277 45.19 3.70 4.02
CA ASN D 277 46.11 4.38 3.11
C ASN D 277 45.73 4.38 1.65
N ASN D 278 44.44 4.35 1.38
CA ASN D 278 43.97 4.50 0.02
C ASN D 278 43.51 5.94 -0.13
N SER D 279 43.30 6.41 -1.36
CA SER D 279 42.74 7.73 -1.55
C SER D 279 41.28 7.67 -1.08
N ILE D 280 40.57 6.65 -1.56
CA ILE D 280 39.25 6.32 -1.09
C ILE D 280 39.25 4.89 -0.54
N GLY D 281 38.64 4.68 0.62
CA GLY D 281 38.50 3.34 1.20
C GLY D 281 37.55 2.48 0.37
N PHE D 282 36.29 2.90 0.30
CA PHE D 282 35.30 2.25 -0.55
C PHE D 282 34.73 3.29 -1.51
N ASN D 283 34.83 3.01 -2.81
CA ASN D 283 34.30 3.91 -3.82
C ASN D 283 33.04 3.25 -4.41
N MET D 284 31.87 3.71 -3.97
CA MET D 284 30.67 2.91 -4.11
C MET D 284 29.64 3.41 -5.12
N THR D 285 29.08 2.45 -5.86
CA THR D 285 27.80 2.57 -6.56
C THR D 285 27.13 1.22 -6.54
N GLY D 286 25.92 1.13 -7.08
CA GLY D 286 25.28 -0.16 -7.33
C GLY D 286 24.22 -0.53 -6.33
N ASP D 287 23.01 -0.82 -6.81
CA ASP D 287 21.85 -1.13 -5.97
C ASP D 287 22.12 -2.38 -5.14
N GLY D 288 21.82 -2.31 -3.84
CA GLY D 288 21.82 -3.48 -2.96
C GLY D 288 23.15 -3.87 -2.35
N ASN D 289 24.22 -3.10 -2.58
CA ASN D 289 25.51 -3.40 -1.97
C ASN D 289 25.49 -2.96 -0.52
N ILE D 290 26.09 -3.81 0.32
CA ILE D 290 26.11 -3.60 1.77
C ILE D 290 27.56 -3.60 2.24
N LEU D 291 27.94 -2.53 2.91
CA LEU D 291 29.19 -2.47 3.65
C LEU D 291 28.85 -2.69 5.12
N ASP D 292 29.32 -3.80 5.68
CA ASP D 292 28.99 -4.17 7.05
C ASP D 292 30.25 -4.33 7.88
N SER D 293 30.37 -3.54 8.94
CA SER D 293 31.42 -3.74 9.95
C SER D 293 32.84 -3.70 9.43
N ASN D 294 33.10 -2.89 8.41
CA ASN D 294 34.46 -2.71 7.89
C ASN D 294 35.21 -1.69 8.70
N LYS D 295 36.53 -1.79 8.69
CA LYS D 295 37.40 -0.81 9.32
C LYS D 295 38.04 0.02 8.23
N VAL D 296 37.70 1.30 8.19
CA VAL D 296 38.09 2.22 7.11
C VAL D 296 38.81 3.41 7.72
N HIS D 297 40.14 3.43 7.61
CA HIS D 297 40.95 4.45 8.29
C HIS D 297 42.24 4.82 7.56
N GLY D 298 42.62 6.09 7.63
CA GLY D 298 43.88 6.57 7.07
C GLY D 298 43.80 6.82 5.57
N ASN D 299 42.61 7.12 5.09
CA ASN D 299 42.35 7.43 3.68
C ASN D 299 41.99 8.92 3.52
N ARG D 300 41.98 9.44 2.29
CA ARG D 300 41.51 10.82 2.07
C ARG D 300 40.02 10.84 2.35
N ILE D 301 39.30 9.92 1.70
CA ILE D 301 37.87 9.74 1.96
C ILE D 301 37.63 8.29 2.39
N GLY D 302 36.86 8.10 3.45
CA GLY D 302 36.57 6.75 3.93
C GLY D 302 35.71 5.97 2.94
N VAL D 303 34.46 6.41 2.83
CA VAL D 303 33.51 5.80 1.92
C VAL D 303 32.95 6.89 1.04
N ALA D 304 33.10 6.72 -0.26
CA ALA D 304 32.48 7.63 -1.21
C ALA D 304 31.31 6.91 -1.86
N ILE D 305 30.20 7.62 -2.04
CA ILE D 305 29.05 7.09 -2.79
C ILE D 305 28.74 8.00 -3.97
N ARG D 306 28.98 7.48 -5.18
CA ARG D 306 28.85 8.27 -6.39
C ARG D 306 27.44 8.31 -6.90
N SER D 307 27.14 9.33 -7.69
CA SER D 307 25.91 9.39 -8.43
C SER D 307 26.06 8.44 -9.60
N GLU D 308 24.92 7.95 -10.09
CA GLU D 308 24.87 7.00 -11.20
C GLU D 308 23.53 7.11 -11.91
N LYS D 309 23.42 6.48 -13.05
CA LYS D 309 22.21 6.57 -13.85
C LYS D 309 21.04 5.86 -13.20
N ASP D 310 21.29 4.74 -12.54
CA ASP D 310 20.24 4.06 -11.75
C ASP D 310 19.93 4.93 -10.54
N ALA D 311 18.83 5.67 -10.60
CA ALA D 311 18.43 6.54 -9.48
C ALA D 311 17.72 5.78 -8.37
N ASN D 312 17.57 4.45 -8.52
CA ASN D 312 16.99 3.62 -7.46
C ASN D 312 17.98 2.72 -6.77
N ALA D 313 19.27 2.95 -7.00
CA ALA D 313 20.32 2.20 -6.32
C ALA D 313 20.40 2.63 -4.87
N LYS D 314 20.38 1.67 -3.96
CA LYS D 314 20.57 1.96 -2.55
C LYS D 314 21.83 1.22 -2.11
N ILE D 315 22.76 1.98 -1.53
CA ILE D 315 24.00 1.46 -0.96
C ILE D 315 23.85 1.59 0.56
N THR D 316 24.04 0.47 1.26
CA THR D 316 23.84 0.39 2.70
C THR D 316 25.18 0.42 3.44
N LEU D 317 25.28 1.19 4.52
CA LEU D 317 26.37 1.05 5.46
C LEU D 317 25.82 0.77 6.85
N THR D 318 26.36 -0.25 7.50
CA THR D 318 25.95 -0.60 8.87
C THR D 318 27.15 -1.05 9.70
N LYS D 319 27.28 -0.45 10.90
CA LYS D 319 28.33 -0.77 11.88
C LYS D 319 29.77 -0.60 11.40
N ASN D 320 30.01 0.21 10.37
CA ASN D 320 31.38 0.40 9.89
C ASN D 320 32.13 1.33 10.82
N LEU D 321 33.37 0.96 11.15
CA LEU D 321 34.25 1.83 11.91
C LEU D 321 35.05 2.65 10.92
N ILE D 322 34.71 3.93 10.80
CA ILE D 322 35.31 4.80 9.80
C ILE D 322 35.87 6.00 10.51
N TRP D 323 37.19 6.14 10.54
CA TRP D 323 37.83 7.19 11.30
C TRP D 323 39.20 7.51 10.76
N ASP D 324 39.76 8.64 11.20
CA ASP D 324 41.14 9.01 10.87
C ASP D 324 41.35 9.11 9.36
N ASN D 325 40.38 9.69 8.67
CA ASN D 325 40.50 9.94 7.25
C ASN D 325 40.74 11.44 7.04
N GLY D 326 40.57 11.93 5.81
CA GLY D 326 40.94 13.29 5.49
C GLY D 326 42.45 13.42 5.29
N LYS D 327 43.15 12.31 5.14
CA LYS D 327 44.58 12.30 4.84
C LYS D 327 44.85 12.86 3.43
N ASP D 328 46.02 13.46 3.27
CA ASP D 328 46.42 14.05 2.00
C ASP D 328 46.98 12.93 1.13
N ILE D 329 46.07 12.10 0.61
CA ILE D 329 46.45 10.96 -0.23
C ILE D 329 45.69 11.09 -1.54
N LYS D 330 46.30 11.80 -2.49
CA LYS D 330 45.72 12.03 -3.79
C LYS D 330 46.35 11.03 -4.74
N ARG D 331 45.59 10.00 -5.10
CA ARG D 331 46.07 8.92 -5.95
C ARG D 331 44.87 8.46 -6.74
N CYS D 332 44.86 8.72 -8.03
CA CYS D 332 43.64 8.69 -8.82
C CYS D 332 43.84 8.00 -10.16
N GLU D 333 44.17 6.72 -10.11
CA GLU D 333 44.18 5.91 -11.30
C GLU D 333 42.80 5.26 -11.48
N ALA D 334 41.92 5.98 -12.17
CA ALA D 334 40.54 5.53 -12.48
C ALA D 334 39.64 5.45 -11.25
N GLY D 335 40.04 6.16 -10.20
CA GLY D 335 39.23 6.32 -9.01
C GLY D 335 39.89 7.31 -8.07
N GLY D 336 39.65 7.17 -6.78
CA GLY D 336 40.34 7.98 -5.78
C GLY D 336 39.82 9.40 -5.74
N SER D 337 40.39 10.21 -4.88
CA SER D 337 40.05 11.61 -4.85
C SER D 337 41.28 12.49 -4.99
N CYS D 338 41.33 13.28 -6.07
CA CYS D 338 42.37 14.29 -6.27
C CYS D 338 41.82 15.69 -6.51
N VAL D 339 40.50 15.84 -6.51
CA VAL D 339 39.89 17.16 -6.68
C VAL D 339 40.35 18.03 -5.50
N PRO D 340 40.96 19.20 -5.79
CA PRO D 340 41.53 20.01 -4.71
C PRO D 340 40.53 20.52 -3.68
N ASP D 341 39.38 21.01 -4.13
CA ASP D 341 38.35 21.55 -3.23
C ASP D 341 37.32 20.49 -2.77
N GLN D 342 37.70 19.21 -2.78
CA GLN D 342 36.80 18.10 -2.49
C GLN D 342 36.47 18.00 -1.00
N ARG D 343 35.19 17.82 -0.71
CA ARG D 343 34.73 17.62 0.67
C ARG D 343 35.21 16.26 1.15
N LEU D 344 35.87 16.28 2.31
CA LEU D 344 36.51 15.09 2.88
C LEU D 344 35.74 14.58 4.09
N GLY D 345 36.01 13.34 4.49
CA GLY D 345 35.36 12.78 5.68
C GLY D 345 35.11 11.28 5.62
N ALA D 346 34.27 10.83 6.54
CA ALA D 346 33.94 9.42 6.70
C ALA D 346 33.14 8.88 5.53
N ILE D 347 32.03 9.56 5.23
CA ILE D 347 31.10 9.15 4.19
C ILE D 347 30.76 10.39 3.41
N VAL D 348 31.00 10.37 2.10
CA VAL D 348 30.79 11.54 1.26
C VAL D 348 30.07 11.18 -0.04
N PHE D 349 28.97 11.89 -0.33
CA PHE D 349 28.17 11.66 -1.53
C PHE D 349 28.73 12.41 -2.72
N ALA D 350 28.43 11.92 -3.92
CA ALA D 350 28.66 12.69 -5.14
C ALA D 350 30.12 12.91 -5.45
N VAL D 351 30.98 12.04 -4.94
CA VAL D 351 32.39 12.09 -5.29
C VAL D 351 32.50 11.65 -6.75
N PRO D 352 33.33 12.36 -7.54
CA PRO D 352 33.45 11.95 -8.91
C PRO D 352 34.49 10.86 -9.15
N ALA D 353 34.20 10.03 -10.15
CA ALA D 353 35.12 9.07 -10.71
C ALA D 353 35.22 9.26 -12.24
N LEU D 354 36.00 8.38 -12.87
CA LEU D 354 36.17 8.28 -14.31
C LEU D 354 34.99 8.76 -15.20
N GLU D 355 33.78 8.34 -14.87
CA GLU D 355 32.61 8.68 -15.67
C GLU D 355 32.01 10.06 -15.37
N HIS D 356 32.53 10.75 -14.36
CA HIS D 356 31.95 12.01 -13.88
C HIS D 356 32.73 13.26 -14.33
N ALA D 357 32.00 14.29 -14.72
CA ALA D 357 32.58 15.62 -14.85
C ALA D 357 33.22 16.06 -13.53
N GLY D 358 34.30 16.82 -13.61
CA GLY D 358 34.98 17.37 -12.43
C GLY D 358 36.08 16.47 -11.91
N PHE D 359 36.15 15.25 -12.45
CA PHE D 359 37.07 14.26 -11.96
C PHE D 359 38.49 14.63 -12.33
N VAL D 360 39.43 14.31 -11.43
CA VAL D 360 40.83 14.60 -11.61
C VAL D 360 41.64 13.33 -11.44
N GLY D 361 42.28 12.90 -12.52
CA GLY D 361 43.16 11.74 -12.49
C GLY D 361 43.14 11.05 -13.84
N SER D 362 43.83 9.92 -13.95
CA SER D 362 43.81 9.11 -15.15
C SER D 362 42.44 8.47 -15.36
N ARG D 363 41.93 8.49 -16.59
CA ARG D 363 40.70 7.75 -16.93
C ARG D 363 41.01 6.43 -17.62
N GLY D 364 42.28 6.03 -17.61
CA GLY D 364 42.72 4.79 -18.24
C GLY D 364 43.81 5.05 -19.26
N GLY D 365 44.72 4.08 -19.43
CA GLY D 365 45.84 4.21 -20.34
C GLY D 365 45.37 4.32 -21.78
N GLY D 366 45.74 5.43 -22.42
CA GLY D 366 45.34 5.72 -23.80
C GLY D 366 43.83 5.87 -24.02
N VAL D 367 43.11 6.31 -23.00
CA VAL D 367 41.69 6.57 -23.16
C VAL D 367 41.47 8.07 -23.14
N ILE D 368 40.69 8.58 -24.11
CA ILE D 368 40.14 9.92 -24.05
C ILE D 368 38.65 9.74 -23.89
N VAL D 369 38.09 10.31 -22.83
CA VAL D 369 36.64 10.40 -22.68
C VAL D 369 36.25 11.75 -23.29
N ASP D 370 35.09 11.77 -23.91
CA ASP D 370 34.55 12.99 -24.51
C ASP D 370 33.88 13.79 -23.40
N PRO D 371 34.25 15.07 -23.23
CA PRO D 371 33.51 15.93 -22.28
C PRO D 371 31.98 15.90 -22.42
N SER D 372 31.49 15.54 -23.62
CA SER D 372 30.06 15.40 -23.85
C SER D 372 29.48 14.13 -23.19
N LYS D 373 30.33 13.15 -22.89
CA LYS D 373 29.93 11.89 -22.23
C LYS D 373 30.13 11.86 -20.70
N GLN D 374 30.81 12.86 -20.15
CA GLN D 374 31.09 12.93 -18.71
C GLN D 374 29.83 13.34 -17.94
N GLN D 375 29.46 12.55 -16.95
CA GLN D 375 28.16 12.69 -16.29
C GLN D 375 28.26 13.70 -15.16
N LYS D 376 27.17 14.41 -14.92
CA LYS D 376 27.12 15.42 -13.87
C LYS D 376 26.12 15.01 -12.79
N THR D 377 26.40 15.42 -11.56
CA THR D 377 25.49 15.14 -10.47
C THR D 377 24.56 16.35 -10.27
N CYS D 378 23.25 16.09 -10.29
CA CYS D 378 22.25 17.16 -10.13
C CYS D 378 22.42 17.94 -8.84
N THR D 379 22.41 19.27 -8.92
CA THR D 379 22.50 20.13 -7.75
C THR D 379 21.14 20.75 -7.39
N GLN D 380 20.16 20.69 -8.29
CA GLN D 380 18.79 21.10 -7.95
C GLN D 380 17.79 20.02 -8.29
N PRO D 381 16.68 19.93 -7.52
CA PRO D 381 15.75 18.80 -7.71
C PRO D 381 15.18 18.60 -9.13
N ASN D 382 14.75 19.66 -9.79
CA ASN D 382 14.22 19.61 -11.14
C ASN D 382 15.28 19.53 -12.27
N GLU D 383 16.56 19.50 -11.93
CA GLU D 383 17.59 19.66 -12.95
C GLU D 383 17.57 18.51 -13.96
N GLN D 384 17.92 18.82 -15.20
CA GLN D 384 17.83 17.89 -16.32
C GLN D 384 19.21 17.42 -16.76
N GLY D 385 19.25 16.30 -17.47
CA GLY D 385 20.48 15.75 -17.99
C GLY D 385 21.56 15.50 -16.96
N CYS D 386 21.18 15.00 -15.78
CA CYS D 386 22.15 14.65 -14.73
C CYS D 386 21.71 13.46 -13.89
N ASN D 387 22.65 12.85 -13.19
CA ASN D 387 22.33 11.78 -12.24
C ASN D 387 21.83 12.38 -10.94
N ALA D 388 20.74 11.83 -10.42
CA ALA D 388 20.25 12.17 -9.08
C ALA D 388 21.33 12.07 -8.01
N GLN D 389 21.18 12.89 -6.98
CA GLN D 389 21.96 12.67 -5.77
C GLN D 389 21.78 11.19 -5.40
N PRO D 390 22.89 10.51 -5.05
CA PRO D 390 22.84 9.10 -4.73
C PRO D 390 22.07 8.81 -3.44
N ASN D 391 21.73 7.55 -3.24
CA ASN D 391 20.88 7.14 -2.13
C ASN D 391 19.64 8.01 -2.02
N GLN D 392 19.08 8.37 -3.17
CA GLN D 392 17.84 9.15 -3.25
C GLN D 392 17.87 10.44 -2.40
N GLY D 393 19.05 11.03 -2.25
CA GLY D 393 19.17 12.30 -1.55
C GLY D 393 18.89 12.26 -0.06
N ILE D 394 19.05 11.09 0.54
CA ILE D 394 18.82 10.97 1.98
C ILE D 394 19.75 11.89 2.79
N LYS D 395 19.19 12.50 3.83
CA LYS D 395 19.87 13.55 4.58
C LYS D 395 20.36 13.01 5.91
N ALA D 396 21.53 13.45 6.33
CA ALA D 396 22.07 13.06 7.63
C ALA D 396 21.19 13.61 8.73
N PRO D 397 21.07 12.88 9.85
CA PRO D 397 20.26 13.38 10.95
C PRO D 397 20.93 14.54 11.68
N LYS D 398 20.15 15.18 12.55
CA LYS D 398 20.58 16.35 13.33
C LYS D 398 20.70 15.90 14.79
N LEU D 399 21.85 16.16 15.41
CA LEU D 399 22.07 15.84 16.82
C LEU D 399 22.15 17.10 17.66
N THR D 400 21.54 17.04 18.85
CA THR D 400 21.61 18.14 19.83
C THR D 400 21.72 17.54 21.23
N ALA D 401 22.50 18.21 22.09
CA ALA D 401 22.59 17.81 23.49
C ALA D 401 21.28 18.17 24.18
N ASN D 402 20.75 17.27 25.00
CA ASN D 402 19.43 17.45 25.61
C ASN D 402 19.41 16.87 27.02
N LYS D 403 19.75 17.70 28.00
CA LYS D 403 19.81 17.32 29.42
C LYS D 403 20.68 16.08 29.66
N GLY D 404 21.89 16.07 29.08
CA GLY D 404 22.81 14.93 29.25
C GLY D 404 22.51 13.72 28.38
N LEU D 405 21.35 13.73 27.70
CA LEU D 405 21.01 12.74 26.68
C LEU D 405 21.32 13.29 25.29
N VAL D 406 21.35 12.39 24.31
CA VAL D 406 21.59 12.78 22.94
C VAL D 406 20.29 12.68 22.18
N ALA D 407 19.82 13.81 21.66
CA ALA D 407 18.55 13.89 20.95
C ALA D 407 18.84 13.86 19.47
N VAL D 408 18.22 12.92 18.76
CA VAL D 408 18.40 12.83 17.33
C VAL D 408 17.11 13.23 16.64
N GLU D 409 17.22 13.93 15.53
CA GLU D 409 16.07 14.29 14.70
C GLU D 409 16.30 13.77 13.28
N VAL D 410 15.33 13.04 12.76
CA VAL D 410 15.37 12.50 11.40
C VAL D 410 14.43 13.27 10.49
N ASN D 411 14.93 13.66 9.32
CA ASN D 411 14.10 14.31 8.30
C ASN D 411 14.09 13.51 7.03
N GLY D 412 12.98 12.83 6.79
CA GLY D 412 12.86 11.93 5.67
C GLY D 412 11.44 11.87 5.13
N LEU D 413 11.12 10.75 4.50
CA LEU D 413 9.80 10.56 3.93
C LEU D 413 8.80 10.27 5.05
N PRO D 414 7.50 10.50 4.78
CA PRO D 414 6.46 10.28 5.81
C PRO D 414 6.10 8.81 6.03
N ASN D 415 5.84 8.42 7.29
CA ASN D 415 5.39 7.06 7.67
C ASN D 415 6.34 5.95 7.23
N GLN D 416 7.59 6.11 7.60
CA GLN D 416 8.67 5.23 7.17
C GLN D 416 9.58 4.84 8.32
N ARG D 417 10.17 3.65 8.18
CA ARG D 417 11.17 3.17 9.11
C ARG D 417 12.52 3.76 8.78
N TYR D 418 13.23 4.15 9.82
CA TYR D 418 14.60 4.58 9.71
C TYR D 418 15.41 3.95 10.83
N GLN D 419 16.59 3.50 10.48
CA GLN D 419 17.51 2.86 11.40
C GLN D 419 18.61 3.84 11.71
N VAL D 420 18.62 4.34 12.94
CA VAL D 420 19.59 5.34 13.36
C VAL D 420 20.76 4.60 13.98
N GLU D 421 21.96 4.80 13.44
CA GLU D 421 23.14 4.14 14.03
C GLU D 421 24.02 5.20 14.70
N PHE D 422 24.47 4.91 15.91
CA PHE D 422 25.27 5.86 16.69
C PHE D 422 26.71 5.41 16.74
N PHE D 423 27.61 6.40 16.63
CA PHE D 423 29.05 6.16 16.66
C PHE D 423 29.71 7.19 17.58
N SER D 424 30.80 6.78 18.23
CA SER D 424 31.58 7.66 19.11
C SER D 424 33.04 7.77 18.65
N ASN D 425 33.68 8.87 19.04
CA ASN D 425 35.12 9.06 18.85
C ASN D 425 35.71 9.49 20.18
N GLN D 426 36.89 8.98 20.51
CA GLN D 426 37.58 9.41 21.73
C GLN D 426 38.27 10.76 21.57
N ASN D 427 38.58 11.15 20.33
CA ASN D 427 38.98 12.53 20.03
C ASN D 427 37.74 13.44 19.89
N ALA D 428 37.63 14.48 20.72
CA ALA D 428 36.46 15.38 20.71
C ALA D 428 36.34 16.27 19.46
N ALA D 429 37.43 16.40 18.71
CA ALA D 429 37.45 17.19 17.48
C ALA D 429 37.10 16.35 16.24
N SER D 430 37.36 15.04 16.32
CA SER D 430 36.99 14.11 15.25
C SER D 430 35.50 14.17 14.94
N LYS D 431 35.19 14.14 13.65
CA LYS D 431 33.82 14.24 13.19
C LYS D 431 33.40 12.97 12.41
N GLU D 432 34.06 11.85 12.70
CA GLU D 432 33.88 10.59 11.98
C GLU D 432 33.24 9.51 12.88
N ALA D 433 33.64 8.24 12.76
CA ALA D 433 32.97 7.15 13.44
C ALA D 433 33.93 6.04 13.88
N GLU D 434 34.62 6.30 14.97
CA GLU D 434 35.71 5.46 15.43
C GLU D 434 35.23 4.16 16.08
N GLN D 435 34.20 4.25 16.93
CA GLN D 435 33.67 3.10 17.66
C GLN D 435 32.14 3.06 17.42
N TYR D 436 31.58 1.86 17.22
CA TYR D 436 30.13 1.69 17.00
C TYR D 436 29.40 1.50 18.33
N LEU D 437 28.40 2.33 18.59
CA LEU D 437 27.77 2.36 19.91
C LEU D 437 26.47 1.59 20.03
N GLY D 438 25.78 1.35 18.90
CA GLY D 438 24.49 0.65 18.89
C GLY D 438 23.52 1.39 17.99
N ALA D 439 22.28 0.90 17.89
CA ALA D 439 21.30 1.49 16.96
C ALA D 439 19.88 1.50 17.54
N ILE D 440 19.06 2.43 17.07
CA ILE D 440 17.64 2.40 17.36
C ILE D 440 16.82 2.49 16.08
N THR D 441 15.56 2.14 16.21
CA THR D 441 14.64 2.09 15.08
C THR D 441 13.54 3.13 15.35
N VAL D 442 13.34 4.03 14.39
CA VAL D 442 12.35 5.10 14.54
C VAL D 442 11.37 5.11 13.38
N ALA D 443 10.18 5.64 13.63
CA ALA D 443 9.15 5.77 12.62
C ALA D 443 8.80 7.23 12.46
N THR D 444 8.93 7.74 11.24
CA THR D 444 8.52 9.11 10.96
C THR D 444 7.00 9.24 11.00
N ASP D 445 6.55 10.45 11.38
CA ASP D 445 5.12 10.80 11.36
C ASP D 445 4.75 11.31 9.96
N ALA D 446 3.59 11.94 9.82
CA ALA D 446 3.12 12.38 8.48
C ALA D 446 3.91 13.55 7.82
N GLN D 447 4.77 14.25 8.58
CA GLN D 447 5.64 15.28 7.99
C GLN D 447 7.05 14.76 7.69
N GLY D 448 7.31 13.48 8.01
CA GLY D 448 8.61 12.88 7.78
C GLY D 448 9.63 13.17 8.86
N ILE D 449 9.12 13.40 10.07
CA ILE D 449 9.96 13.74 11.22
C ILE D 449 9.88 12.62 12.23
N ALA D 450 11.01 12.35 12.87
CA ALA D 450 11.05 11.45 14.01
C ALA D 450 12.11 11.95 14.96
N LYS D 451 11.84 11.91 16.25
CA LYS D 451 12.82 12.31 17.25
C LYS D 451 13.02 11.14 18.18
N ALA D 452 14.17 11.12 18.84
CA ALA D 452 14.45 10.09 19.81
C ALA D 452 15.64 10.50 20.63
N ASN D 453 15.62 10.14 21.89
CA ASN D 453 16.71 10.43 22.82
C ASN D 453 17.47 9.14 23.03
N TRP D 454 18.75 9.25 23.33
CA TRP D 454 19.59 8.09 23.44
C TRP D 454 20.77 8.40 24.34
N LYS D 455 20.86 7.71 25.47
CA LYS D 455 21.96 7.89 26.41
C LYS D 455 23.16 7.09 25.90
N PRO D 456 24.36 7.72 25.87
CA PRO D 456 25.52 6.93 25.48
C PRO D 456 25.72 5.71 26.38
N SER D 457 26.20 4.63 25.79
CA SER D 457 26.51 3.41 26.51
C SER D 457 27.71 3.65 27.45
N VAL D 458 28.68 4.46 26.99
CA VAL D 458 29.90 4.77 27.72
C VAL D 458 29.94 6.28 28.07
N LYS D 459 31.03 6.73 28.68
CA LYS D 459 31.36 8.15 28.77
C LYS D 459 32.38 8.49 27.67
N VAL D 460 31.96 9.31 26.71
CA VAL D 460 32.73 9.54 25.48
C VAL D 460 32.81 11.02 25.08
N ALA D 461 33.70 11.32 24.14
CA ALA D 461 34.00 12.70 23.76
C ALA D 461 33.04 13.29 22.73
N SER D 462 32.97 12.69 21.54
CA SER D 462 32.05 13.16 20.50
C SER D 462 31.24 12.03 19.88
N ILE D 463 30.05 12.37 19.38
CA ILE D 463 29.10 11.39 18.88
C ILE D 463 28.55 11.77 17.51
N THR D 464 28.52 10.81 16.60
CA THR D 464 27.92 10.99 15.29
C THR D 464 26.82 9.97 15.10
N ALA D 465 25.95 10.22 14.13
CA ALA D 465 24.94 9.24 13.76
C ALA D 465 24.59 9.32 12.28
N ASN D 466 24.09 8.23 11.74
CA ASN D 466 23.53 8.25 10.38
C ASN D 466 22.19 7.50 10.35
N ILE D 467 21.54 7.51 9.19
CA ILE D 467 20.29 6.81 9.06
C ILE D 467 20.28 5.90 7.83
N THR D 468 19.53 4.81 7.93
CA THR D 468 19.33 3.92 6.82
C THR D 468 17.82 3.79 6.60
N ASP D 469 17.34 4.12 5.41
CA ASP D 469 15.90 4.05 5.12
C ASP D 469 15.46 2.59 4.83
N ARG D 470 14.16 2.42 4.59
CA ARG D 470 13.56 1.08 4.43
C ARG D 470 14.03 0.33 3.20
N PHE D 471 14.59 1.05 2.24
CA PHE D 471 15.13 0.45 1.04
C PHE D 471 16.62 0.10 1.18
N GLY D 472 17.24 0.49 2.29
CA GLY D 472 18.65 0.15 2.54
C GLY D 472 19.63 1.25 2.18
N ALA D 473 19.12 2.45 1.91
CA ALA D 473 19.97 3.62 1.62
C ALA D 473 20.42 4.26 2.93
N THR D 474 21.73 4.41 3.08
CA THR D 474 22.31 4.99 4.28
C THR D 474 22.86 6.38 4.02
N SER D 475 22.65 7.26 4.98
CA SER D 475 23.06 8.65 4.87
C SER D 475 24.51 8.82 5.27
N GLU D 476 24.98 10.04 5.10
CA GLU D 476 26.24 10.47 5.65
C GLU D 476 26.12 10.64 7.16
N LEU D 477 27.24 10.91 7.81
CA LEU D 477 27.22 11.18 9.25
C LEU D 477 26.73 12.58 9.54
N SER D 478 26.03 12.72 10.65
CA SER D 478 25.66 14.02 11.19
C SER D 478 26.88 14.83 11.58
N SER D 479 26.69 16.12 11.81
CA SER D 479 27.66 16.91 12.54
C SER D 479 28.00 16.19 13.84
N ALA D 480 29.24 16.32 14.29
CA ALA D 480 29.66 15.74 15.57
C ALA D 480 29.00 16.49 16.72
N LEU D 481 28.58 15.78 17.75
CA LEU D 481 28.11 16.41 18.98
C LEU D 481 29.17 16.22 20.04
N GLN D 482 29.71 17.32 20.57
CA GLN D 482 30.68 17.24 21.66
C GLN D 482 29.97 17.25 23.00
N THR D 483 30.26 16.25 23.83
CA THR D 483 29.62 16.13 25.14
C THR D 483 30.51 16.81 26.20
N LYS D 484 29.90 17.66 27.03
CA LYS D 484 30.61 18.65 27.85
C LYS D 484 29.75 19.10 29.09
CA CA E . -43.79 -5.14 2.69
CA CA F . -42.11 -4.09 6.08
CA CA G . -20.28 27.25 -19.54
CA CA H . -18.21 23.99 -20.74
CA CA I . 17.39 -29.82 13.72
CA CA J . 20.19 -29.97 16.36
CA CA K . 41.14 -3.88 -14.70
CA CA L . 40.33 -0.63 -12.61
#